data_2GK3
#
_entry.id   2GK3
#
_cell.length_a   182.892
_cell.length_b   79.367
_cell.length_c   115.660
_cell.angle_alpha   90.00
_cell.angle_beta   90.00
_cell.angle_gamma   90.00
#
_symmetry.space_group_name_H-M   'P 21 21 2'
#
loop_
_entity.id
_entity.type
_entity.pdbx_description
1 polymer 'putative cytoplasmic protein'
2 non-polymer GLYCEROL
3 water water
#
_entity_poly.entity_id   1
_entity_poly.type   'polypeptide(L)'
_entity_poly.pdbx_seq_one_letter_code
;SNA(MSE)NNTQKKLKVLFIGESWHIH(MSE)IHSKGYDSFTSSKYEEGATWLLECLRKGGVDIDY(MSE)PAHTVQIAF
PESIDELNRYDVIVISDIGSNTFLLQNETFYQLKIKPNALESIKEYVKNGGGLL(MSE)IGGYLSF(MSE)GIEAKANYK
NTVLAEVLPVI(MSE)LDGDDRVEKPEGICAEAVSPEHPVVNGFSDYPVFLGYNQAVARDDADVVLTINNDPLLVFGEYQ
QGKTACF(MSE)SDCSPHWGTQQF(MSE)SWPFYTDLWVNTLQFIARK
;
_entity_poly.pdbx_strand_id   A,B,C,D,E,F
#
# COMPACT_ATOMS: atom_id res chain seq x y z
N LEU A 11 -32.75 28.11 -4.49
CA LEU A 11 -31.27 28.07 -4.27
C LEU A 11 -30.65 26.81 -4.88
N LYS A 12 -29.71 27.03 -5.80
CA LYS A 12 -29.10 25.95 -6.61
C LYS A 12 -27.58 25.86 -6.37
N VAL A 13 -27.14 24.73 -5.82
CA VAL A 13 -25.80 24.59 -5.23
C VAL A 13 -25.03 23.37 -5.77
N LEU A 14 -23.75 23.60 -6.08
CA LEU A 14 -22.83 22.52 -6.46
C LEU A 14 -21.97 22.24 -5.23
N PHE A 15 -22.21 21.08 -4.61
CA PHE A 15 -21.46 20.65 -3.44
C PHE A 15 -20.42 19.62 -3.83
N ILE A 16 -19.14 19.98 -3.70
CA ILE A 16 -18.04 19.13 -4.12
C ILE A 16 -17.28 18.51 -2.92
N GLY A 17 -17.05 17.20 -2.98
CA GLY A 17 -16.18 16.53 -2.01
C GLY A 17 -16.92 15.71 -0.97
N GLU A 18 -16.43 15.73 0.26
CA GLU A 18 -16.98 14.91 1.36
C GLU A 18 -17.16 13.43 0.99
N SER A 19 -16.20 12.91 0.20
CA SER A 19 -16.16 11.48 -0.18
C SER A 19 -14.73 10.91 -0.17
N TRP A 20 -14.61 9.61 0.09
CA TRP A 20 -13.30 8.95 0.15
C TRP A 20 -13.38 7.45 -0.05
N HIS A 21 -12.28 6.89 -0.53
CA HIS A 21 -12.12 5.45 -0.52
C HIS A 21 -10.94 5.03 0.41
N ILE A 22 -11.20 4.14 1.38
CA ILE A 22 -10.20 3.41 2.20
C ILE A 22 -10.29 1.96 1.69
N HIS A 23 -9.28 1.31 1.12
CA HIS A 23 -7.92 1.01 1.56
C HIS A 23 -7.44 0.69 3.01
N ILE A 25 -5.42 -2.19 5.16
CA ILE A 25 -4.51 -3.35 5.16
C ILE A 25 -4.45 -3.89 6.60
N HIS A 26 -4.93 -5.11 6.80
CA HIS A 26 -4.99 -5.69 8.15
C HIS A 26 -3.89 -6.70 8.35
N SER A 27 -2.86 -6.33 9.11
CA SER A 27 -1.70 -7.20 9.32
C SER A 27 -1.79 -8.01 10.61
N LYS A 28 -1.87 -9.33 10.47
CA LYS A 28 -1.91 -10.25 11.61
C LYS A 28 -0.64 -11.08 11.61
N GLY A 29 0.35 -10.60 12.36
CA GLY A 29 1.70 -11.14 12.32
C GLY A 29 2.34 -10.92 10.96
N TYR A 30 2.78 -12.00 10.35
CA TYR A 30 3.48 -11.99 9.07
C TYR A 30 2.54 -11.62 7.92
N ASP A 31 1.29 -12.01 8.05
CA ASP A 31 0.31 -11.95 6.98
C ASP A 31 -0.55 -10.70 7.05
N SER A 32 -1.14 -10.34 5.93
CA SER A 32 -2.21 -9.34 5.92
C SER A 32 -3.28 -9.69 4.92
N PHE A 33 -4.48 -9.21 5.20
CA PHE A 33 -5.56 -9.26 4.24
C PHE A 33 -6.10 -7.84 4.13
N THR A 34 -6.84 -7.56 3.05
CA THR A 34 -7.34 -6.21 2.85
C THR A 34 -8.84 -6.11 2.78
N SER A 35 -9.29 -4.89 3.04
CA SER A 35 -10.66 -4.53 3.22
C SER A 35 -10.72 -3.18 2.51
N SER A 36 -11.80 -2.92 1.78
CA SER A 36 -11.95 -1.64 1.10
C SER A 36 -13.38 -1.11 1.17
N LYS A 37 -13.54 0.20 1.33
CA LYS A 37 -14.90 0.80 1.36
C LYS A 37 -14.87 2.25 0.87
N TYR A 38 -15.91 2.63 0.16
CA TYR A 38 -16.17 4.01 -0.20
C TYR A 38 -17.14 4.54 0.85
N GLU A 39 -16.96 5.81 1.23
CA GLU A 39 -17.86 6.47 2.19
C GLU A 39 -18.16 7.89 1.78
N GLU A 40 -19.32 8.38 2.21
CA GLU A 40 -19.63 9.79 2.03
C GLU A 40 -19.89 10.41 3.40
N GLY A 41 -19.28 11.57 3.62
CA GLY A 41 -19.23 12.20 4.94
C GLY A 41 -20.36 13.13 5.34
N ALA A 42 -21.12 13.62 4.36
CA ALA A 42 -22.12 14.68 4.64
C ALA A 42 -23.56 14.34 4.24
N THR A 43 -23.90 13.05 4.30
CA THR A 43 -25.19 12.58 3.83
C THR A 43 -26.40 13.24 4.53
N TRP A 44 -26.40 13.26 5.86
CA TRP A 44 -27.52 13.85 6.61
C TRP A 44 -27.53 15.38 6.46
N LEU A 45 -26.36 16.02 6.56
CA LEU A 45 -26.23 17.43 6.21
C LEU A 45 -26.87 17.71 4.85
N LEU A 46 -26.44 16.98 3.81
CA LEU A 46 -26.96 17.18 2.48
C LEU A 46 -28.47 17.00 2.41
N GLU A 47 -28.98 16.04 3.18
CA GLU A 47 -30.40 15.70 3.22
C GLU A 47 -31.17 16.83 3.90
N CYS A 48 -30.57 17.36 4.95
CA CYS A 48 -31.07 18.52 5.67
C CYS A 48 -31.12 19.79 4.82
N LEU A 49 -30.11 20.01 3.98
CA LEU A 49 -30.10 21.12 3.05
C LEU A 49 -31.22 21.00 2.01
N ARG A 50 -31.43 19.79 1.49
CA ARG A 50 -32.48 19.56 0.49
C ARG A 50 -33.88 19.73 1.09
N LYS A 51 -34.08 19.20 2.29
CA LYS A 51 -35.33 19.37 3.03
C LYS A 51 -35.59 20.84 3.40
N GLY A 52 -34.52 21.63 3.45
CA GLY A 52 -34.61 23.06 3.73
C GLY A 52 -34.63 23.94 2.50
N GLY A 53 -34.90 23.35 1.34
CA GLY A 53 -35.15 24.13 0.12
C GLY A 53 -33.98 24.37 -0.81
N VAL A 54 -32.82 23.78 -0.49
CA VAL A 54 -31.62 23.87 -1.32
C VAL A 54 -31.61 22.75 -2.37
N ASP A 55 -31.50 23.13 -3.64
CA ASP A 55 -31.39 22.17 -4.74
C ASP A 55 -29.92 21.85 -4.99
N ILE A 56 -29.51 20.64 -4.62
CA ILE A 56 -28.08 20.25 -4.65
C ILE A 56 -27.71 19.28 -5.77
N ASP A 57 -26.67 19.64 -6.51
CA ASP A 57 -25.94 18.69 -7.36
C ASP A 57 -24.71 18.28 -6.56
N TYR A 58 -24.66 17.01 -6.15
CA TYR A 58 -23.57 16.52 -5.30
C TYR A 58 -22.49 15.83 -6.13
N PRO A 60 -18.96 13.77 -5.65
CA PRO A 60 -17.88 13.12 -4.91
C PRO A 60 -16.56 13.42 -5.59
N ALA A 61 -15.48 13.42 -4.82
CA ALA A 61 -14.18 13.85 -5.31
C ALA A 61 -13.76 13.10 -6.58
N HIS A 62 -14.05 11.81 -6.63
CA HIS A 62 -13.70 11.00 -7.80
C HIS A 62 -14.39 11.43 -9.10
N THR A 63 -15.59 11.99 -8.97
CA THR A 63 -16.36 12.55 -10.08
C THR A 63 -15.68 13.79 -10.66
N VAL A 64 -15.07 14.60 -9.78
CA VAL A 64 -14.29 15.76 -10.18
C VAL A 64 -13.18 15.37 -11.15
N GLN A 65 -12.58 14.20 -10.92
CA GLN A 65 -11.47 13.73 -11.77
C GLN A 65 -11.96 13.28 -13.14
N ILE A 66 -13.19 12.78 -13.20
CA ILE A 66 -13.81 12.25 -14.42
C ILE A 66 -14.59 13.32 -15.20
N ALA A 67 -15.45 14.07 -14.50
CA ALA A 67 -16.51 14.85 -15.13
C ALA A 67 -16.73 16.26 -14.55
N PHE A 68 -15.71 17.10 -14.54
CA PHE A 68 -15.86 18.46 -14.02
C PHE A 68 -16.25 19.44 -15.14
N PRO A 69 -17.23 20.33 -14.88
CA PRO A 69 -17.68 21.25 -15.93
C PRO A 69 -16.53 22.09 -16.51
N GLU A 70 -16.44 22.12 -17.83
CA GLU A 70 -15.37 22.83 -18.52
C GLU A 70 -15.79 24.21 -19.00
N SER A 71 -17.11 24.41 -19.18
CA SER A 71 -17.64 25.72 -19.58
C SER A 71 -18.06 26.56 -18.39
N ILE A 72 -17.75 27.85 -18.50
CA ILE A 72 -18.19 28.85 -17.55
C ILE A 72 -19.73 28.86 -17.40
N ASP A 73 -20.43 28.72 -18.53
CA ASP A 73 -21.90 28.76 -18.60
C ASP A 73 -22.57 27.65 -17.81
N GLU A 74 -21.92 26.49 -17.80
CA GLU A 74 -22.37 25.36 -17.01
C GLU A 74 -22.29 25.68 -15.53
N LEU A 75 -21.16 26.24 -15.10
CA LEU A 75 -20.98 26.64 -13.70
C LEU A 75 -21.92 27.78 -13.26
N ASN A 76 -22.13 28.73 -14.16
CA ASN A 76 -22.97 29.91 -13.86
C ASN A 76 -24.40 29.59 -13.42
N ARG A 77 -24.90 28.42 -13.79
CA ARG A 77 -26.21 27.93 -13.34
C ARG A 77 -26.28 27.70 -11.83
N TYR A 78 -25.13 27.64 -11.16
CA TYR A 78 -25.12 27.50 -9.71
C TYR A 78 -25.03 28.83 -9.01
N ASP A 79 -25.80 28.94 -7.92
CA ASP A 79 -25.84 30.14 -7.11
C ASP A 79 -24.66 30.11 -6.16
N VAL A 80 -24.25 28.89 -5.78
CA VAL A 80 -23.12 28.67 -4.87
C VAL A 80 -22.36 27.41 -5.27
N ILE A 81 -21.05 27.41 -5.06
CA ILE A 81 -20.25 26.19 -5.10
C ILE A 81 -19.64 25.97 -3.74
N VAL A 82 -19.69 24.73 -3.27
CA VAL A 82 -19.12 24.34 -1.97
C VAL A 82 -17.99 23.35 -2.19
N ILE A 83 -16.85 23.63 -1.56
CA ILE A 83 -15.70 22.76 -1.62
C ILE A 83 -15.35 22.28 -0.20
N SER A 84 -15.40 20.96 0.01
CA SER A 84 -15.15 20.38 1.30
C SER A 84 -14.33 19.10 1.18
N ASP A 85 -13.21 19.07 1.89
CA ASP A 85 -12.32 17.90 1.97
C ASP A 85 -11.90 17.31 0.61
N ILE A 86 -11.61 18.21 -0.32
CA ILE A 86 -11.05 17.83 -1.60
C ILE A 86 -9.92 18.82 -1.89
N GLY A 87 -8.75 18.30 -2.21
CA GLY A 87 -7.57 19.14 -2.39
C GLY A 87 -7.44 19.67 -3.80
N SER A 88 -6.60 20.69 -3.96
CA SER A 88 -6.36 21.34 -5.25
C SER A 88 -5.86 20.39 -6.35
N ASN A 89 -5.08 19.38 -5.98
CA ASN A 89 -4.61 18.35 -6.92
C ASN A 89 -5.72 17.65 -7.68
N THR A 90 -6.84 17.39 -7.01
CA THR A 90 -7.97 16.72 -7.63
C THR A 90 -8.55 17.59 -8.75
N PHE A 91 -8.57 18.92 -8.55
CA PHE A 91 -9.05 19.86 -9.56
C PHE A 91 -8.08 20.05 -10.71
N LEU A 92 -6.79 20.12 -10.40
CA LEU A 92 -5.79 20.46 -11.39
C LEU A 92 -5.32 19.26 -12.18
N LEU A 93 -5.56 18.06 -11.65
CA LEU A 93 -5.00 16.81 -12.20
C LEU A 93 -6.10 15.76 -12.42
N GLN A 94 -7.11 16.15 -13.18
CA GLN A 94 -8.16 15.23 -13.61
C GLN A 94 -7.54 14.16 -14.48
N ASN A 95 -8.25 13.05 -14.63
CA ASN A 95 -7.71 11.87 -15.32
C ASN A 95 -7.25 12.13 -16.75
N GLU A 96 -7.97 12.98 -17.48
CA GLU A 96 -7.58 13.33 -18.86
C GLU A 96 -6.22 14.05 -18.89
N THR A 97 -5.94 14.79 -17.83
CA THR A 97 -4.69 15.53 -17.70
C THR A 97 -3.57 14.59 -17.28
N PHE A 98 -3.76 13.96 -16.11
CA PHE A 98 -2.67 13.19 -15.50
C PHE A 98 -2.37 11.87 -16.21
N TYR A 99 -3.40 11.20 -16.72
CA TYR A 99 -3.18 9.91 -17.35
C TYR A 99 -3.33 9.93 -18.84
N GLN A 100 -4.31 10.68 -19.34
CA GLN A 100 -4.66 10.65 -20.78
C GLN A 100 -3.82 11.63 -21.60
N LEU A 101 -3.06 12.48 -20.91
CA LEU A 101 -2.08 13.37 -21.55
C LEU A 101 -2.70 14.37 -22.51
N LYS A 102 -3.97 14.69 -22.24
CA LYS A 102 -4.71 15.67 -23.00
C LYS A 102 -4.59 17.05 -22.36
N ILE A 103 -4.77 18.08 -23.17
CA ILE A 103 -4.90 19.46 -22.69
C ILE A 103 -6.35 19.69 -22.30
N LYS A 104 -6.58 20.29 -21.15
CA LYS A 104 -7.95 20.55 -20.74
C LYS A 104 -8.09 21.80 -19.90
N PRO A 105 -9.29 22.42 -19.91
CA PRO A 105 -9.45 23.65 -19.14
C PRO A 105 -9.09 23.44 -17.67
N ASN A 106 -8.53 24.49 -17.08
CA ASN A 106 -8.19 24.51 -15.67
C ASN A 106 -9.43 24.77 -14.79
N ALA A 107 -9.78 23.77 -13.99
CA ALA A 107 -10.98 23.82 -13.14
C ALA A 107 -10.90 24.92 -12.09
N LEU A 108 -9.71 25.15 -11.54
CA LEU A 108 -9.53 26.22 -10.58
C LEU A 108 -9.68 27.62 -11.21
N GLU A 109 -9.20 27.77 -12.46
CA GLU A 109 -9.44 28.98 -13.24
C GLU A 109 -10.93 29.11 -13.52
N SER A 110 -11.59 28.00 -13.86
CA SER A 110 -13.04 28.01 -14.07
C SER A 110 -13.77 28.49 -12.81
N ILE A 111 -13.36 27.97 -11.65
CA ILE A 111 -14.04 28.34 -10.41
C ILE A 111 -13.78 29.81 -10.10
N LYS A 112 -12.52 30.23 -10.21
CA LYS A 112 -12.15 31.63 -9.97
C LYS A 112 -12.98 32.58 -10.87
N GLU A 113 -13.17 32.16 -12.14
CA GLU A 113 -13.92 32.91 -13.14
C GLU A 113 -15.40 32.92 -12.77
N TYR A 114 -15.90 31.78 -12.29
CA TYR A 114 -17.26 31.66 -11.81
C TYR A 114 -17.59 32.69 -10.72
N VAL A 115 -16.69 32.88 -9.77
CA VAL A 115 -16.87 33.87 -8.69
C VAL A 115 -16.78 35.33 -9.17
N LYS A 116 -15.92 35.58 -10.16
CA LYS A 116 -15.79 36.91 -10.78
C LYS A 116 -17.11 37.32 -11.37
N ASN A 117 -17.76 36.36 -12.02
CA ASN A 117 -19.03 36.55 -12.69
C ASN A 117 -20.24 36.64 -11.76
N GLY A 118 -20.02 36.56 -10.44
CA GLY A 118 -21.12 36.68 -9.48
C GLY A 118 -21.45 35.50 -8.56
N GLY A 119 -21.05 34.28 -8.96
CA GLY A 119 -21.34 33.08 -8.15
C GLY A 119 -20.72 33.09 -6.76
N GLY A 120 -21.38 32.44 -5.80
CA GLY A 120 -20.80 32.27 -4.45
C GLY A 120 -19.89 31.05 -4.28
N LEU A 121 -18.89 31.19 -3.41
CA LEU A 121 -17.99 30.09 -3.11
C LEU A 121 -17.77 29.94 -1.62
N LEU A 122 -18.01 28.74 -1.12
CA LEU A 122 -17.71 28.40 0.28
C LEU A 122 -16.71 27.23 0.34
N ILE A 124 -15.23 24.59 3.21
CA ILE A 124 -15.31 24.03 4.56
C ILE A 124 -13.99 23.33 4.88
N GLY A 125 -13.50 23.54 6.10
CA GLY A 125 -12.20 22.98 6.50
C GLY A 125 -12.20 21.47 6.65
N GLY A 126 -11.00 20.92 6.86
CA GLY A 126 -10.80 19.48 6.93
C GLY A 126 -9.36 19.18 6.52
N TYR A 127 -9.00 17.90 6.50
CA TYR A 127 -7.62 17.47 6.23
C TYR A 127 -7.15 17.77 4.81
N LEU A 128 -8.11 17.86 3.89
CA LEU A 128 -7.81 18.23 2.49
C LEU A 128 -8.47 19.51 2.02
N SER A 129 -8.70 20.42 2.96
CA SER A 129 -9.02 21.80 2.63
C SER A 129 -7.83 22.69 2.97
N PHE A 130 -7.88 23.92 2.44
CA PHE A 130 -6.85 24.94 2.70
C PHE A 130 -5.43 24.40 2.43
N GLY A 132 -4.00 21.90 4.95
CA GLY A 132 -4.45 20.61 5.46
C GLY A 132 -3.29 19.75 5.95
N ILE A 133 -3.54 18.45 6.05
CA ILE A 133 -2.55 17.52 6.61
C ILE A 133 -1.37 17.39 5.66
N GLU A 134 -0.17 17.52 6.23
CA GLU A 134 1.07 17.58 5.45
C GLU A 134 1.00 18.61 4.32
N ALA A 135 0.15 19.62 4.49
CA ALA A 135 -0.07 20.67 3.49
C ALA A 135 -0.52 20.14 2.12
N LYS A 136 -1.11 18.93 2.10
CA LYS A 136 -1.42 18.23 0.86
C LYS A 136 -2.48 18.94 -0.01
N ALA A 137 -3.44 19.60 0.62
CA ALA A 137 -4.52 20.29 -0.11
C ALA A 137 -3.96 21.42 -0.98
N ASN A 138 -2.94 22.10 -0.44
CA ASN A 138 -1.99 22.93 -1.18
C ASN A 138 -2.64 24.17 -1.85
N TYR A 139 -3.76 24.66 -1.31
CA TYR A 139 -4.50 25.73 -1.98
C TYR A 139 -3.73 27.04 -2.08
N LYS A 140 -2.85 27.28 -1.10
CA LYS A 140 -2.08 28.51 -1.08
C LYS A 140 -1.21 28.71 -2.32
N ASN A 141 -0.82 27.59 -2.94
CA ASN A 141 0.08 27.60 -4.09
C ASN A 141 -0.65 27.45 -5.41
N THR A 142 -1.93 27.79 -5.42
CA THR A 142 -2.76 27.68 -6.61
C THR A 142 -3.41 29.01 -6.98
N VAL A 143 -3.94 29.07 -8.19
CA VAL A 143 -4.59 30.27 -8.68
C VAL A 143 -5.92 30.57 -7.95
N LEU A 144 -6.33 29.66 -7.06
CA LEU A 144 -7.51 29.90 -6.25
C LEU A 144 -7.21 30.65 -4.95
N ALA A 145 -5.96 30.70 -4.54
CA ALA A 145 -5.63 31.35 -3.27
C ALA A 145 -6.14 32.82 -3.14
N GLU A 146 -6.03 33.59 -4.22
CA GLU A 146 -6.39 35.02 -4.21
C GLU A 146 -7.88 35.25 -4.06
N VAL A 147 -8.66 34.27 -4.50
CA VAL A 147 -10.12 34.30 -4.36
C VAL A 147 -10.62 34.18 -2.91
N LEU A 148 -9.87 33.47 -2.06
CA LEU A 148 -10.36 33.22 -0.71
C LEU A 148 -10.17 34.41 0.24
N PRO A 149 -11.17 34.65 1.14
CA PRO A 149 -11.12 35.75 2.11
C PRO A 149 -10.14 35.54 3.25
N VAL A 150 -9.38 34.45 3.23
CA VAL A 150 -8.33 34.22 4.23
C VAL A 150 -6.96 34.05 3.56
N ILE A 151 -5.90 34.18 4.37
CA ILE A 151 -4.54 33.94 3.95
C ILE A 151 -4.07 32.72 4.74
N LEU A 153 -1.45 29.39 5.95
CA LEU A 153 -0.07 29.15 6.39
C LEU A 153 0.79 28.56 5.26
N ASP A 154 2.10 28.52 5.47
CA ASP A 154 3.03 27.99 4.47
C ASP A 154 3.13 26.48 4.47
N GLY A 155 2.64 25.85 5.54
CA GLY A 155 2.66 24.39 5.66
C GLY A 155 1.38 23.89 6.30
N ASP A 156 1.47 22.72 6.93
CA ASP A 156 0.34 22.04 7.60
C ASP A 156 -0.36 23.04 8.51
N ASP A 157 -1.64 23.28 8.25
CA ASP A 157 -2.35 24.31 8.99
C ASP A 157 -3.38 23.78 10.01
N ARG A 158 -3.35 22.48 10.32
CA ARG A 158 -4.27 21.93 11.30
C ARG A 158 -3.98 22.47 12.67
N VAL A 159 -5.05 22.73 13.40
CA VAL A 159 -4.94 22.88 14.83
C VAL A 159 -5.80 21.76 15.40
N GLU A 160 -5.15 20.76 15.98
CA GLU A 160 -5.86 19.67 16.63
C GLU A 160 -6.21 20.03 18.09
N LYS A 161 -7.49 19.91 18.39
CA LYS A 161 -7.99 20.14 19.75
C LYS A 161 -8.81 18.95 20.21
N PRO A 162 -8.15 17.84 20.60
CA PRO A 162 -8.98 16.70 20.99
C PRO A 162 -9.79 16.97 22.28
N GLU A 163 -9.38 17.98 23.08
CA GLU A 163 -10.16 18.45 24.25
C GLU A 163 -11.47 19.12 23.87
N GLY A 164 -11.62 19.49 22.60
CA GLY A 164 -12.73 20.36 22.20
C GLY A 164 -12.46 21.83 22.48
N ILE A 165 -12.91 22.70 21.59
CA ILE A 165 -13.05 24.14 21.87
C ILE A 165 -14.32 24.71 21.22
N CYS A 166 -15.09 25.47 21.98
CA CYS A 166 -16.32 26.03 21.44
C CYS A 166 -16.06 27.22 20.57
N ALA A 167 -16.92 27.40 19.58
CA ALA A 167 -16.93 28.57 18.74
C ALA A 167 -17.30 29.81 19.55
N GLU A 168 -17.13 30.98 18.94
CA GLU A 168 -17.45 32.25 19.59
C GLU A 168 -17.87 33.24 18.54
N ALA A 169 -18.99 33.90 18.78
CA ALA A 169 -19.45 34.97 17.90
C ALA A 169 -18.69 36.24 18.18
N VAL A 170 -18.12 36.83 17.14
CA VAL A 170 -17.51 38.15 17.26
C VAL A 170 -18.44 39.20 16.67
N SER A 171 -19.14 38.84 15.61
CA SER A 171 -20.30 39.59 15.13
C SER A 171 -21.60 38.79 15.36
N PRO A 172 -22.14 38.79 16.61
CA PRO A 172 -23.35 37.96 16.83
C PRO A 172 -24.53 38.54 16.06
N GLU A 173 -24.38 39.77 15.58
CA GLU A 173 -25.45 40.48 14.92
C GLU A 173 -25.53 40.24 13.42
N HIS A 174 -24.50 39.61 12.83
CA HIS A 174 -24.46 39.30 11.38
C HIS A 174 -25.69 38.46 10.99
N PRO A 175 -26.33 38.78 9.84
CA PRO A 175 -27.53 38.04 9.39
C PRO A 175 -27.44 36.51 9.45
N VAL A 176 -26.27 35.96 9.17
CA VAL A 176 -26.04 34.51 9.17
C VAL A 176 -26.17 33.86 10.57
N VAL A 177 -25.69 34.54 11.61
CA VAL A 177 -25.63 33.94 12.96
C VAL A 177 -26.51 34.63 14.01
N ASN A 178 -27.27 35.63 13.57
CA ASN A 178 -28.16 36.38 14.46
C ASN A 178 -29.18 35.41 15.07
N GLY A 179 -29.21 35.37 16.40
CA GLY A 179 -30.14 34.51 17.14
C GLY A 179 -29.49 33.24 17.64
N PHE A 180 -28.44 32.78 16.95
CA PHE A 180 -27.75 31.55 17.33
C PHE A 180 -27.27 31.68 18.75
N SER A 181 -27.26 30.57 19.48
CA SER A 181 -26.76 30.53 20.85
C SER A 181 -26.24 29.13 21.16
N ASP A 182 -25.67 28.97 22.36
CA ASP A 182 -25.09 27.69 22.82
C ASP A 182 -24.15 27.06 21.79
N TYR A 183 -23.15 27.84 21.38
CA TYR A 183 -22.19 27.41 20.38
C TYR A 183 -21.47 26.15 20.81
N PRO A 184 -21.45 25.14 19.91
CA PRO A 184 -20.92 23.81 20.20
C PRO A 184 -19.39 23.76 20.10
N VAL A 185 -18.81 22.66 20.55
CA VAL A 185 -17.36 22.45 20.45
C VAL A 185 -16.93 21.88 19.09
N PHE A 186 -15.69 22.14 18.74
CA PHE A 186 -15.02 21.51 17.60
C PHE A 186 -13.75 20.86 18.12
N LEU A 187 -13.29 19.82 17.43
CA LEU A 187 -12.07 19.11 17.82
C LEU A 187 -10.85 19.56 17.00
N GLY A 188 -11.03 20.59 16.18
CA GLY A 188 -9.95 21.20 15.45
C GLY A 188 -10.44 22.03 14.29
N TYR A 189 -9.49 22.61 13.57
CA TYR A 189 -9.74 23.53 12.48
C TYR A 189 -8.45 23.83 11.71
N ASN A 190 -8.57 24.41 10.52
CA ASN A 190 -7.42 24.95 9.79
C ASN A 190 -7.13 26.37 10.26
N GLN A 191 -5.88 26.64 10.64
CA GLN A 191 -5.46 27.98 11.02
C GLN A 191 -5.22 28.84 9.79
N ALA A 192 -5.84 30.01 9.74
CA ALA A 192 -5.58 31.02 8.71
C ALA A 192 -5.71 32.43 9.30
N VAL A 193 -5.61 33.44 8.44
CA VAL A 193 -5.66 34.84 8.82
C VAL A 193 -6.69 35.54 7.90
N ALA A 194 -7.69 36.17 8.48
CA ALA A 194 -8.64 36.92 7.66
C ALA A 194 -7.88 38.05 6.95
N ARG A 195 -8.23 38.29 5.69
CA ARG A 195 -7.72 39.45 4.97
C ARG A 195 -8.34 40.72 5.58
N ASP A 196 -7.67 41.86 5.40
CA ASP A 196 -8.16 43.13 5.93
C ASP A 196 -9.59 43.44 5.47
N ASP A 197 -9.87 43.29 4.18
N ASP A 197 -9.85 43.28 4.17
CA ASP A 197 -11.17 43.61 3.60
CA ASP A 197 -11.15 43.57 3.56
C ASP A 197 -12.31 42.67 4.01
C ASP A 197 -12.25 42.56 3.88
N ALA A 198 -12.01 41.68 4.85
CA ALA A 198 -12.95 40.58 5.18
C ALA A 198 -13.64 40.67 6.53
N ASP A 199 -14.87 40.18 6.57
CA ASP A 199 -15.66 40.16 7.81
C ASP A 199 -15.56 38.83 8.51
N VAL A 200 -14.93 38.83 9.69
CA VAL A 200 -14.90 37.66 10.57
C VAL A 200 -16.18 37.66 11.42
N VAL A 201 -16.92 36.56 11.38
CA VAL A 201 -18.20 36.45 12.08
C VAL A 201 -18.12 35.53 13.30
N LEU A 202 -17.42 34.39 13.15
CA LEU A 202 -17.13 33.52 14.30
C LEU A 202 -15.63 33.29 14.42
N THR A 203 -15.17 33.04 15.65
CA THR A 203 -13.79 32.70 15.90
C THR A 203 -13.67 31.39 16.67
N ILE A 204 -12.46 30.87 16.71
CA ILE A 204 -12.18 29.57 17.30
C ILE A 204 -10.79 29.64 17.88
N ASN A 205 -10.70 29.48 19.20
CA ASN A 205 -9.43 29.61 19.89
C ASN A 205 -8.67 30.89 19.43
N ASN A 206 -9.44 31.98 19.23
CA ASN A 206 -8.97 33.28 18.70
C ASN A 206 -8.54 33.32 17.22
N ASP A 207 -8.80 32.24 16.49
CA ASP A 207 -8.56 32.20 15.07
C ASP A 207 -9.88 32.36 14.32
N PRO A 208 -9.83 32.78 13.04
CA PRO A 208 -11.11 32.87 12.35
C PRO A 208 -11.77 31.50 12.21
N LEU A 209 -13.08 31.45 12.39
CA LEU A 209 -13.83 30.22 12.21
C LEU A 209 -14.74 30.38 11.04
N LEU A 210 -15.43 31.51 10.96
CA LEU A 210 -16.30 31.84 9.83
C LEU A 210 -15.98 33.24 9.30
N VAL A 211 -15.82 33.35 7.98
CA VAL A 211 -15.29 34.57 7.37
C VAL A 211 -15.99 34.76 6.05
N PHE A 212 -16.52 35.97 5.81
CA PHE A 212 -17.09 36.28 4.48
C PHE A 212 -16.27 37.35 3.78
N GLY A 213 -16.22 37.26 2.46
CA GLY A 213 -15.54 38.27 1.67
C GLY A 213 -16.17 38.36 0.31
N GLU A 214 -15.44 38.98 -0.59
CA GLU A 214 -15.91 39.22 -1.95
C GLU A 214 -14.75 39.02 -2.89
N TYR A 215 -15.05 38.63 -4.12
CA TYR A 215 -14.05 38.60 -5.18
C TYR A 215 -14.71 39.09 -6.45
N GLN A 216 -14.52 40.38 -6.74
CA GLN A 216 -15.25 41.08 -7.81
C GLN A 216 -16.77 40.93 -7.54
N GLN A 217 -17.55 40.43 -8.50
CA GLN A 217 -19.01 40.31 -8.31
C GLN A 217 -19.46 39.28 -7.26
N GLY A 218 -18.68 38.20 -7.10
CA GLY A 218 -19.06 37.06 -6.27
C GLY A 218 -18.78 37.20 -4.78
N LYS A 219 -19.66 36.61 -3.98
CA LYS A 219 -19.45 36.49 -2.54
C LYS A 219 -18.67 35.21 -2.18
N THR A 220 -17.88 35.29 -1.12
CA THR A 220 -17.08 34.16 -0.73
C THR A 220 -17.23 33.87 0.77
N ALA A 221 -16.99 32.63 1.17
CA ALA A 221 -17.07 32.24 2.56
C ALA A 221 -16.10 31.11 2.89
N CYS A 222 -15.56 31.17 4.10
CA CYS A 222 -14.74 30.11 4.65
C CYS A 222 -15.24 29.72 6.04
N PHE A 223 -15.58 28.45 6.23
CA PHE A 223 -15.76 27.90 7.57
C PHE A 223 -14.52 27.07 7.87
N SER A 225 -13.49 25.02 10.41
CA SER A 225 -13.57 23.63 10.88
C SER A 225 -14.34 22.76 9.87
N ASP A 226 -14.75 21.58 10.30
CA ASP A 226 -15.36 20.61 9.40
C ASP A 226 -16.86 20.60 9.63
N CYS A 227 -17.62 20.20 8.62
CA CYS A 227 -19.05 20.02 8.78
C CYS A 227 -19.32 18.60 9.30
N SER A 228 -18.28 17.78 9.38
CA SER A 228 -18.41 16.33 9.60
C SER A 228 -17.42 15.88 10.65
N PRO A 229 -17.58 14.66 11.19
CA PRO A 229 -16.55 14.08 12.07
C PRO A 229 -15.16 13.97 11.40
N HIS A 230 -14.08 14.01 12.18
CA HIS A 230 -14.17 14.14 13.64
C HIS A 230 -14.10 15.57 14.18
N TRP A 231 -13.68 16.53 13.34
CA TRP A 231 -13.58 17.92 13.78
C TRP A 231 -14.95 18.49 14.11
N GLY A 232 -15.91 18.28 13.22
CA GLY A 232 -17.32 18.58 13.48
C GLY A 232 -17.87 17.55 14.45
N THR A 233 -18.05 17.96 15.70
CA THR A 233 -18.41 17.02 16.75
C THR A 233 -19.87 16.60 16.67
N GLN A 234 -20.21 15.57 17.43
CA GLN A 234 -21.60 15.15 17.53
C GLN A 234 -22.46 16.30 18.10
N GLN A 235 -21.94 17.03 19.09
CA GLN A 235 -22.59 18.23 19.61
C GLN A 235 -22.89 19.22 18.49
N PHE A 236 -21.91 19.42 17.61
CA PHE A 236 -22.09 20.28 16.44
C PHE A 236 -23.14 19.74 15.46
N SER A 238 -25.72 17.95 16.00
CA SER A 238 -27.06 17.97 16.58
C SER A 238 -27.47 19.35 17.10
N TRP A 239 -26.59 20.33 16.96
CA TRP A 239 -26.83 21.68 17.43
C TRP A 239 -28.02 22.29 16.67
N PRO A 240 -29.03 22.83 17.41
CA PRO A 240 -30.04 23.64 16.73
C PRO A 240 -29.26 24.74 16.04
N PHE A 241 -29.71 25.24 14.90
CA PHE A 241 -28.91 26.24 14.13
C PHE A 241 -27.82 25.64 13.23
N TYR A 242 -27.47 24.36 13.43
CA TYR A 242 -26.50 23.69 12.56
C TYR A 242 -26.93 23.79 11.10
N THR A 243 -28.17 23.41 10.82
CA THR A 243 -28.73 23.54 9.49
C THR A 243 -28.90 25.00 9.09
N ASP A 244 -29.24 25.87 10.06
CA ASP A 244 -29.40 27.28 9.79
C ASP A 244 -28.09 27.92 9.37
N LEU A 245 -27.00 27.59 10.06
CA LEU A 245 -25.66 28.07 9.70
C LEU A 245 -25.45 27.82 8.21
N TRP A 246 -25.57 26.57 7.79
CA TRP A 246 -25.34 26.22 6.39
C TRP A 246 -26.34 26.85 5.42
N VAL A 247 -27.63 26.79 5.75
CA VAL A 247 -28.65 27.41 4.90
C VAL A 247 -28.38 28.92 4.78
N ASN A 248 -28.19 29.58 5.92
CA ASN A 248 -27.94 31.02 5.97
C ASN A 248 -26.73 31.40 5.13
N THR A 249 -25.56 30.84 5.46
CA THR A 249 -24.36 31.16 4.68
C THR A 249 -24.50 30.91 3.16
N LEU A 250 -25.18 29.84 2.78
CA LEU A 250 -25.47 29.62 1.36
C LEU A 250 -26.33 30.72 0.75
N GLN A 251 -27.41 31.09 1.44
CA GLN A 251 -28.30 32.18 1.01
C GLN A 251 -27.50 33.47 0.89
N PHE A 252 -26.74 33.76 1.94
CA PHE A 252 -25.92 34.95 2.00
C PHE A 252 -24.94 35.10 0.81
N ILE A 253 -24.28 34.02 0.41
CA ILE A 253 -23.27 34.15 -0.64
C ILE A 253 -23.81 33.91 -2.05
N ALA A 254 -25.08 33.51 -2.16
CA ALA A 254 -25.67 33.12 -3.44
C ALA A 254 -25.79 34.24 -4.46
N ARG A 255 -25.57 33.91 -5.73
CA ARG A 255 -25.93 34.80 -6.83
C ARG A 255 -27.43 35.11 -6.80
N LYS A 256 -27.78 36.38 -6.86
CA LYS A 256 -29.21 36.80 -6.86
C LYS A 256 -29.75 37.13 -8.25
N LEU B 11 31.25 13.51 -26.72
CA LEU B 11 30.48 13.99 -25.53
C LEU B 11 29.95 12.82 -24.69
N LYS B 12 30.48 12.71 -23.46
CA LYS B 12 30.21 11.58 -22.55
C LYS B 12 29.33 11.98 -21.36
N VAL B 13 28.13 11.41 -21.27
CA VAL B 13 27.11 11.90 -20.32
C VAL B 13 26.47 10.79 -19.48
N LEU B 14 26.37 11.07 -18.18
CA LEU B 14 25.66 10.19 -17.24
C LEU B 14 24.23 10.71 -17.02
N PHE B 15 23.24 9.87 -17.33
CA PHE B 15 21.85 10.26 -17.19
C PHE B 15 21.16 9.54 -16.03
N ILE B 16 20.83 10.28 -14.97
CA ILE B 16 20.28 9.69 -13.75
C ILE B 16 18.78 9.95 -13.51
N GLY B 17 18.03 8.87 -13.33
CA GLY B 17 16.63 8.96 -12.94
C GLY B 17 15.70 8.46 -14.03
N GLU B 18 14.54 9.09 -14.12
CA GLU B 18 13.55 8.83 -15.16
C GLU B 18 13.05 7.38 -15.17
N SER B 19 12.93 6.81 -13.97
CA SER B 19 12.40 5.46 -13.80
C SER B 19 11.60 5.39 -12.52
N TRP B 20 10.58 4.56 -12.53
CA TRP B 20 9.76 4.35 -11.37
C TRP B 20 9.20 2.94 -11.40
N HIS B 21 8.85 2.44 -10.22
N HIS B 21 8.88 2.42 -10.22
CA HIS B 21 8.08 1.24 -10.12
CA HIS B 21 8.10 1.20 -10.04
C HIS B 21 6.75 1.57 -9.45
C HIS B 21 6.75 1.64 -9.48
N ILE B 22 5.65 1.23 -10.13
CA ILE B 22 4.32 1.57 -9.65
C ILE B 22 3.67 0.34 -9.05
N HIS B 23 3.15 0.49 -7.84
CA HIS B 23 2.32 -0.54 -7.24
C HIS B 23 0.90 -0.03 -7.29
N ILE B 25 -3.17 -0.62 -6.61
CA ILE B 25 -4.16 -1.34 -5.83
C ILE B 25 -5.53 -1.08 -6.47
N HIS B 26 -6.08 -2.11 -7.11
CA HIS B 26 -7.36 -1.98 -7.79
C HIS B 26 -8.42 -2.52 -6.86
N SER B 27 -9.15 -1.62 -6.18
CA SER B 27 -10.25 -2.05 -5.30
C SER B 27 -11.59 -2.07 -6.03
N LYS B 28 -12.12 -3.29 -6.17
CA LYS B 28 -13.46 -3.54 -6.70
C LYS B 28 -14.31 -3.92 -5.50
N GLY B 29 -15.00 -2.95 -4.90
CA GLY B 29 -15.78 -3.18 -3.67
C GLY B 29 -14.94 -3.59 -2.45
N TYR B 30 -15.36 -4.68 -1.78
CA TYR B 30 -14.63 -5.22 -0.64
C TYR B 30 -13.20 -5.61 -1.00
N ASP B 31 -13.06 -6.22 -2.17
CA ASP B 31 -11.81 -6.83 -2.64
C ASP B 31 -10.90 -5.89 -3.39
N SER B 32 -9.62 -6.24 -3.39
CA SER B 32 -8.67 -5.57 -4.23
C SER B 32 -7.67 -6.56 -4.82
N PHE B 33 -7.25 -6.31 -6.05
CA PHE B 33 -6.13 -7.02 -6.63
C PHE B 33 -5.06 -6.01 -7.04
N THR B 34 -3.83 -6.49 -7.15
CA THR B 34 -2.71 -5.62 -7.39
C THR B 34 -1.99 -6.00 -8.68
N SER B 35 -1.42 -5.00 -9.33
CA SER B 35 -0.58 -5.21 -10.47
C SER B 35 0.56 -4.23 -10.25
N SER B 36 1.78 -4.65 -10.52
CA SER B 36 2.93 -3.75 -10.38
C SER B 36 3.57 -3.53 -11.73
N LYS B 37 4.17 -2.36 -11.90
CA LYS B 37 4.55 -1.88 -13.23
C LYS B 37 5.81 -1.03 -13.16
N TYR B 38 6.87 -1.48 -13.81
CA TYR B 38 8.06 -0.66 -13.96
C TYR B 38 8.04 0.13 -15.29
N GLU B 39 8.36 1.42 -15.23
CA GLU B 39 8.49 2.24 -16.45
C GLU B 39 9.72 3.10 -16.41
N GLU B 40 10.33 3.28 -17.58
CA GLU B 40 11.33 4.30 -17.78
C GLU B 40 10.70 5.45 -18.56
N GLY B 41 10.99 6.68 -18.17
CA GLY B 41 10.25 7.82 -18.70
C GLY B 41 10.88 8.67 -19.78
N ALA B 42 12.17 8.45 -20.08
CA ALA B 42 12.91 9.26 -21.06
C ALA B 42 13.52 8.40 -22.16
N THR B 43 12.85 7.32 -22.52
CA THR B 43 13.25 6.45 -23.63
C THR B 43 13.44 7.27 -24.93
N TRP B 44 12.53 8.23 -25.13
CA TRP B 44 12.52 9.10 -26.31
C TRP B 44 13.69 10.08 -26.27
N LEU B 45 13.87 10.75 -25.14
CA LEU B 45 14.98 11.69 -24.96
C LEU B 45 16.31 11.02 -25.24
N LEU B 46 16.50 9.81 -24.71
CA LEU B 46 17.78 9.11 -24.78
C LEU B 46 18.12 8.67 -26.20
N GLU B 47 17.11 8.23 -26.95
CA GLU B 47 17.20 7.99 -28.38
C GLU B 47 17.60 9.26 -29.15
N CYS B 48 16.87 10.36 -28.94
CA CYS B 48 17.24 11.66 -29.53
C CYS B 48 18.69 12.04 -29.23
N LEU B 49 19.10 11.89 -27.98
CA LEU B 49 20.44 12.30 -27.56
C LEU B 49 21.53 11.45 -28.20
N ARG B 50 21.32 10.14 -28.28
CA ARG B 50 22.30 9.25 -28.88
C ARG B 50 22.34 9.44 -30.39
N LYS B 51 21.18 9.78 -30.97
CA LYS B 51 21.09 10.14 -32.38
C LYS B 51 21.77 11.48 -32.65
N GLY B 52 21.79 12.35 -31.65
CA GLY B 52 22.55 13.60 -31.74
C GLY B 52 24.03 13.36 -31.45
N GLY B 53 24.42 12.09 -31.41
CA GLY B 53 25.81 11.73 -31.15
C GLY B 53 26.35 11.95 -29.74
N VAL B 54 25.45 12.02 -28.76
CA VAL B 54 25.83 12.04 -27.35
C VAL B 54 26.05 10.61 -26.85
N ASP B 55 27.16 10.39 -26.15
CA ASP B 55 27.43 9.10 -25.52
C ASP B 55 26.80 9.02 -24.09
N ILE B 56 25.71 8.25 -23.99
CA ILE B 56 24.90 8.16 -22.75
C ILE B 56 25.09 6.87 -21.95
N ASP B 57 25.43 7.01 -20.67
CA ASP B 57 25.24 5.92 -19.71
C ASP B 57 23.97 6.22 -18.87
N TYR B 58 22.96 5.38 -19.01
CA TYR B 58 21.69 5.59 -18.30
C TYR B 58 21.67 4.88 -16.92
N PRO B 60 19.16 4.26 -13.92
CA PRO B 60 17.83 4.31 -13.32
C PRO B 60 17.91 4.62 -11.82
N ALA B 61 16.83 5.14 -11.23
CA ALA B 61 16.83 5.50 -9.79
C ALA B 61 17.22 4.32 -8.88
N HIS B 62 16.64 3.15 -9.12
CA HIS B 62 16.96 1.97 -8.31
C HIS B 62 18.43 1.57 -8.37
N THR B 63 19.09 1.88 -9.49
CA THR B 63 20.53 1.61 -9.67
C THR B 63 21.37 2.51 -8.76
N VAL B 64 20.95 3.77 -8.62
CA VAL B 64 21.55 4.70 -7.65
C VAL B 64 21.50 4.11 -6.23
N GLN B 65 20.35 3.53 -5.87
CA GLN B 65 20.14 2.90 -4.56
C GLN B 65 21.11 1.77 -4.26
N ILE B 66 21.47 1.04 -5.30
CA ILE B 66 22.09 -0.26 -5.20
C ILE B 66 23.56 -0.25 -5.62
N ALA B 67 23.97 0.73 -6.42
CA ALA B 67 25.26 0.67 -7.11
C ALA B 67 25.86 2.01 -7.51
N PHE B 68 25.44 3.11 -6.88
CA PHE B 68 25.99 4.43 -7.20
C PHE B 68 27.50 4.43 -6.99
N PRO B 69 28.25 4.99 -7.98
CA PRO B 69 29.72 5.07 -7.90
C PRO B 69 30.19 5.69 -6.60
N GLU B 70 31.04 4.95 -5.90
CA GLU B 70 31.53 5.33 -4.57
C GLU B 70 32.65 6.37 -4.60
N SER B 71 33.39 6.45 -5.69
CA SER B 71 34.48 7.42 -5.72
C SER B 71 34.43 8.31 -6.95
N ILE B 72 34.88 9.54 -6.77
CA ILE B 72 34.73 10.60 -7.75
C ILE B 72 35.47 10.34 -9.06
N ASP B 73 36.48 9.47 -9.01
CA ASP B 73 37.29 9.15 -10.20
C ASP B 73 36.39 8.65 -11.31
N GLU B 74 35.46 7.80 -10.90
CA GLU B 74 34.53 7.12 -11.78
C GLU B 74 33.55 8.09 -12.41
N LEU B 75 33.20 9.16 -11.68
CA LEU B 75 32.27 10.19 -12.15
C LEU B 75 32.91 11.13 -13.18
N ASN B 76 34.22 11.29 -13.08
CA ASN B 76 34.97 12.21 -13.95
C ASN B 76 35.16 11.75 -15.40
N ARG B 77 34.78 10.51 -15.70
CA ARG B 77 34.73 10.08 -17.09
C ARG B 77 33.58 10.76 -17.88
N TYR B 78 32.77 11.54 -17.17
CA TYR B 78 31.61 12.21 -17.76
C TYR B 78 31.83 13.71 -17.89
N ASP B 79 31.33 14.26 -19.01
CA ASP B 79 31.44 15.68 -19.29
C ASP B 79 30.26 16.41 -18.67
N VAL B 80 29.14 15.69 -18.57
CA VAL B 80 27.93 16.20 -17.94
C VAL B 80 27.26 15.08 -17.14
N ILE B 81 26.73 15.45 -15.99
CA ILE B 81 25.78 14.59 -15.28
C ILE B 81 24.37 15.20 -15.38
N VAL B 82 23.39 14.38 -15.76
CA VAL B 82 22.01 14.83 -15.82
C VAL B 82 21.18 14.20 -14.70
N ILE B 83 20.44 15.05 -13.98
CA ILE B 83 19.54 14.55 -12.93
C ILE B 83 18.08 14.86 -13.25
N SER B 84 17.25 13.84 -13.37
CA SER B 84 15.84 14.04 -13.74
C SER B 84 14.88 13.15 -12.99
N ASP B 85 13.89 13.74 -12.32
CA ASP B 85 12.89 12.96 -11.57
C ASP B 85 13.46 11.90 -10.59
N ILE B 86 14.55 12.27 -9.92
CA ILE B 86 15.09 11.45 -8.84
C ILE B 86 15.41 12.39 -7.68
N GLY B 87 14.79 12.15 -6.53
CA GLY B 87 14.93 13.06 -5.37
C GLY B 87 16.23 12.90 -4.63
N SER B 88 16.56 13.89 -3.79
CA SER B 88 17.80 13.86 -3.00
C SER B 88 17.90 12.68 -2.01
N ASN B 89 16.79 12.20 -1.47
CA ASN B 89 16.81 11.01 -0.61
C ASN B 89 17.39 9.75 -1.26
N THR B 90 17.18 9.61 -2.57
CA THR B 90 17.73 8.44 -3.25
C THR B 90 19.25 8.51 -3.22
N PHE B 91 19.81 9.71 -3.39
CA PHE B 91 21.27 9.89 -3.37
C PHE B 91 21.85 9.77 -1.95
N LEU B 92 21.17 10.40 -0.99
CA LEU B 92 21.57 10.44 0.41
C LEU B 92 21.38 9.11 1.14
N LEU B 93 20.33 8.37 0.78
CA LEU B 93 19.94 7.16 1.52
C LEU B 93 19.99 5.88 0.67
N GLN B 94 21.18 5.60 0.15
CA GLN B 94 21.42 4.33 -0.56
C GLN B 94 21.18 3.13 0.37
N ASN B 95 20.99 1.94 -0.22
CA ASN B 95 20.67 0.72 0.55
C ASN B 95 21.62 0.38 1.72
N GLU B 96 22.93 0.53 1.49
CA GLU B 96 23.93 0.21 2.51
C GLU B 96 23.82 1.17 3.69
N THR B 97 23.50 2.42 3.38
CA THR B 97 23.28 3.43 4.40
C THR B 97 22.02 3.14 5.19
N PHE B 98 20.93 2.91 4.49
CA PHE B 98 19.64 2.91 5.14
C PHE B 98 19.29 1.55 5.76
N TYR B 99 19.78 0.45 5.18
CA TYR B 99 19.47 -0.89 5.74
C TYR B 99 20.64 -1.64 6.37
N GLN B 100 21.83 -1.49 5.79
CA GLN B 100 23.00 -2.30 6.17
C GLN B 100 23.93 -1.71 7.25
N LEU B 101 23.58 -0.53 7.76
CA LEU B 101 24.33 0.16 8.81
C LEU B 101 25.75 0.57 8.38
N LYS B 102 26.03 0.63 7.08
CA LYS B 102 27.36 1.00 6.59
C LYS B 102 27.53 2.51 6.57
N ILE B 103 28.78 2.95 6.70
CA ILE B 103 29.14 4.35 6.48
C ILE B 103 29.64 4.45 5.05
N LYS B 104 29.11 5.39 4.29
CA LYS B 104 29.63 5.55 2.93
C LYS B 104 29.65 6.97 2.36
N PRO B 105 30.31 7.17 1.19
CA PRO B 105 30.51 8.52 0.68
C PRO B 105 29.18 9.15 0.29
N ASN B 106 29.09 10.45 0.51
CA ASN B 106 27.91 11.21 0.21
C ASN B 106 27.86 11.49 -1.31
N ALA B 107 26.92 10.83 -1.98
CA ALA B 107 26.73 10.96 -3.45
C ALA B 107 26.49 12.40 -3.85
N LEU B 108 25.73 13.14 -3.03
CA LEU B 108 25.51 14.54 -3.33
C LEU B 108 26.79 15.34 -3.21
N GLU B 109 27.65 14.98 -2.24
CA GLU B 109 28.96 15.62 -2.10
C GLU B 109 29.84 15.25 -3.29
N SER B 110 29.84 13.97 -3.66
CA SER B 110 30.57 13.52 -4.84
C SER B 110 30.24 14.36 -6.09
N ILE B 111 28.95 14.50 -6.39
CA ILE B 111 28.46 15.26 -7.54
C ILE B 111 28.93 16.70 -7.48
N LYS B 112 28.81 17.30 -6.29
CA LYS B 112 29.18 18.69 -6.07
C LYS B 112 30.68 18.90 -6.33
N GLU B 113 31.47 17.91 -5.93
CA GLU B 113 32.92 17.93 -6.10
C GLU B 113 33.22 17.82 -7.60
N TYR B 114 32.48 16.95 -8.27
CA TYR B 114 32.56 16.72 -9.70
C TYR B 114 32.34 18.00 -10.52
N VAL B 115 31.31 18.77 -10.16
CA VAL B 115 31.04 20.06 -10.80
C VAL B 115 32.14 21.07 -10.43
N LYS B 116 32.56 21.05 -9.17
CA LYS B 116 33.61 21.93 -8.65
C LYS B 116 34.88 21.88 -9.54
N ASN B 117 35.25 20.67 -9.95
CA ASN B 117 36.44 20.43 -10.75
C ASN B 117 36.17 20.20 -12.24
N GLY B 118 35.17 20.89 -12.79
CA GLY B 118 34.99 20.93 -14.23
C GLY B 118 33.73 20.32 -14.80
N GLY B 119 33.25 19.23 -14.19
CA GLY B 119 32.03 18.56 -14.64
C GLY B 119 30.80 19.46 -14.82
N GLY B 120 29.96 19.13 -15.78
CA GLY B 120 28.71 19.84 -15.98
C GLY B 120 27.56 19.13 -15.28
N LEU B 121 26.56 19.91 -14.85
CA LEU B 121 25.37 19.34 -14.23
C LEU B 121 24.10 19.98 -14.79
N LEU B 122 23.23 19.16 -15.36
CA LEU B 122 21.87 19.57 -15.67
C LEU B 122 20.82 18.89 -14.74
N ILE B 124 16.62 18.48 -14.56
CA ILE B 124 15.35 18.63 -15.30
C ILE B 124 14.18 18.49 -14.32
N GLY B 125 13.16 19.35 -14.47
CA GLY B 125 12.05 19.43 -13.53
C GLY B 125 11.10 18.24 -13.59
N GLY B 126 10.25 18.15 -12.57
CA GLY B 126 9.38 16.99 -12.38
C GLY B 126 8.89 16.93 -10.95
N TYR B 127 8.13 15.89 -10.62
CA TYR B 127 7.60 15.73 -9.27
C TYR B 127 8.70 15.35 -8.28
N LEU B 128 9.75 14.71 -8.78
CA LEU B 128 10.94 14.40 -7.96
C LEU B 128 12.24 15.15 -8.27
N SER B 129 12.06 16.39 -8.70
CA SER B 129 13.16 17.31 -8.92
C SER B 129 12.92 18.53 -8.11
N PHE B 130 13.96 19.35 -7.98
CA PHE B 130 13.93 20.60 -7.21
C PHE B 130 13.25 20.35 -5.83
N GLY B 132 9.54 19.78 -5.74
CA GLY B 132 8.68 18.73 -6.28
C GLY B 132 7.38 18.58 -5.52
N ILE B 133 6.64 17.49 -5.77
CA ILE B 133 5.36 17.22 -5.08
C ILE B 133 5.54 16.97 -3.58
N GLU B 134 4.79 17.72 -2.78
CA GLU B 134 4.91 17.71 -1.33
C GLU B 134 6.34 17.98 -0.91
N ALA B 135 7.10 18.65 -1.79
CA ALA B 135 8.49 19.03 -1.52
C ALA B 135 9.37 17.81 -1.28
N LYS B 136 8.97 16.64 -1.77
CA LYS B 136 9.63 15.37 -1.43
C LYS B 136 11.06 15.28 -1.97
N ALA B 137 11.30 15.98 -3.08
CA ALA B 137 12.60 15.92 -3.74
C ALA B 137 13.66 16.60 -2.87
N ASN B 138 13.23 17.67 -2.18
CA ASN B 138 13.90 18.24 -1.00
C ASN B 138 15.30 18.81 -1.27
N TYR B 139 15.63 19.06 -2.54
CA TYR B 139 16.99 19.50 -2.87
C TYR B 139 17.40 20.80 -2.17
N LYS B 140 16.45 21.70 -1.91
CA LYS B 140 16.82 22.93 -1.21
C LYS B 140 17.51 22.68 0.16
N ASN B 141 17.15 21.58 0.82
CA ASN B 141 17.73 21.31 2.12
C ASN B 141 18.92 20.38 2.05
N THR B 142 19.65 20.44 0.94
CA THR B 142 20.82 19.60 0.73
C THR B 142 22.08 20.36 0.34
N VAL B 143 23.23 19.68 0.46
CA VAL B 143 24.52 20.21 0.02
C VAL B 143 24.60 20.53 -1.49
N LEU B 144 23.61 20.07 -2.27
CA LEU B 144 23.60 20.34 -3.72
C LEU B 144 22.93 21.66 -4.08
N ALA B 145 22.17 22.24 -3.15
CA ALA B 145 21.36 23.41 -3.47
C ALA B 145 22.24 24.58 -3.94
N GLU B 146 23.42 24.72 -3.32
CA GLU B 146 24.30 25.84 -3.60
C GLU B 146 24.99 25.73 -4.98
N VAL B 147 25.01 24.52 -5.54
CA VAL B 147 25.53 24.30 -6.90
C VAL B 147 24.59 24.84 -7.99
N LEU B 148 23.30 25.00 -7.67
CA LEU B 148 22.31 25.22 -8.71
C LEU B 148 22.09 26.69 -8.97
N PRO B 149 21.96 27.06 -10.26
CA PRO B 149 21.81 28.46 -10.66
C PRO B 149 20.40 29.01 -10.39
N VAL B 150 19.61 28.32 -9.57
CA VAL B 150 18.31 28.82 -9.13
C VAL B 150 18.17 28.72 -7.61
N ILE B 151 17.29 29.54 -7.04
CA ILE B 151 16.89 29.39 -5.65
C ILE B 151 15.47 28.81 -5.58
N LEU B 153 11.86 27.25 -3.82
CA LEU B 153 10.87 27.66 -2.83
C LEU B 153 10.99 26.74 -1.61
N ASP B 154 10.38 27.13 -0.50
CA ASP B 154 10.47 26.36 0.74
C ASP B 154 9.55 25.14 0.86
N GLY B 155 8.57 24.99 -0.03
CA GLY B 155 7.75 23.78 -0.05
C GLY B 155 7.42 23.32 -1.46
N ASP B 156 6.27 22.66 -1.62
CA ASP B 156 5.82 22.21 -2.92
C ASP B 156 6.00 23.35 -3.94
N ASP B 157 6.68 23.05 -5.04
CA ASP B 157 7.09 24.07 -5.98
C ASP B 157 6.46 23.90 -7.38
N ARG B 158 5.53 22.94 -7.49
CA ARG B 158 4.83 22.72 -8.74
C ARG B 158 3.93 23.90 -9.09
N VAL B 159 3.98 24.28 -10.36
CA VAL B 159 2.94 25.09 -10.95
C VAL B 159 2.24 24.19 -11.98
N GLU B 160 0.97 23.91 -11.75
CA GLU B 160 0.23 23.00 -12.61
C GLU B 160 -0.53 23.78 -13.68
N LYS B 161 -0.28 23.47 -14.93
CA LYS B 161 -0.98 24.17 -16.00
C LYS B 161 -1.65 23.22 -16.99
N PRO B 162 -2.76 22.56 -16.56
CA PRO B 162 -3.42 21.64 -17.46
C PRO B 162 -3.96 22.30 -18.74
N GLU B 163 -4.18 23.61 -18.72
CA GLU B 163 -4.62 24.39 -19.89
C GLU B 163 -3.51 24.50 -20.91
N GLY B 164 -2.26 24.38 -20.45
CA GLY B 164 -1.08 24.61 -21.30
C GLY B 164 -0.57 26.04 -21.25
N ILE B 165 0.75 26.17 -21.20
CA ILE B 165 1.43 27.46 -21.40
C ILE B 165 2.61 27.17 -22.30
N CYS B 166 2.90 28.12 -23.18
CA CYS B 166 4.03 28.00 -24.05
C CYS B 166 5.28 28.52 -23.38
N ALA B 167 6.42 28.01 -23.82
CA ALA B 167 7.73 28.54 -23.48
C ALA B 167 7.95 29.85 -24.23
N GLU B 168 8.74 30.75 -23.66
CA GLU B 168 9.11 31.99 -24.34
C GLU B 168 10.60 32.24 -24.22
N ALA B 169 11.23 32.61 -25.33
CA ALA B 169 12.65 32.95 -25.31
C ALA B 169 12.86 34.41 -24.91
N VAL B 170 13.61 34.65 -23.83
CA VAL B 170 13.97 36.02 -23.43
C VAL B 170 15.39 36.43 -23.86
N SER B 171 16.18 35.43 -24.24
CA SER B 171 17.49 35.65 -24.86
C SER B 171 17.63 34.75 -26.08
N PRO B 172 16.93 35.11 -27.17
CA PRO B 172 16.99 34.26 -28.36
C PRO B 172 18.39 34.21 -28.96
N GLU B 173 19.24 35.17 -28.60
CA GLU B 173 20.60 35.23 -29.13
C GLU B 173 21.57 34.24 -28.48
N HIS B 174 21.12 33.58 -27.41
CA HIS B 174 21.93 32.59 -26.70
C HIS B 174 22.20 31.37 -27.59
N PRO B 175 23.47 30.90 -27.63
CA PRO B 175 23.93 29.80 -28.49
C PRO B 175 23.13 28.51 -28.37
N VAL B 176 22.50 28.30 -27.22
CA VAL B 176 21.72 27.11 -26.94
C VAL B 176 20.44 27.08 -27.79
N VAL B 177 19.76 28.22 -27.87
CA VAL B 177 18.47 28.30 -28.55
C VAL B 177 18.47 29.05 -29.91
N ASN B 178 19.66 29.36 -30.42
CA ASN B 178 19.76 30.10 -31.70
C ASN B 178 19.06 29.38 -32.84
N GLY B 179 18.11 30.11 -33.44
CA GLY B 179 17.35 29.60 -34.58
C GLY B 179 16.28 28.61 -34.18
N PHE B 180 15.89 28.65 -32.91
CA PHE B 180 14.68 27.95 -32.45
C PHE B 180 13.54 28.92 -32.66
N SER B 181 12.36 28.39 -32.98
CA SER B 181 11.11 29.16 -33.00
C SER B 181 9.91 28.25 -32.73
N ASP B 182 8.73 28.87 -32.60
CA ASP B 182 7.46 28.16 -32.47
C ASP B 182 7.48 27.22 -31.25
N TYR B 183 7.76 27.81 -30.07
CA TYR B 183 7.93 27.03 -28.85
C TYR B 183 6.68 26.24 -28.48
N PRO B 184 6.86 25.00 -27.96
CA PRO B 184 5.70 24.15 -27.65
C PRO B 184 4.99 24.53 -26.34
N VAL B 185 3.83 23.91 -26.09
CA VAL B 185 3.13 23.99 -24.79
C VAL B 185 3.63 22.97 -23.77
N PHE B 186 3.56 23.39 -22.50
CA PHE B 186 3.90 22.58 -21.34
C PHE B 186 2.69 22.55 -20.40
N LEU B 187 2.61 21.52 -19.57
CA LEU B 187 1.45 21.33 -18.69
C LEU B 187 1.76 21.60 -17.21
N GLY B 188 2.99 22.08 -16.96
CA GLY B 188 3.41 22.46 -15.62
C GLY B 188 4.92 22.64 -15.58
N TYR B 189 5.41 23.04 -14.42
CA TYR B 189 6.84 23.27 -14.22
C TYR B 189 7.11 23.51 -12.74
N ASN B 190 8.37 23.37 -12.32
CA ASN B 190 8.80 23.75 -10.99
C ASN B 190 9.12 25.26 -10.98
N GLN B 191 8.61 25.95 -9.97
CA GLN B 191 8.89 27.36 -9.83
C GLN B 191 10.10 27.61 -8.92
N ALA B 192 11.06 28.35 -9.45
CA ALA B 192 12.21 28.81 -8.68
C ALA B 192 12.60 30.26 -9.10
N VAL B 193 13.65 30.82 -8.49
CA VAL B 193 14.02 32.22 -8.76
C VAL B 193 15.50 32.38 -9.12
N ALA B 194 15.81 33.52 -9.74
CA ALA B 194 17.18 34.10 -9.87
C ALA B 194 18.00 33.06 -10.59
N ARG B 195 19.23 32.71 -10.17
CA ARG B 195 20.13 33.46 -9.27
C ARG B 195 20.67 34.69 -10.00
N ASP B 196 21.10 35.69 -9.24
CA ASP B 196 21.54 37.00 -9.75
C ASP B 196 22.54 36.95 -10.90
N ASP B 197 23.57 36.11 -10.75
CA ASP B 197 24.63 35.98 -11.75
C ASP B 197 24.39 34.83 -12.71
N ALA B 198 23.13 34.38 -12.79
CA ALA B 198 22.72 33.30 -13.69
C ALA B 198 22.00 33.85 -14.94
N ASP B 199 22.01 33.07 -16.02
CA ASP B 199 21.35 33.49 -17.27
C ASP B 199 20.07 32.75 -17.64
N VAL B 200 18.96 33.48 -17.59
CA VAL B 200 17.66 32.95 -18.00
C VAL B 200 17.52 33.05 -19.52
N VAL B 201 17.35 31.91 -20.18
CA VAL B 201 17.27 31.84 -21.62
C VAL B 201 15.82 31.66 -22.07
N LEU B 202 15.10 30.73 -21.41
CA LEU B 202 13.67 30.59 -21.64
C LEU B 202 12.92 30.85 -20.35
N THR B 203 11.77 31.49 -20.46
CA THR B 203 10.84 31.60 -19.34
C THR B 203 9.56 30.85 -19.63
N ILE B 204 8.72 30.79 -18.60
CA ILE B 204 7.46 30.06 -18.66
C ILE B 204 6.52 30.72 -17.66
N ASN B 205 5.40 31.24 -18.16
CA ASN B 205 4.45 31.96 -17.30
C ASN B 205 5.18 32.99 -16.43
N ASN B 206 6.14 33.69 -17.04
CA ASN B 206 6.97 34.69 -16.35
C ASN B 206 7.87 34.18 -15.20
N ASP B 207 8.09 32.87 -15.16
CA ASP B 207 9.06 32.24 -14.27
C ASP B 207 10.16 31.67 -15.14
N PRO B 208 11.37 31.47 -14.57
CA PRO B 208 12.45 30.87 -15.36
C PRO B 208 12.10 29.46 -15.88
N LEU B 209 12.51 29.15 -17.11
CA LEU B 209 12.36 27.80 -17.67
C LEU B 209 13.71 27.11 -17.94
N LEU B 210 14.60 27.79 -18.63
CA LEU B 210 15.92 27.22 -18.91
C LEU B 210 16.90 28.22 -18.38
N VAL B 211 17.78 27.77 -17.48
CA VAL B 211 18.71 28.64 -16.77
C VAL B 211 20.11 28.06 -16.85
N PHE B 212 21.10 28.93 -17.08
CA PHE B 212 22.50 28.53 -17.07
C PHE B 212 23.24 29.32 -16.01
N GLY B 213 24.21 28.66 -15.38
CA GLY B 213 25.10 29.32 -14.43
C GLY B 213 26.39 28.54 -14.37
N GLU B 214 27.19 28.82 -13.35
CA GLU B 214 28.41 28.04 -13.13
C GLU B 214 28.69 27.83 -11.66
N TYR B 215 29.49 26.80 -11.39
CA TYR B 215 29.92 26.52 -10.03
C TYR B 215 31.39 26.13 -10.01
N GLN B 216 32.21 27.09 -9.56
CA GLN B 216 33.66 27.01 -9.66
C GLN B 216 34.08 26.69 -11.11
N GLN B 217 34.73 25.55 -11.36
CA GLN B 217 35.16 25.21 -12.73
C GLN B 217 34.04 24.72 -13.64
N GLY B 218 33.05 24.04 -13.05
CA GLY B 218 31.94 23.45 -13.79
C GLY B 218 30.86 24.43 -14.19
N LYS B 219 30.07 24.05 -15.19
CA LYS B 219 28.92 24.81 -15.66
C LYS B 219 27.63 24.05 -15.29
N THR B 220 26.59 24.81 -14.98
CA THR B 220 25.33 24.25 -14.55
C THR B 220 24.15 24.70 -15.44
N ALA B 221 23.11 23.86 -15.48
CA ALA B 221 21.88 24.18 -16.18
C ALA B 221 20.64 23.66 -15.42
N CYS B 222 19.55 24.41 -15.49
CA CYS B 222 18.28 23.95 -14.96
C CYS B 222 17.19 24.18 -16.00
N PHE B 223 16.53 23.09 -16.38
CA PHE B 223 15.28 23.17 -17.13
C PHE B 223 14.14 22.84 -16.16
N SER B 225 10.87 22.49 -16.35
CA SER B 225 9.77 21.63 -16.67
C SER B 225 10.33 20.26 -17.01
N ASP B 226 9.48 19.39 -17.52
CA ASP B 226 9.81 18.00 -17.71
C ASP B 226 10.25 17.75 -19.14
N CYS B 227 11.11 16.74 -19.32
CA CYS B 227 11.46 16.28 -20.65
C CYS B 227 10.41 15.27 -21.12
N SER B 228 9.54 14.86 -20.20
CA SER B 228 8.53 13.84 -20.44
C SER B 228 7.13 14.25 -20.01
N PRO B 229 6.12 13.44 -20.39
CA PRO B 229 4.77 13.60 -19.87
C PRO B 229 4.65 13.43 -18.32
N HIS B 230 3.73 14.15 -17.69
CA HIS B 230 2.69 14.89 -18.44
C HIS B 230 3.01 16.38 -18.62
N TRP B 231 4.02 16.89 -17.94
CA TRP B 231 4.37 18.30 -18.10
C TRP B 231 4.94 18.57 -19.50
N GLY B 232 5.79 17.67 -19.96
CA GLY B 232 6.35 17.77 -21.31
C GLY B 232 5.36 17.12 -22.24
N THR B 233 4.63 17.95 -22.98
CA THR B 233 3.60 17.46 -23.89
C THR B 233 4.20 16.78 -25.12
N GLN B 234 3.35 16.04 -25.83
CA GLN B 234 3.73 15.31 -27.04
C GLN B 234 4.12 16.28 -28.16
N GLN B 235 3.53 17.48 -28.13
N GLN B 235 3.60 17.50 -28.12
CA GLN B 235 3.97 18.61 -28.96
CA GLN B 235 4.02 18.56 -29.05
C GLN B 235 5.46 18.87 -28.73
C GLN B 235 5.41 19.17 -28.70
N PHE B 236 5.84 19.01 -27.46
CA PHE B 236 7.23 19.30 -27.07
C PHE B 236 8.12 18.15 -27.56
N SER B 238 7.66 16.24 -30.06
CA SER B 238 7.71 16.21 -31.53
C SER B 238 8.18 17.54 -32.17
N TRP B 239 8.39 18.55 -31.33
CA TRP B 239 8.97 19.84 -31.75
C TRP B 239 10.28 19.53 -32.47
N PRO B 240 10.54 20.21 -33.61
CA PRO B 240 11.78 19.99 -34.41
C PRO B 240 13.07 20.32 -33.68
N PHE B 241 12.99 21.26 -32.73
CA PHE B 241 14.15 21.65 -31.92
C PHE B 241 14.24 20.96 -30.55
N TYR B 242 13.44 19.90 -30.33
CA TYR B 242 13.51 19.11 -29.10
C TYR B 242 14.91 18.53 -28.92
N THR B 243 15.39 17.80 -29.91
CA THR B 243 16.72 17.20 -29.86
C THR B 243 17.83 18.28 -29.76
N ASP B 244 17.61 19.41 -30.43
CA ASP B 244 18.59 20.49 -30.45
C ASP B 244 18.71 21.18 -29.09
N LEU B 245 17.56 21.47 -28.47
CA LEU B 245 17.53 21.99 -27.10
C LEU B 245 18.45 21.19 -26.17
N TRP B 246 18.19 19.88 -26.05
CA TRP B 246 18.92 19.07 -25.09
C TRP B 246 20.40 18.86 -25.46
N VAL B 247 20.68 18.66 -26.75
CA VAL B 247 22.06 18.47 -27.20
C VAL B 247 22.85 19.76 -26.98
N ASN B 248 22.24 20.91 -27.30
CA ASN B 248 22.91 22.21 -27.15
C ASN B 248 23.13 22.61 -25.69
N THR B 249 22.14 22.34 -24.83
CA THR B 249 22.32 22.61 -23.40
C THR B 249 23.47 21.73 -22.86
N LEU B 250 23.44 20.44 -23.19
CA LEU B 250 24.50 19.50 -22.77
C LEU B 250 25.89 19.91 -23.27
N GLN B 251 25.97 20.27 -24.57
CA GLN B 251 27.23 20.75 -25.15
C GLN B 251 27.70 22.04 -24.49
N PHE B 252 26.77 22.93 -24.17
CA PHE B 252 27.11 24.21 -23.54
C PHE B 252 27.68 24.02 -22.15
N ILE B 253 27.19 23.03 -21.40
CA ILE B 253 27.72 22.85 -20.03
C ILE B 253 28.78 21.76 -19.93
N ALA B 254 29.05 21.05 -21.03
CA ALA B 254 30.08 20.01 -21.02
C ALA B 254 31.45 20.51 -20.54
N ARG B 255 32.18 19.64 -19.84
CA ARG B 255 33.54 19.90 -19.35
C ARG B 255 34.45 20.44 -20.47
N LYS B 256 35.06 21.61 -20.24
CA LYS B 256 35.92 22.22 -21.27
C LYS B 256 37.34 21.63 -21.21
N LEU C 11 15.21 6.66 40.16
CA LEU C 11 14.80 7.54 39.02
C LEU C 11 13.69 6.90 38.16
N LYS C 12 12.55 7.60 38.08
CA LYS C 12 11.32 7.10 37.46
C LYS C 12 11.08 7.77 36.09
N VAL C 13 11.23 7.00 35.00
CA VAL C 13 11.13 7.57 33.63
C VAL C 13 10.10 6.91 32.71
N LEU C 14 9.19 7.70 32.16
CA LEU C 14 8.29 7.25 31.10
C LEU C 14 8.97 7.43 29.72
N PHE C 15 9.23 6.32 29.03
CA PHE C 15 9.85 6.36 27.71
C PHE C 15 8.81 6.05 26.64
N ILE C 16 8.60 6.99 25.72
CA ILE C 16 7.55 6.86 24.72
C ILE C 16 8.11 6.85 23.28
N GLY C 17 7.58 5.93 22.46
CA GLY C 17 7.94 5.82 21.05
C GLY C 17 8.83 4.64 20.74
N GLU C 18 9.75 4.85 19.81
CA GLU C 18 10.70 3.85 19.30
C GLU C 18 10.08 2.52 18.88
N SER C 19 8.88 2.59 18.33
CA SER C 19 8.21 1.40 17.85
C SER C 19 7.54 1.67 16.51
N TRP C 20 7.42 0.63 15.70
CA TRP C 20 6.83 0.75 14.39
C TRP C 20 6.33 -0.61 13.92
N HIS C 21 5.28 -0.61 13.10
N HIS C 21 5.29 -0.59 13.09
CA HIS C 21 4.88 -1.79 12.36
CA HIS C 21 4.81 -1.77 12.37
C HIS C 21 5.20 -1.54 10.90
C HIS C 21 5.15 -1.57 10.89
N ILE C 22 6.07 -2.38 10.35
CA ILE C 22 6.38 -2.36 8.91
C ILE C 22 5.44 -3.29 8.14
N HIS C 23 4.84 -2.75 7.09
CA HIS C 23 4.16 -3.57 6.10
C HIS C 23 4.93 -3.47 4.79
N ILE C 25 5.62 -4.55 0.84
CA ILE C 25 5.04 -5.03 -0.41
C ILE C 25 6.18 -5.40 -1.34
N HIS C 26 6.36 -6.70 -1.57
CA HIS C 26 7.44 -7.20 -2.41
C HIS C 26 6.91 -7.43 -3.83
N SER C 27 7.30 -6.58 -4.78
CA SER C 27 6.83 -6.73 -6.15
C SER C 27 7.86 -7.42 -6.98
N LYS C 28 7.49 -8.57 -7.54
CA LYS C 28 8.35 -9.26 -8.52
C LYS C 28 7.60 -9.29 -9.84
N GLY C 29 7.96 -8.37 -10.73
CA GLY C 29 7.26 -8.20 -12.00
C GLY C 29 5.84 -7.75 -11.74
N TYR C 30 4.89 -8.38 -12.41
CA TYR C 30 3.48 -8.08 -12.25
C TYR C 30 2.97 -8.35 -10.81
N ASP C 31 3.53 -9.37 -10.16
CA ASP C 31 3.00 -9.86 -8.89
C ASP C 31 3.70 -9.26 -7.69
N SER C 32 3.02 -9.34 -6.55
CA SER C 32 3.57 -9.01 -5.26
C SER C 32 3.01 -9.89 -4.13
N PHE C 33 3.85 -10.14 -3.13
CA PHE C 33 3.39 -10.72 -1.88
C PHE C 33 3.80 -9.76 -0.77
N THR C 34 3.23 -9.94 0.41
CA THR C 34 3.48 -9.00 1.52
C THR C 34 4.03 -9.70 2.74
N SER C 35 4.89 -8.99 3.48
CA SER C 35 5.35 -9.45 4.78
C SER C 35 5.29 -8.27 5.75
N SER C 36 4.82 -8.53 6.95
CA SER C 36 4.65 -7.48 7.94
C SER C 36 5.41 -7.83 9.19
N LYS C 37 5.87 -6.81 9.91
CA LYS C 37 6.51 -7.01 11.23
C LYS C 37 6.48 -5.77 12.13
N TYR C 38 6.25 -6.02 13.42
CA TYR C 38 6.39 -5.02 14.45
C TYR C 38 7.84 -5.04 14.90
N GLU C 39 8.42 -3.88 15.18
CA GLU C 39 9.77 -3.82 15.77
C GLU C 39 9.85 -2.72 16.84
N GLU C 40 10.85 -2.85 17.70
CA GLU C 40 11.19 -1.80 18.65
C GLU C 40 12.63 -1.34 18.48
N GLY C 41 12.86 -0.04 18.47
CA GLY C 41 14.17 0.50 18.10
C GLY C 41 15.16 0.88 19.20
N ALA C 42 14.72 0.90 20.45
CA ALA C 42 15.59 1.35 21.54
C ALA C 42 15.76 0.27 22.62
N THR C 43 15.64 -0.99 22.22
CA THR C 43 15.74 -2.11 23.17
C THR C 43 17.09 -2.09 23.89
N TRP C 44 18.15 -1.83 23.14
CA TRP C 44 19.49 -1.61 23.68
C TRP C 44 19.54 -0.45 24.72
N LEU C 45 19.18 0.77 24.30
CA LEU C 45 19.13 1.91 25.20
C LEU C 45 18.35 1.62 26.51
N LEU C 46 17.16 1.07 26.35
CA LEU C 46 16.30 0.70 27.49
C LEU C 46 16.99 -0.26 28.45
N GLU C 47 17.72 -1.24 27.89
CA GLU C 47 18.48 -2.16 28.70
C GLU C 47 19.66 -1.46 29.39
N CYS C 48 20.37 -0.61 28.66
CA CYS C 48 21.46 0.19 29.21
C CYS C 48 20.97 1.01 30.39
N LEU C 49 19.84 1.67 30.18
CA LEU C 49 19.24 2.54 31.18
C LEU C 49 18.76 1.77 32.40
N ARG C 50 18.22 0.57 32.19
CA ARG C 50 17.80 -0.29 33.29
C ARG C 50 19.01 -0.67 34.12
N LYS C 51 20.04 -1.21 33.46
CA LYS C 51 21.30 -1.61 34.10
C LYS C 51 22.02 -0.43 34.76
N GLY C 52 21.67 0.79 34.36
CA GLY C 52 22.30 1.99 34.89
C GLY C 52 21.50 2.66 36.01
N GLY C 53 20.53 1.94 36.55
CA GLY C 53 19.75 2.40 37.70
C GLY C 53 18.47 3.17 37.42
N VAL C 54 18.06 3.22 36.14
CA VAL C 54 16.84 3.93 35.75
C VAL C 54 15.65 2.98 35.74
N ASP C 55 14.54 3.42 36.31
CA ASP C 55 13.31 2.63 36.34
C ASP C 55 12.37 3.12 35.22
N ILE C 56 12.28 2.34 34.13
CA ILE C 56 11.57 2.75 32.92
C ILE C 56 10.18 2.14 32.79
N ASP C 57 9.18 2.97 32.55
CA ASP C 57 7.91 2.54 31.96
C ASP C 57 7.91 2.82 30.45
N TYR C 58 7.97 1.75 29.66
CA TYR C 58 8.06 1.86 28.20
C TYR C 58 6.71 1.81 27.50
N PRO C 60 5.24 2.00 23.88
CA PRO C 60 5.35 2.07 22.41
C PRO C 60 4.26 2.97 21.82
N ALA C 61 4.46 3.43 20.58
CA ALA C 61 3.55 4.39 19.96
C ALA C 61 2.09 3.95 20.01
N HIS C 62 1.82 2.68 19.68
CA HIS C 62 0.44 2.19 19.59
C HIS C 62 -0.30 2.20 20.92
N THR C 63 0.48 2.09 21.99
CA THR C 63 -0.07 2.18 23.32
C THR C 63 -0.55 3.61 23.61
N VAL C 64 0.20 4.61 23.12
CA VAL C 64 -0.22 6.02 23.24
C VAL C 64 -1.60 6.23 22.60
N GLN C 65 -1.90 5.45 21.56
CA GLN C 65 -3.16 5.58 20.84
C GLN C 65 -4.35 5.06 21.64
N ILE C 66 -4.06 4.07 22.49
CA ILE C 66 -5.06 3.34 23.28
C ILE C 66 -5.11 3.77 24.74
N ALA C 67 -3.95 3.96 25.35
CA ALA C 67 -3.91 4.04 26.80
C ALA C 67 -2.98 5.12 27.31
N PHE C 68 -3.18 6.34 26.84
CA PHE C 68 -2.36 7.42 27.33
C PHE C 68 -3.01 8.06 28.56
N PRO C 69 -2.22 8.26 29.64
CA PRO C 69 -2.74 8.81 30.90
C PRO C 69 -3.61 10.04 30.67
N GLU C 70 -4.91 9.88 30.94
CA GLU C 70 -5.82 11.00 30.89
C GLU C 70 -5.57 12.03 32.00
N SER C 71 -5.05 11.55 33.12
CA SER C 71 -4.88 12.34 34.32
C SER C 71 -3.47 12.94 34.44
N ILE C 72 -3.40 14.25 34.59
CA ILE C 72 -2.12 14.97 34.84
C ILE C 72 -1.39 14.45 36.10
N ASP C 73 -2.15 13.87 37.04
CA ASP C 73 -1.59 13.20 38.21
C ASP C 73 -0.91 11.89 37.87
N GLU C 74 -1.33 11.24 36.79
CA GLU C 74 -0.67 10.02 36.35
C GLU C 74 0.73 10.30 35.86
N LEU C 75 0.88 11.40 35.13
CA LEU C 75 2.18 11.77 34.60
C LEU C 75 3.09 12.25 35.71
N ASN C 76 2.50 12.90 36.72
CA ASN C 76 3.25 13.46 37.82
C ASN C 76 4.08 12.46 38.62
N ARG C 77 3.71 11.18 38.56
CA ARG C 77 4.53 10.15 39.19
C ARG C 77 5.92 10.00 38.54
N TYR C 78 6.04 10.45 37.29
CA TYR C 78 7.31 10.35 36.54
C TYR C 78 8.23 11.55 36.80
N ASP C 79 9.52 11.28 36.95
CA ASP C 79 10.56 12.31 37.09
C ASP C 79 10.96 12.91 35.73
N VAL C 80 10.96 12.05 34.69
CA VAL C 80 11.25 12.47 33.28
C VAL C 80 10.34 11.72 32.28
N ILE C 81 9.89 12.44 31.24
CA ILE C 81 9.28 11.79 30.09
C ILE C 81 10.21 11.93 28.88
N VAL C 82 10.40 10.83 28.16
CA VAL C 82 11.27 10.81 27.00
C VAL C 82 10.41 10.55 25.76
N ILE C 83 10.58 11.39 24.74
CA ILE C 83 9.83 11.26 23.49
C ILE C 83 10.80 11.03 22.34
N SER C 84 10.61 9.92 21.63
CA SER C 84 11.56 9.54 20.58
C SER C 84 10.92 8.75 19.46
N ASP C 85 11.17 9.19 18.22
CA ASP C 85 10.56 8.62 17.01
C ASP C 85 9.03 8.38 17.10
N ILE C 86 8.34 9.35 17.68
CA ILE C 86 6.89 9.35 17.70
C ILE C 86 6.46 10.78 17.43
N GLY C 87 5.57 10.94 16.46
CA GLY C 87 5.12 12.25 16.03
C GLY C 87 3.97 12.82 16.82
N SER C 88 3.84 14.15 16.76
CA SER C 88 2.79 14.85 17.49
C SER C 88 1.39 14.28 17.24
N ASN C 89 1.14 13.84 16.01
CA ASN C 89 -0.15 13.25 15.60
C ASN C 89 -0.60 12.06 16.43
N THR C 90 0.34 11.24 16.87
CA THR C 90 0.01 10.07 17.68
C THR C 90 -0.56 10.48 19.05
N PHE C 91 0.07 11.48 19.67
CA PHE C 91 -0.41 12.05 20.93
C PHE C 91 -1.74 12.77 20.73
N LEU C 92 -1.85 13.53 19.63
CA LEU C 92 -3.06 14.33 19.37
C LEU C 92 -4.27 13.55 18.86
N LEU C 93 -4.03 12.44 18.15
CA LEU C 93 -5.11 11.72 17.47
C LEU C 93 -5.22 10.29 17.93
N GLN C 94 -5.43 10.11 19.24
CA GLN C 94 -5.60 8.78 19.82
C GLN C 94 -6.88 8.15 19.23
N ASN C 95 -7.03 6.83 19.36
CA ASN C 95 -8.15 6.13 18.75
C ASN C 95 -9.53 6.68 19.07
N GLU C 96 -9.78 7.00 20.33
CA GLU C 96 -11.10 7.50 20.73
C GLU C 96 -11.41 8.89 20.17
N THR C 97 -10.37 9.65 19.87
CA THR C 97 -10.53 10.89 19.12
C THR C 97 -10.83 10.56 17.67
N PHE C 98 -9.93 9.82 17.01
CA PHE C 98 -10.00 9.66 15.55
C PHE C 98 -11.10 8.74 15.03
N TYR C 99 -11.39 7.65 15.75
CA TYR C 99 -12.31 6.64 15.26
C TYR C 99 -13.65 6.61 16.00
N GLN C 100 -13.59 6.56 17.33
CA GLN C 100 -14.76 6.70 18.15
C GLN C 100 -14.88 8.20 18.11
N LEU C 101 -15.99 8.80 18.51
CA LEU C 101 -16.01 10.23 18.28
C LEU C 101 -16.10 11.01 19.57
N LYS C 102 -15.11 10.75 20.41
CA LYS C 102 -15.10 11.18 21.80
C LYS C 102 -14.14 12.34 22.05
N ILE C 103 -14.51 13.19 23.00
CA ILE C 103 -13.68 14.27 23.48
C ILE C 103 -12.71 13.67 24.51
N LYS C 104 -11.42 14.00 24.38
CA LYS C 104 -10.38 13.41 25.24
C LYS C 104 -9.48 14.52 25.77
N PRO C 105 -8.78 14.27 26.88
CA PRO C 105 -7.75 15.25 27.26
C PRO C 105 -6.62 15.28 26.23
N ASN C 106 -6.11 16.47 25.96
CA ASN C 106 -5.00 16.69 25.05
C ASN C 106 -3.70 16.24 25.70
N ALA C 107 -3.10 15.17 25.16
CA ALA C 107 -1.86 14.60 25.68
C ALA C 107 -0.73 15.62 25.72
N LEU C 108 -0.65 16.49 24.71
CA LEU C 108 0.42 17.46 24.63
C LEU C 108 0.25 18.55 25.68
N GLU C 109 -1.00 18.99 25.87
CA GLU C 109 -1.35 19.87 26.98
C GLU C 109 -0.94 19.23 28.31
N SER C 110 -1.28 17.95 28.49
CA SER C 110 -0.84 17.21 29.68
C SER C 110 0.67 17.30 29.85
N ILE C 111 1.42 16.87 28.84
CA ILE C 111 2.88 16.99 28.88
C ILE C 111 3.35 18.42 29.19
N LYS C 112 2.77 19.43 28.55
CA LYS C 112 3.13 20.82 28.87
C LYS C 112 2.87 21.16 30.37
N GLU C 113 1.66 20.91 30.85
CA GLU C 113 1.31 21.06 32.28
C GLU C 113 2.31 20.29 33.18
N TYR C 114 2.51 19.01 32.91
CA TYR C 114 3.53 18.19 33.56
C TYR C 114 4.92 18.85 33.73
N VAL C 115 5.48 19.39 32.64
CA VAL C 115 6.80 20.06 32.69
C VAL C 115 6.70 21.40 33.43
N LYS C 116 5.67 22.17 33.10
CA LYS C 116 5.35 23.43 33.77
C LYS C 116 5.42 23.28 35.31
N ASN C 117 4.98 22.14 35.82
CA ASN C 117 4.95 21.85 37.27
C ASN C 117 6.15 21.05 37.82
N GLY C 118 7.24 20.98 37.06
CA GLY C 118 8.47 20.39 37.60
C GLY C 118 8.97 19.12 36.95
N GLY C 119 8.15 18.48 36.13
CA GLY C 119 8.58 17.26 35.44
C GLY C 119 9.65 17.51 34.38
N GLY C 120 10.49 16.51 34.13
CA GLY C 120 11.51 16.60 33.07
C GLY C 120 11.05 16.09 31.72
N LEU C 121 11.58 16.70 30.65
CA LEU C 121 11.24 16.29 29.27
C LEU C 121 12.45 16.23 28.36
N LEU C 122 12.70 15.04 27.82
CA LEU C 122 13.76 14.81 26.84
C LEU C 122 13.14 14.40 25.50
N ILE C 124 14.34 13.06 21.77
CA ILE C 124 15.43 12.48 20.98
C ILE C 124 15.07 12.54 19.49
N GLY C 125 16.06 12.88 18.66
CA GLY C 125 15.87 13.11 17.23
C GLY C 125 15.62 11.86 16.40
N GLY C 126 15.09 12.09 15.19
CA GLY C 126 14.86 11.05 14.19
C GLY C 126 13.78 11.49 13.19
N TYR C 127 13.26 10.54 12.40
CA TYR C 127 12.33 10.89 11.32
C TYR C 127 10.96 11.33 11.81
N LEU C 128 10.61 10.87 13.01
CA LEU C 128 9.35 11.23 13.59
C LEU C 128 9.48 12.01 14.87
N SER C 129 10.54 12.81 14.95
CA SER C 129 10.79 13.77 16.04
C SER C 129 10.92 15.16 15.45
N PHE C 130 10.78 16.19 16.31
CA PHE C 130 10.95 17.57 15.88
C PHE C 130 10.06 17.82 14.64
N GLY C 132 11.10 16.42 11.31
CA GLY C 132 11.29 15.05 10.77
C GLY C 132 11.06 14.92 9.27
N ILE C 133 10.98 13.67 8.80
CA ILE C 133 10.83 13.34 7.39
C ILE C 133 9.54 13.97 6.86
N GLU C 134 9.66 14.74 5.77
CA GLU C 134 8.52 15.45 5.18
C GLU C 134 7.76 16.29 6.21
N ALA C 135 8.46 16.70 7.29
CA ALA C 135 7.91 17.53 8.38
C ALA C 135 6.76 16.84 9.12
N LYS C 136 6.71 15.51 9.02
CA LYS C 136 5.60 14.67 9.51
C LYS C 136 5.36 14.69 11.03
N ALA C 137 6.44 14.74 11.82
CA ALA C 137 6.35 14.82 13.27
C ALA C 137 5.62 16.10 13.67
N ASN C 138 5.91 17.20 12.95
CA ASN C 138 5.06 18.41 12.98
C ASN C 138 5.04 19.12 14.35
N TYR C 139 6.08 18.95 15.15
CA TYR C 139 6.00 19.43 16.53
C TYR C 139 5.94 20.96 16.61
N LYS C 140 6.46 21.62 15.57
CA LYS C 140 6.58 23.09 15.60
C LYS C 140 5.20 23.72 15.64
N ASN C 141 4.24 23.05 15.01
CA ASN C 141 2.89 23.57 14.87
C ASN C 141 1.97 23.03 15.94
N THR C 142 2.51 22.64 17.09
CA THR C 142 1.71 22.12 18.19
C THR C 142 1.96 22.91 19.48
N VAL C 143 1.06 22.71 20.45
CA VAL C 143 1.21 23.28 21.80
C VAL C 143 2.47 22.84 22.57
N LEU C 144 3.16 21.80 22.12
CA LEU C 144 4.40 21.41 22.82
C LEU C 144 5.62 22.22 22.42
N ALA C 145 5.53 22.91 21.27
CA ALA C 145 6.70 23.59 20.71
C ALA C 145 7.35 24.55 21.69
N GLU C 146 6.54 25.29 22.46
CA GLU C 146 7.07 26.37 23.31
C GLU C 146 7.86 25.85 24.52
N VAL C 147 7.68 24.56 24.81
CA VAL C 147 8.34 23.87 25.91
C VAL C 147 9.79 23.52 25.57
N LEU C 148 10.02 23.18 24.31
CA LEU C 148 11.31 22.69 23.87
C LEU C 148 12.37 23.80 23.87
N PRO C 149 13.62 23.48 24.28
CA PRO C 149 14.70 24.49 24.27
C PRO C 149 15.30 24.83 22.88
N VAL C 150 14.68 24.35 21.80
CA VAL C 150 15.15 24.68 20.46
C VAL C 150 14.02 25.32 19.65
N ILE C 151 14.39 26.00 18.58
CA ILE C 151 13.45 26.49 17.59
C ILE C 151 13.61 25.66 16.30
N LEU C 153 12.87 24.18 12.29
CA LEU C 153 12.72 24.68 10.93
C LEU C 153 11.25 24.62 10.53
N ASP C 154 10.89 25.13 9.36
CA ASP C 154 9.49 25.14 8.97
C ASP C 154 9.07 23.92 8.17
N GLY C 155 10.04 23.17 7.66
CA GLY C 155 9.76 21.96 6.89
C GLY C 155 10.64 20.81 7.37
N ASP C 156 10.84 19.83 6.48
CA ASP C 156 11.79 18.77 6.71
C ASP C 156 13.08 19.39 7.30
N ASP C 157 13.45 18.92 8.48
CA ASP C 157 14.62 19.42 9.22
C ASP C 157 15.83 18.47 9.24
N ARG C 158 15.74 17.36 8.53
CA ARG C 158 16.86 16.39 8.47
C ARG C 158 18.09 16.99 7.80
N VAL C 159 19.23 16.61 8.35
CA VAL C 159 20.50 16.71 7.71
C VAL C 159 20.99 15.26 7.61
N GLU C 160 21.11 14.76 6.39
CA GLU C 160 21.66 13.45 6.18
C GLU C 160 23.15 13.52 5.98
N LYS C 161 23.86 12.72 6.77
CA LYS C 161 25.31 12.63 6.68
C LYS C 161 25.74 11.16 6.58
N PRO C 162 25.43 10.51 5.44
CA PRO C 162 25.76 9.10 5.22
C PRO C 162 27.25 8.79 5.35
N GLU C 163 28.09 9.82 5.17
CA GLU C 163 29.56 9.68 5.27
C GLU C 163 30.07 9.79 6.72
N GLY C 164 29.16 10.18 7.61
CA GLY C 164 29.43 10.30 9.03
C GLY C 164 29.90 11.68 9.42
N ILE C 165 29.57 12.07 10.65
CA ILE C 165 29.97 13.36 11.23
C ILE C 165 30.05 13.19 12.76
N CYS C 166 31.15 13.69 13.33
CA CYS C 166 31.42 13.56 14.76
CA CYS C 166 31.39 13.52 14.76
C CYS C 166 30.64 14.54 15.60
N ALA C 167 30.31 14.14 16.82
CA ALA C 167 29.81 15.08 17.81
C ALA C 167 31.01 15.89 18.34
N GLU C 168 30.74 17.10 18.79
CA GLU C 168 31.73 17.94 19.43
C GLU C 168 31.18 18.53 20.71
N ALA C 169 32.01 18.60 21.74
CA ALA C 169 31.65 19.21 23.01
C ALA C 169 32.01 20.69 22.97
N VAL C 170 31.07 21.57 23.32
CA VAL C 170 31.33 23.02 23.37
C VAL C 170 31.27 23.53 24.79
N SER C 171 30.61 22.75 25.64
CA SER C 171 30.65 22.96 27.08
C SER C 171 31.10 21.67 27.73
N PRO C 172 32.41 21.35 27.63
CA PRO C 172 32.96 20.06 28.09
C PRO C 172 32.83 19.88 29.61
N GLU C 173 32.65 21.00 30.31
CA GLU C 173 32.63 21.02 31.78
C GLU C 173 31.22 20.85 32.32
N HIS C 174 30.25 20.76 31.41
CA HIS C 174 28.86 20.55 31.79
C HIS C 174 28.72 19.21 32.53
N PRO C 175 27.97 19.19 33.65
CA PRO C 175 27.78 17.95 34.43
C PRO C 175 27.39 16.71 33.59
N VAL C 176 26.64 16.93 32.51
CA VAL C 176 26.09 15.81 31.72
C VAL C 176 27.20 15.10 30.98
N VAL C 177 28.14 15.86 30.41
CA VAL C 177 29.22 15.29 29.61
C VAL C 177 30.62 15.34 30.22
N ASN C 178 30.76 16.01 31.37
CA ASN C 178 32.05 16.15 32.03
C ASN C 178 32.74 14.78 32.17
N GLY C 179 33.93 14.63 31.57
CA GLY C 179 34.67 13.37 31.59
C GLY C 179 34.59 12.57 30.31
N PHE C 180 33.58 12.83 29.46
CA PHE C 180 33.43 12.08 28.21
C PHE C 180 34.58 12.38 27.27
N SER C 181 34.91 11.42 26.42
CA SER C 181 35.88 11.68 25.36
C SER C 181 35.67 10.77 24.12
N ASP C 182 36.50 11.00 23.11
CA ASP C 182 36.48 10.23 21.87
C ASP C 182 35.05 10.11 21.31
N TYR C 183 34.48 11.28 21.02
CA TYR C 183 33.08 11.39 20.60
C TYR C 183 32.80 10.64 19.31
N PRO C 184 31.70 9.89 19.26
CA PRO C 184 31.46 9.05 18.09
C PRO C 184 30.94 9.82 16.87
N VAL C 185 30.74 9.07 15.80
CA VAL C 185 30.24 9.57 14.52
C VAL C 185 28.74 9.28 14.40
N PHE C 186 28.02 10.24 13.81
CA PHE C 186 26.57 10.14 13.56
C PHE C 186 26.28 10.24 12.04
N LEU C 187 25.22 9.57 11.61
CA LEU C 187 24.84 9.57 10.19
C LEU C 187 23.73 10.57 9.85
N GLY C 188 23.35 11.40 10.82
CA GLY C 188 22.40 12.49 10.58
C GLY C 188 21.85 13.06 11.88
N TYR C 189 21.03 14.10 11.74
CA TYR C 189 20.38 14.76 12.87
C TYR C 189 19.26 15.66 12.35
N ASN C 190 18.32 15.99 13.23
CA ASN C 190 17.42 17.12 12.96
C ASN C 190 18.12 18.46 13.19
N GLN C 191 17.95 19.38 12.24
CA GLN C 191 18.49 20.73 12.40
C GLN C 191 17.48 21.66 13.07
N ALA C 192 17.94 22.32 14.13
CA ALA C 192 17.15 23.29 14.86
C ALA C 192 18.06 24.41 15.35
N VAL C 193 17.47 25.42 15.95
CA VAL C 193 18.24 26.53 16.49
C VAL C 193 17.96 26.63 17.99
N ALA C 194 19.03 26.64 18.80
CA ALA C 194 18.91 26.79 20.25
C ALA C 194 18.28 28.13 20.61
N ARG C 195 17.33 28.10 21.55
CA ARG C 195 16.79 29.34 22.12
C ARG C 195 17.90 30.09 22.90
N ASP C 196 17.83 31.42 22.89
CA ASP C 196 18.82 32.27 23.57
C ASP C 196 19.08 31.96 25.04
N ASP C 197 18.01 31.55 25.71
N ASP C 197 18.04 31.58 25.76
CA ASP C 197 17.96 31.25 27.14
CA ASP C 197 18.15 31.29 27.19
C ASP C 197 18.41 29.82 27.47
C ASP C 197 18.78 29.91 27.44
N ALA C 198 18.73 29.05 26.42
CA ALA C 198 19.10 27.63 26.54
C ALA C 198 20.60 27.37 26.44
N ASP C 199 21.03 26.22 26.95
CA ASP C 199 22.44 25.82 26.96
C ASP C 199 22.77 24.74 25.96
N VAL C 200 23.69 25.03 25.06
CA VAL C 200 24.11 24.10 24.01
C VAL C 200 25.38 23.45 24.47
N VAL C 201 25.35 22.13 24.65
CA VAL C 201 26.45 21.42 25.30
C VAL C 201 27.29 20.65 24.26
N LEU C 202 26.58 20.00 23.33
CA LEU C 202 27.23 19.31 22.23
C LEU C 202 26.74 19.91 20.92
N THR C 203 27.63 19.92 19.93
CA THR C 203 27.27 20.33 18.59
C THR C 203 27.56 19.21 17.61
N ILE C 204 26.85 19.27 16.47
CA ILE C 204 27.08 18.38 15.35
C ILE C 204 27.02 19.21 14.04
N ASN C 205 28.07 19.16 13.23
CA ASN C 205 28.14 19.94 11.98
C ASN C 205 27.92 21.45 12.21
N ASN C 206 28.22 21.90 13.44
CA ASN C 206 28.06 23.33 13.85
C ASN C 206 26.63 23.69 14.21
N ASP C 207 25.78 22.67 14.21
CA ASP C 207 24.39 22.79 14.60
C ASP C 207 24.31 22.22 16.04
N PRO C 208 23.27 22.58 16.80
CA PRO C 208 23.12 22.00 18.15
C PRO C 208 22.89 20.50 18.09
N LEU C 209 23.50 19.74 19.00
CA LEU C 209 23.23 18.30 19.10
C LEU C 209 22.62 17.96 20.47
N LEU C 210 23.16 18.59 21.52
CA LEU C 210 22.63 18.43 22.87
C LEU C 210 22.35 19.77 23.51
N VAL C 211 21.08 20.00 23.87
CA VAL C 211 20.60 21.29 24.36
C VAL C 211 19.78 21.09 25.63
N PHE C 212 19.96 21.99 26.62
CA PHE C 212 19.23 21.94 27.89
C PHE C 212 18.54 23.24 28.16
N GLY C 213 17.32 23.18 28.69
CA GLY C 213 16.59 24.40 29.00
C GLY C 213 15.72 24.27 30.22
N GLU C 214 14.85 25.25 30.43
CA GLU C 214 13.84 25.18 31.47
C GLU C 214 12.50 25.58 30.87
N TYR C 215 11.43 25.08 31.47
CA TYR C 215 10.12 25.64 31.17
C TYR C 215 9.36 25.75 32.52
N GLN C 216 9.18 26.99 32.98
CA GLN C 216 8.74 27.29 34.35
C GLN C 216 9.57 26.48 35.35
N GLN C 217 8.88 25.64 36.12
CA GLN C 217 9.54 24.83 37.15
C GLN C 217 10.35 23.69 36.57
N GLY C 218 9.91 23.16 35.42
CA GLY C 218 10.51 21.93 34.86
C GLY C 218 11.76 22.16 34.01
N LYS C 219 12.50 21.08 33.79
CA LYS C 219 13.70 21.12 32.94
C LYS C 219 13.54 20.32 31.64
N THR C 220 14.19 20.81 30.59
CA THR C 220 14.03 20.24 29.26
C THR C 220 15.38 19.90 28.68
N ALA C 221 15.44 18.79 27.94
CA ALA C 221 16.59 18.43 27.12
C ALA C 221 16.13 18.13 25.69
N CYS C 222 16.99 18.41 24.71
CA CYS C 222 16.79 17.92 23.34
C CYS C 222 18.06 17.31 22.84
N PHE C 223 17.98 16.09 22.33
CA PHE C 223 19.12 15.49 21.67
C PHE C 223 18.80 15.31 20.19
N SER C 225 20.16 14.13 17.39
CA SER C 225 20.33 12.93 16.57
C SER C 225 19.59 11.76 17.21
N ASP C 226 19.77 10.56 16.67
CA ASP C 226 19.03 9.39 17.13
C ASP C 226 19.79 8.60 18.20
N CYS C 227 19.05 7.94 19.08
CA CYS C 227 19.66 6.99 20.01
C CYS C 227 19.98 5.64 19.34
N SER C 228 19.42 5.41 18.14
CA SER C 228 19.46 4.14 17.42
C SER C 228 19.79 4.31 15.92
N PRO C 229 20.01 3.19 15.19
CA PRO C 229 20.29 3.26 13.76
C PRO C 229 19.09 3.84 12.97
N HIS C 230 19.39 4.46 11.82
CA HIS C 230 20.74 4.45 11.25
C HIS C 230 21.56 5.68 11.64
N TRP C 231 20.90 6.73 12.13
CA TRP C 231 21.62 7.96 12.50
C TRP C 231 22.63 7.69 13.62
N GLY C 232 22.20 6.93 14.62
CA GLY C 232 23.08 6.50 15.70
C GLY C 232 23.88 5.29 15.28
N THR C 233 25.14 5.51 14.99
CA THR C 233 26.01 4.43 14.50
C THR C 233 26.24 3.32 15.55
N GLN C 234 26.75 2.20 15.05
CA GLN C 234 27.33 1.15 15.90
C GLN C 234 28.40 1.70 16.83
N GLN C 235 29.13 2.70 16.35
CA GLN C 235 30.22 3.30 17.11
C GLN C 235 29.66 4.01 18.33
N PHE C 236 28.58 4.77 18.14
CA PHE C 236 27.90 5.50 19.20
C PHE C 236 27.30 4.56 20.23
N SER C 238 27.95 1.54 21.08
CA SER C 238 28.91 0.80 21.85
C SER C 238 30.04 1.69 22.43
N TRP C 239 29.88 3.00 22.28
CA TRP C 239 30.74 4.01 22.92
C TRP C 239 30.64 3.88 24.45
N PRO C 240 31.80 3.88 25.15
CA PRO C 240 31.86 3.75 26.63
C PRO C 240 30.93 4.71 27.39
N PHE C 241 30.72 5.89 26.81
CA PHE C 241 29.94 6.94 27.47
C PHE C 241 28.49 6.97 27.03
N TYR C 242 28.10 5.98 26.22
CA TYR C 242 26.75 5.90 25.70
C TYR C 242 25.70 5.90 26.83
N THR C 243 25.85 4.99 27.80
CA THR C 243 24.95 4.93 28.96
C THR C 243 25.04 6.19 29.78
N ASP C 244 26.27 6.64 30.06
CA ASP C 244 26.49 7.84 30.88
C ASP C 244 25.78 9.07 30.26
N LEU C 245 25.88 9.20 28.94
CA LEU C 245 25.21 10.29 28.23
C LEU C 245 23.72 10.36 28.58
N TRP C 246 22.99 9.27 28.36
CA TRP C 246 21.58 9.21 28.65
C TRP C 246 21.27 9.20 30.14
N VAL C 247 22.01 8.41 30.93
CA VAL C 247 21.79 8.43 32.39
C VAL C 247 22.02 9.82 32.97
N ASN C 248 23.17 10.44 32.69
CA ASN C 248 23.46 11.83 33.08
C ASN C 248 22.41 12.87 32.64
N THR C 249 21.94 12.80 31.39
CA THR C 249 20.97 13.81 30.94
C THR C 249 19.63 13.60 31.66
N LEU C 250 19.22 12.34 31.84
CA LEU C 250 17.98 12.08 32.61
C LEU C 250 18.05 12.67 34.02
N GLN C 251 19.19 12.45 34.69
CA GLN C 251 19.42 12.96 36.04
C GLN C 251 19.40 14.48 36.07
N PHE C 252 20.10 15.11 35.11
CA PHE C 252 20.17 16.57 35.05
C PHE C 252 18.81 17.26 34.94
N ILE C 253 17.86 16.65 34.22
CA ILE C 253 16.56 17.30 33.99
C ILE C 253 15.43 16.73 34.87
N ALA C 254 15.77 15.72 35.66
CA ALA C 254 14.80 15.07 36.54
C ALA C 254 14.21 16.02 37.55
N ARG C 255 12.93 15.84 37.86
CA ARG C 255 12.32 16.39 39.08
C ARG C 255 13.22 15.90 40.25
N LYS C 256 13.72 16.75 41.15
CA LYS C 256 13.42 18.18 41.42
C LYS C 256 12.43 18.33 42.59
N LEU D 11 -5.26 -23.30 36.35
CA LEU D 11 -5.35 -23.50 34.85
C LEU D 11 -4.54 -22.44 34.08
N LYS D 12 -3.34 -22.83 33.66
CA LYS D 12 -2.40 -21.96 32.96
C LYS D 12 -2.54 -22.08 31.41
N VAL D 13 -3.04 -21.02 30.78
CA VAL D 13 -3.34 -21.01 29.33
C VAL D 13 -2.51 -19.97 28.56
N LEU D 14 -1.84 -20.43 27.48
CA LEU D 14 -1.17 -19.55 26.53
C LEU D 14 -2.15 -19.19 25.40
N PHE D 15 -2.52 -17.91 25.28
CA PHE D 15 -3.48 -17.46 24.27
C PHE D 15 -2.80 -16.62 23.20
N ILE D 16 -2.71 -17.17 21.99
CA ILE D 16 -1.90 -16.61 20.89
C ILE D 16 -2.76 -16.02 19.79
N GLY D 17 -2.42 -14.81 19.32
CA GLY D 17 -3.14 -14.18 18.21
C GLY D 17 -4.08 -13.05 18.58
N GLU D 18 -5.21 -12.95 17.88
CA GLU D 18 -6.21 -11.91 18.10
C GLU D 18 -5.65 -10.49 18.23
N SER D 19 -4.66 -10.20 17.38
CA SER D 19 -4.06 -8.89 17.28
C SER D 19 -3.81 -8.49 15.82
N TRP D 20 -3.96 -7.21 15.53
CA TRP D 20 -3.69 -6.71 14.18
C TRP D 20 -3.25 -5.26 14.13
N HIS D 21 -2.45 -4.93 13.12
N HIS D 21 -2.40 -4.94 13.17
CA HIS D 21 -2.05 -3.56 12.84
CA HIS D 21 -2.13 -3.56 12.83
C HIS D 21 -2.70 -3.13 11.51
C HIS D 21 -2.83 -3.25 11.53
N ILE D 22 -3.68 -2.24 11.58
CA ILE D 22 -4.39 -1.75 10.40
C ILE D 22 -3.65 -0.53 9.86
N HIS D 23 -3.34 -0.55 8.58
CA HIS D 23 -2.89 0.64 7.91
C HIS D 23 -4.02 1.09 6.96
N ILE D 25 -5.46 3.75 4.14
CA ILE D 25 -5.15 4.80 3.16
C ILE D 25 -6.46 5.47 2.76
N HIS D 26 -6.62 6.74 3.11
CA HIS D 26 -7.87 7.45 2.80
C HIS D 26 -7.65 8.26 1.54
N SER D 27 -8.25 7.82 0.43
CA SER D 27 -8.05 8.48 -0.87
C SER D 27 -9.21 9.41 -1.15
N LYS D 28 -8.86 10.69 -1.36
CA LYS D 28 -9.85 11.72 -1.66
C LYS D 28 -9.47 12.37 -2.95
N GLY D 29 -10.08 11.86 -4.03
CA GLY D 29 -9.80 12.33 -5.38
C GLY D 29 -8.40 11.87 -5.70
N TYR D 30 -7.58 12.82 -6.15
CA TYR D 30 -6.21 12.55 -6.47
C TYR D 30 -5.35 12.13 -5.26
N ASP D 31 -5.63 12.71 -4.10
CA ASP D 31 -4.74 12.66 -2.95
C ASP D 31 -5.07 11.58 -1.92
N SER D 32 -4.11 11.25 -1.06
CA SER D 32 -4.44 10.50 0.14
C SER D 32 -3.54 10.78 1.32
N PHE D 33 -4.11 10.56 2.50
CA PHE D 33 -3.39 10.56 3.76
C PHE D 33 -3.65 9.22 4.47
N THR D 34 -2.78 8.87 5.40
CA THR D 34 -2.90 7.60 6.08
C THR D 34 -3.11 7.74 7.59
N SER D 35 -3.82 6.79 8.16
CA SER D 35 -3.92 6.64 9.61
C SER D 35 -3.65 5.18 9.95
N SER D 36 -2.96 4.96 11.05
CA SER D 36 -2.55 3.63 11.47
C SER D 36 -3.01 3.31 12.89
N LYS D 37 -3.31 2.04 13.13
CA LYS D 37 -4.04 1.61 14.33
C LYS D 37 -3.53 0.26 14.82
N TYR D 38 -3.54 0.03 16.11
CA TYR D 38 -3.26 -1.30 16.64
C TYR D 38 -4.48 -1.75 17.44
N GLU D 39 -4.89 -2.99 17.24
CA GLU D 39 -6.00 -3.51 18.01
C GLU D 39 -5.72 -4.89 18.54
N GLU D 40 -6.43 -5.23 19.60
CA GLU D 40 -6.51 -6.61 20.08
C GLU D 40 -7.96 -7.04 20.09
N GLY D 41 -8.22 -8.26 19.64
CA GLY D 41 -9.58 -8.63 19.31
C GLY D 41 -10.41 -9.54 20.19
N ALA D 42 -9.90 -9.97 21.34
CA ALA D 42 -10.62 -11.01 22.06
C ALA D 42 -11.27 -10.49 23.36
N THR D 43 -11.80 -9.27 23.28
CA THR D 43 -12.18 -8.49 24.47
C THR D 43 -13.12 -9.23 25.43
N TRP D 44 -14.32 -9.57 24.95
CA TRP D 44 -15.33 -10.24 25.76
C TRP D 44 -14.93 -11.65 26.17
N LEU D 45 -14.04 -12.26 25.38
CA LEU D 45 -13.58 -13.62 25.65
C LEU D 45 -12.53 -13.69 26.77
N LEU D 46 -11.47 -12.90 26.64
CA LEU D 46 -10.43 -12.89 27.66
C LEU D 46 -10.94 -12.34 29.00
N GLU D 47 -11.98 -11.52 28.94
CA GLU D 47 -12.60 -11.02 30.15
C GLU D 47 -13.39 -12.14 30.80
N CYS D 48 -14.23 -12.81 30.01
CA CYS D 48 -14.95 -13.99 30.46
C CYS D 48 -14.07 -15.10 31.05
N LEU D 49 -12.90 -15.32 30.44
CA LEU D 49 -12.00 -16.38 30.91
C LEU D 49 -11.34 -16.02 32.22
N ARG D 50 -10.99 -14.74 32.36
CA ARG D 50 -10.30 -14.27 33.58
C ARG D 50 -11.19 -14.32 34.82
N LYS D 51 -12.47 -13.98 34.62
CA LYS D 51 -13.48 -14.02 35.67
C LYS D 51 -13.99 -15.44 35.88
N GLY D 52 -13.51 -16.36 35.05
CA GLY D 52 -13.93 -17.76 35.13
C GLY D 52 -12.88 -18.63 35.75
N GLY D 53 -11.77 -18.02 36.19
CA GLY D 53 -10.71 -18.72 36.91
C GLY D 53 -9.54 -19.19 36.08
N VAL D 54 -9.53 -18.86 34.79
CA VAL D 54 -8.40 -19.18 33.91
C VAL D 54 -7.30 -18.13 34.05
N ASP D 55 -6.06 -18.60 34.15
CA ASP D 55 -4.87 -17.77 34.11
C ASP D 55 -4.33 -17.67 32.67
N ILE D 56 -4.55 -16.52 32.02
CA ILE D 56 -4.15 -16.31 30.63
C ILE D 56 -2.80 -15.62 30.54
N ASP D 57 -1.84 -16.23 29.86
CA ASP D 57 -0.73 -15.48 29.28
C ASP D 57 -1.10 -15.15 27.83
N TYR D 58 -1.36 -13.88 27.57
CA TYR D 58 -1.68 -13.38 26.24
C TYR D 58 -0.44 -13.10 25.42
N PRO D 60 0.43 -11.57 21.56
CA PRO D 60 0.00 -11.04 20.27
C PRO D 60 0.80 -11.65 19.12
N ALA D 61 0.18 -11.73 17.95
CA ALA D 61 0.87 -12.18 16.74
C ALA D 61 2.32 -11.66 16.59
N HIS D 62 2.54 -10.36 16.80
CA HIS D 62 3.89 -9.79 16.60
C HIS D 62 4.93 -10.29 17.60
N THR D 63 4.44 -10.74 18.75
CA THR D 63 5.30 -11.32 19.76
C THR D 63 5.80 -12.71 19.37
N VAL D 64 4.99 -13.45 18.62
CA VAL D 64 5.41 -14.75 18.07
C VAL D 64 6.62 -14.57 17.15
N GLN D 65 6.58 -13.51 16.35
CA GLN D 65 7.63 -13.17 15.39
C GLN D 65 9.00 -12.88 15.98
N ILE D 66 9.02 -12.38 17.21
CA ILE D 66 10.22 -11.86 17.84
C ILE D 66 10.73 -12.81 18.93
N ALA D 67 9.80 -13.40 19.67
CA ALA D 67 10.14 -14.11 20.90
C ALA D 67 9.24 -15.31 21.20
N PHE D 68 8.90 -16.09 20.16
CA PHE D 68 8.25 -17.36 20.40
C PHE D 68 9.27 -18.27 21.09
N PRO D 69 8.86 -18.95 22.17
CA PRO D 69 9.76 -19.84 22.94
C PRO D 69 10.46 -20.89 22.09
N GLU D 70 11.79 -20.92 22.18
CA GLU D 70 12.61 -21.81 21.36
C GLU D 70 12.69 -23.25 21.87
N SER D 71 12.28 -23.50 23.11
CA SER D 71 12.27 -24.87 23.58
C SER D 71 11.01 -25.25 24.34
N ILE D 72 10.67 -26.52 24.21
CA ILE D 72 9.39 -27.07 24.64
C ILE D 72 9.12 -26.94 26.15
N ASP D 73 10.18 -26.86 26.96
CA ASP D 73 10.09 -26.63 28.41
C ASP D 73 9.25 -25.40 28.77
N GLU D 74 9.45 -24.30 28.04
CA GLU D 74 8.72 -23.05 28.28
C GLU D 74 7.24 -23.18 27.95
N LEU D 75 6.92 -24.03 26.98
CA LEU D 75 5.53 -24.30 26.58
C LEU D 75 4.88 -25.29 27.53
N ASN D 76 5.69 -26.20 28.06
CA ASN D 76 5.24 -27.20 29.03
C ASN D 76 4.52 -26.70 30.30
N ARG D 77 4.79 -25.45 30.72
CA ARG D 77 4.09 -24.90 31.87
C ARG D 77 2.60 -24.66 31.62
N TYR D 78 2.22 -24.64 30.35
CA TYR D 78 0.82 -24.37 29.98
C TYR D 78 -0.02 -25.64 29.93
N ASP D 79 -1.25 -25.52 30.40
CA ASP D 79 -2.19 -26.62 30.37
C ASP D 79 -2.89 -26.72 29.02
N VAL D 80 -3.16 -25.57 28.39
CA VAL D 80 -3.72 -25.46 27.06
C VAL D 80 -3.02 -24.33 26.27
N ILE D 81 -2.77 -24.56 24.98
CA ILE D 81 -2.41 -23.47 24.07
C ILE D 81 -3.57 -23.16 23.12
N VAL D 82 -3.94 -21.89 23.06
CA VAL D 82 -5.02 -21.41 22.19
C VAL D 82 -4.44 -20.59 21.05
N ILE D 83 -4.90 -20.88 19.84
CA ILE D 83 -4.44 -20.18 18.62
C ILE D 83 -5.67 -19.62 17.94
N SER D 84 -5.71 -18.30 17.78
CA SER D 84 -6.88 -17.64 17.20
C SER D 84 -6.51 -16.46 16.30
N ASP D 85 -6.97 -16.52 15.03
CA ASP D 85 -6.73 -15.44 14.05
C ASP D 85 -5.26 -15.11 13.89
N ILE D 86 -4.44 -16.14 13.82
CA ILE D 86 -3.04 -15.95 13.53
C ILE D 86 -2.64 -17.13 12.65
N GLY D 87 -1.95 -16.82 11.56
CA GLY D 87 -1.71 -17.81 10.51
C GLY D 87 -0.41 -18.55 10.71
N SER D 88 -0.34 -19.73 10.11
CA SER D 88 0.86 -20.57 10.16
C SER D 88 2.13 -19.83 9.76
N ASN D 89 2.06 -18.90 8.79
CA ASN D 89 3.25 -18.13 8.33
C ASN D 89 3.89 -17.35 9.48
N THR D 90 3.08 -16.93 10.42
CA THR D 90 3.61 -16.17 11.55
C THR D 90 4.50 -17.07 12.42
N PHE D 91 4.03 -18.29 12.71
CA PHE D 91 4.83 -19.28 13.43
C PHE D 91 6.05 -19.74 12.65
N LEU D 92 5.88 -19.95 11.35
CA LEU D 92 6.97 -20.53 10.54
C LEU D 92 8.00 -19.51 10.05
N LEU D 93 7.57 -18.27 9.85
CA LEU D 93 8.44 -17.23 9.27
C LEU D 93 8.72 -16.12 10.29
N GLN D 94 9.34 -16.51 11.41
CA GLN D 94 9.70 -15.56 12.47
C GLN D 94 10.77 -14.64 11.93
N ASN D 95 10.86 -13.42 12.48
CA ASN D 95 11.79 -12.39 11.96
C ASN D 95 13.22 -12.86 11.73
N GLU D 96 13.75 -13.66 12.66
CA GLU D 96 15.09 -14.22 12.51
C GLU D 96 15.26 -15.15 11.30
N THR D 97 14.21 -15.90 10.98
CA THR D 97 14.17 -16.77 9.79
C THR D 97 14.11 -15.93 8.52
N PHE D 98 13.10 -15.07 8.44
CA PHE D 98 12.76 -14.41 7.18
C PHE D 98 13.70 -13.26 6.83
N TYR D 99 14.20 -12.52 7.84
CA TYR D 99 15.12 -11.40 7.57
C TYR D 99 16.57 -11.60 8.00
N GLN D 100 16.79 -12.32 9.10
CA GLN D 100 18.15 -12.36 9.68
C GLN D 100 19.03 -13.55 9.25
N LEU D 101 18.55 -14.38 8.33
CA LEU D 101 19.30 -15.55 7.80
C LEU D 101 19.66 -16.60 8.86
N LYS D 102 18.86 -16.72 9.92
CA LYS D 102 19.11 -17.71 10.96
C LYS D 102 18.38 -19.02 10.74
N ILE D 103 19.01 -20.08 11.21
CA ILE D 103 18.35 -21.35 11.46
C ILE D 103 17.77 -21.29 12.86
N LYS D 104 16.52 -21.72 13.00
CA LYS D 104 15.67 -21.45 14.13
C LYS D 104 14.84 -22.71 14.39
N PRO D 105 14.49 -23.01 15.65
CA PRO D 105 13.50 -24.08 15.84
C PRO D 105 12.10 -23.73 15.32
N ASN D 106 11.46 -24.73 14.73
CA ASN D 106 10.15 -24.67 14.15
C ASN D 106 9.08 -24.66 15.24
N ALA D 107 8.44 -23.48 15.38
CA ALA D 107 7.38 -23.26 16.34
C ALA D 107 6.25 -24.27 16.25
N LEU D 108 5.98 -24.74 15.03
CA LEU D 108 4.86 -25.63 14.82
C LEU D 108 5.23 -27.06 15.25
N GLU D 109 6.47 -27.48 14.98
CA GLU D 109 6.98 -28.73 15.56
C GLU D 109 6.96 -28.66 17.09
N SER D 110 7.38 -27.52 17.65
CA SER D 110 7.32 -27.28 19.09
C SER D 110 5.93 -27.50 19.67
N ILE D 111 4.94 -26.86 19.06
CA ILE D 111 3.57 -27.02 19.49
C ILE D 111 3.14 -28.48 19.32
N LYS D 112 3.53 -29.09 18.20
CA LYS D 112 3.26 -30.50 17.97
C LYS D 112 3.80 -31.37 19.13
N GLU D 113 5.09 -31.19 19.48
CA GLU D 113 5.71 -31.92 20.59
C GLU D 113 5.00 -31.66 21.91
N TYR D 114 4.67 -30.40 22.15
CA TYR D 114 3.90 -29.97 23.30
C TYR D 114 2.61 -30.78 23.45
N VAL D 115 1.86 -30.95 22.36
CA VAL D 115 0.61 -31.71 22.40
C VAL D 115 0.87 -33.21 22.60
N LYS D 116 1.86 -33.76 21.91
CA LYS D 116 2.26 -35.17 22.05
C LYS D 116 2.47 -35.57 23.49
N ASN D 117 3.06 -34.67 24.27
CA ASN D 117 3.43 -34.93 25.65
C ASN D 117 2.42 -34.45 26.68
N GLY D 118 1.18 -34.25 26.30
CA GLY D 118 0.14 -33.96 27.28
C GLY D 118 -0.62 -32.65 27.19
N GLY D 119 -0.01 -31.63 26.58
CA GLY D 119 -0.63 -30.29 26.48
C GLY D 119 -1.89 -30.27 25.63
N GLY D 120 -2.86 -29.44 26.01
CA GLY D 120 -4.08 -29.22 25.20
C GLY D 120 -3.89 -28.14 24.12
N LEU D 121 -4.65 -28.24 23.04
CA LEU D 121 -4.61 -27.24 21.97
C LEU D 121 -6.02 -26.91 21.48
N LEU D 122 -6.36 -25.63 21.51
CA LEU D 122 -7.58 -25.13 20.88
C LEU D 122 -7.25 -24.20 19.69
N ILE D 124 -9.42 -21.54 17.41
CA ILE D 124 -10.70 -20.86 17.22
C ILE D 124 -10.72 -20.32 15.79
N GLY D 125 -11.90 -20.33 15.17
CA GLY D 125 -12.06 -19.97 13.75
C GLY D 125 -11.95 -18.48 13.50
N GLY D 126 -11.74 -18.12 12.23
CA GLY D 126 -11.51 -16.73 11.80
C GLY D 126 -10.84 -16.67 10.44
N TYR D 127 -10.56 -15.46 9.97
CA TYR D 127 -9.97 -15.26 8.62
C TYR D 127 -8.55 -15.74 8.55
N LEU D 128 -7.87 -15.72 9.71
CA LEU D 128 -6.50 -16.23 9.80
C LEU D 128 -6.32 -17.49 10.66
N SER D 129 -7.41 -18.25 10.79
CA SER D 129 -7.37 -19.59 11.33
C SER D 129 -7.59 -20.62 10.20
N PHE D 130 -7.27 -21.89 10.46
CA PHE D 130 -7.59 -22.97 9.52
C PHE D 130 -7.04 -22.69 8.13
N GLY D 132 -8.80 -20.03 6.01
CA GLY D 132 -9.06 -18.60 6.13
C GLY D 132 -9.25 -17.81 4.84
N ILE D 133 -9.30 -16.48 4.98
CA ILE D 133 -9.43 -15.61 3.83
C ILE D 133 -8.31 -15.82 2.82
N GLU D 134 -8.68 -16.17 1.59
CA GLU D 134 -7.72 -16.47 0.49
C GLU D 134 -6.73 -17.60 0.81
N ALA D 135 -7.18 -18.51 1.68
CA ALA D 135 -6.38 -19.62 2.23
C ALA D 135 -5.08 -19.18 2.89
N LYS D 136 -5.01 -17.92 3.32
CA LYS D 136 -3.79 -17.34 3.89
C LYS D 136 -3.28 -18.06 5.14
N ALA D 137 -4.19 -18.51 6.01
CA ALA D 137 -3.74 -19.15 7.26
C ALA D 137 -2.92 -20.42 6.93
N ASN D 138 -3.33 -21.10 5.85
CA ASN D 138 -2.54 -22.17 5.23
C ASN D 138 -2.23 -23.36 6.15
N TYR D 139 -3.08 -23.59 7.16
CA TYR D 139 -2.73 -24.57 8.18
C TYR D 139 -2.64 -25.98 7.61
N LYS D 140 -3.49 -26.24 6.62
CA LYS D 140 -3.50 -27.55 5.95
C LYS D 140 -2.14 -28.00 5.45
N ASN D 141 -1.35 -27.08 4.90
CA ASN D 141 -0.07 -27.44 4.29
C ASN D 141 1.11 -27.35 5.28
N THR D 142 0.79 -27.48 6.57
CA THR D 142 1.81 -27.43 7.62
C THR D 142 1.84 -28.69 8.48
N VAL D 143 2.93 -28.83 9.23
CA VAL D 143 3.12 -29.97 10.14
C VAL D 143 2.09 -29.99 11.25
N LEU D 144 1.35 -28.90 11.41
CA LEU D 144 0.31 -28.86 12.41
C LEU D 144 -1.01 -29.51 12.00
N ALA D 145 -1.22 -29.70 10.70
CA ALA D 145 -2.45 -30.32 10.19
C ALA D 145 -2.77 -31.68 10.84
N GLU D 146 -1.78 -32.56 10.97
CA GLU D 146 -1.97 -33.89 11.60
C GLU D 146 -2.38 -33.85 13.06
N VAL D 147 -2.00 -32.78 13.75
CA VAL D 147 -2.34 -32.58 15.15
C VAL D 147 -3.84 -32.31 15.34
N LEU D 148 -4.49 -31.76 14.32
CA LEU D 148 -5.86 -31.23 14.48
C LEU D 148 -6.92 -32.29 14.17
N PRO D 149 -8.05 -32.28 14.92
CA PRO D 149 -9.14 -33.28 14.78
C PRO D 149 -10.10 -33.00 13.60
N VAL D 150 -9.74 -32.06 12.73
CA VAL D 150 -10.53 -31.81 11.52
C VAL D 150 -9.58 -31.88 10.33
N ILE D 151 -10.12 -32.13 9.15
CA ILE D 151 -9.36 -32.03 7.91
C ILE D 151 -9.84 -30.80 7.14
N LEU D 153 -10.24 -27.84 4.08
CA LEU D 153 -10.41 -27.69 2.61
C LEU D 153 -9.11 -27.21 1.97
N ASP D 154 -9.00 -27.33 0.64
CA ASP D 154 -7.79 -26.90 -0.08
C ASP D 154 -7.65 -25.44 -0.52
N GLY D 155 -8.71 -24.65 -0.43
CA GLY D 155 -8.62 -23.23 -0.72
C GLY D 155 -9.26 -22.45 0.42
N ASP D 156 -9.79 -21.26 0.08
CA ASP D 156 -10.52 -20.41 1.04
C ASP D 156 -11.63 -21.25 1.66
N ASP D 157 -11.70 -21.30 2.99
CA ASP D 157 -12.63 -22.21 3.63
C ASP D 157 -13.80 -21.52 4.34
N ARG D 158 -13.91 -20.20 4.18
CA ARG D 158 -14.93 -19.41 4.90
C ARG D 158 -16.32 -19.75 4.40
N VAL D 159 -17.28 -19.89 5.29
CA VAL D 159 -18.67 -19.83 4.90
C VAL D 159 -19.21 -18.52 5.51
N GLU D 160 -19.64 -17.60 4.63
CA GLU D 160 -20.14 -16.30 5.06
C GLU D 160 -21.66 -16.33 5.18
N LYS D 161 -22.16 -16.08 6.38
CA LYS D 161 -23.58 -16.06 6.66
C LYS D 161 -24.03 -14.72 7.26
N PRO D 162 -24.01 -13.63 6.46
CA PRO D 162 -24.35 -12.32 7.08
C PRO D 162 -25.77 -12.24 7.71
N GLU D 163 -26.69 -13.12 7.30
CA GLU D 163 -28.04 -13.20 7.85
C GLU D 163 -28.09 -13.97 9.15
N GLY D 164 -26.97 -14.62 9.48
CA GLY D 164 -26.89 -15.44 10.67
C GLY D 164 -27.44 -16.84 10.52
N ILE D 165 -26.81 -17.76 11.23
CA ILE D 165 -27.26 -19.15 11.30
C ILE D 165 -26.85 -19.74 12.66
N CYS D 166 -27.69 -20.59 13.22
CA CYS D 166 -27.44 -21.02 14.59
C CYS D 166 -26.67 -22.34 14.71
N ALA D 167 -26.04 -22.53 15.86
CA ALA D 167 -25.41 -23.80 16.20
C ALA D 167 -26.49 -24.82 16.53
N GLU D 168 -26.17 -26.09 16.34
CA GLU D 168 -26.91 -27.22 16.92
C GLU D 168 -25.98 -28.03 17.82
N ALA D 169 -26.53 -28.48 18.95
CA ALA D 169 -25.89 -29.55 19.73
C ALA D 169 -26.20 -30.87 19.05
N VAL D 170 -25.17 -31.62 18.71
CA VAL D 170 -25.37 -32.98 18.19
C VAL D 170 -25.01 -34.01 19.26
N SER D 171 -24.12 -33.61 20.17
CA SER D 171 -23.82 -34.35 21.40
C SER D 171 -24.20 -33.50 22.62
N PRO D 172 -25.52 -33.37 22.91
CA PRO D 172 -25.99 -32.47 23.97
C PRO D 172 -25.62 -32.92 25.38
N GLU D 173 -25.37 -34.22 25.54
CA GLU D 173 -24.97 -34.80 26.82
C GLU D 173 -23.45 -34.75 27.06
N HIS D 174 -22.70 -34.19 26.12
CA HIS D 174 -21.26 -34.11 26.24
C HIS D 174 -20.93 -33.20 27.42
N PRO D 175 -19.90 -33.54 28.22
CA PRO D 175 -19.60 -32.75 29.44
C PRO D 175 -19.43 -31.23 29.21
N VAL D 176 -18.75 -30.86 28.12
CA VAL D 176 -18.53 -29.44 27.78
C VAL D 176 -19.84 -28.63 27.61
N VAL D 177 -20.89 -29.26 27.08
CA VAL D 177 -22.16 -28.58 26.75
C VAL D 177 -23.40 -29.15 27.46
N ASN D 178 -23.21 -30.11 28.35
CA ASN D 178 -24.37 -30.69 29.04
C ASN D 178 -25.07 -29.56 29.81
N GLY D 179 -26.39 -29.45 29.64
CA GLY D 179 -27.17 -28.42 30.34
C GLY D 179 -27.31 -27.10 29.60
N PHE D 180 -26.75 -27.02 28.39
CA PHE D 180 -26.86 -25.85 27.53
C PHE D 180 -28.13 -25.93 26.74
N SER D 181 -28.64 -24.79 26.29
CA SER D 181 -29.74 -24.77 25.31
C SER D 181 -29.92 -23.37 24.74
N ASP D 182 -30.94 -23.24 23.89
CA ASP D 182 -31.27 -22.00 23.18
C ASP D 182 -29.99 -21.49 22.51
N TYR D 183 -29.49 -22.30 21.57
CA TYR D 183 -28.18 -22.09 20.92
C TYR D 183 -28.15 -20.87 20.00
N PRO D 184 -27.08 -20.07 20.09
CA PRO D 184 -27.03 -18.79 19.38
C PRO D 184 -26.77 -18.90 17.86
N VAL D 185 -26.55 -17.73 17.29
CA VAL D 185 -26.46 -17.54 15.85
C VAL D 185 -25.07 -16.99 15.57
N PHE D 186 -24.53 -17.32 14.40
CA PHE D 186 -23.19 -16.88 13.98
C PHE D 186 -23.31 -16.33 12.58
N LEU D 187 -22.36 -15.50 12.17
CA LEU D 187 -22.42 -14.89 10.83
C LEU D 187 -21.41 -15.48 9.86
N GLY D 188 -20.69 -16.50 10.34
CA GLY D 188 -19.76 -17.25 9.53
C GLY D 188 -18.96 -18.26 10.33
N TYR D 189 -18.25 -19.13 9.61
CA TYR D 189 -17.31 -20.13 10.17
C TYR D 189 -16.31 -20.58 9.11
N ASN D 190 -15.27 -21.30 9.53
CA ASN D 190 -14.43 -22.04 8.59
C ASN D 190 -15.03 -23.44 8.40
N GLN D 191 -15.24 -23.82 7.14
CA GLN D 191 -15.69 -25.16 6.82
C GLN D 191 -14.53 -26.16 6.84
N ALA D 192 -14.66 -27.17 7.68
CA ALA D 192 -13.72 -28.30 7.71
C ALA D 192 -14.53 -29.57 7.84
N VAL D 193 -13.84 -30.72 7.84
CA VAL D 193 -14.50 -32.00 7.94
C VAL D 193 -13.90 -32.66 9.15
N ALA D 194 -14.74 -33.03 10.10
CA ALA D 194 -14.23 -33.72 11.29
C ALA D 194 -13.54 -35.03 10.87
N ARG D 195 -12.34 -35.27 11.39
CA ARG D 195 -11.75 -36.60 11.33
C ARG D 195 -12.74 -37.61 11.92
N ASP D 196 -12.80 -38.81 11.36
CA ASP D 196 -13.87 -39.71 11.78
C ASP D 196 -13.64 -40.40 13.11
N ASP D 197 -12.44 -40.30 13.69
CA ASP D 197 -12.22 -40.78 15.06
C ASP D 197 -12.43 -39.69 16.11
N ALA D 198 -12.74 -38.47 15.66
CA ALA D 198 -12.95 -37.33 16.53
C ALA D 198 -14.40 -37.27 17.01
N ASP D 199 -14.63 -36.48 18.07
CA ASP D 199 -16.00 -36.24 18.56
C ASP D 199 -16.60 -34.86 18.20
N VAL D 200 -17.63 -34.88 17.36
CA VAL D 200 -18.35 -33.67 16.98
C VAL D 200 -19.47 -33.40 17.99
N VAL D 201 -19.42 -32.25 18.63
CA VAL D 201 -20.34 -31.89 19.71
C VAL D 201 -21.38 -30.86 19.27
N LEU D 202 -20.94 -29.88 18.48
CA LEU D 202 -21.82 -28.86 17.89
C LEU D 202 -21.63 -28.81 16.39
N THR D 203 -22.73 -28.60 15.69
CA THR D 203 -22.66 -28.37 14.26
C THR D 203 -23.23 -27.02 13.90
N ILE D 204 -23.03 -26.66 12.64
CA ILE D 204 -23.53 -25.43 12.11
C ILE D 204 -23.65 -25.58 10.59
N ASN D 205 -24.88 -25.37 10.09
CA ASN D 205 -25.14 -25.39 8.63
C ASN D 205 -24.66 -26.72 8.00
N ASN D 206 -24.95 -27.83 8.67
CA ASN D 206 -24.55 -29.19 8.24
C ASN D 206 -23.06 -29.46 8.32
N ASP D 207 -22.31 -28.59 9.01
CA ASP D 207 -20.87 -28.74 9.15
C ASP D 207 -20.52 -28.79 10.63
N PRO D 208 -19.32 -29.31 10.96
CA PRO D 208 -18.90 -29.25 12.36
C PRO D 208 -18.63 -27.82 12.85
N LEU D 209 -18.97 -27.57 14.11
CA LEU D 209 -18.69 -26.31 14.75
C LEU D 209 -17.74 -26.55 15.93
N LEU D 210 -18.03 -27.57 16.73
CA LEU D 210 -17.19 -27.91 17.87
C LEU D 210 -16.79 -29.38 17.85
N VAL D 211 -15.47 -29.62 17.87
CA VAL D 211 -14.87 -30.92 17.62
C VAL D 211 -13.75 -31.20 18.61
N PHE D 212 -13.83 -32.34 19.29
CA PHE D 212 -12.76 -32.77 20.20
C PHE D 212 -11.99 -33.98 19.66
N GLY D 213 -10.69 -33.96 19.87
CA GLY D 213 -9.88 -35.12 19.55
C GLY D 213 -8.74 -35.32 20.50
N GLU D 214 -7.83 -36.19 20.09
CA GLU D 214 -6.65 -36.53 20.86
C GLU D 214 -5.48 -36.62 19.94
N TYR D 215 -4.30 -36.39 20.49
CA TYR D 215 -3.09 -36.50 19.73
C TYR D 215 -1.98 -37.00 20.63
N GLN D 216 -1.67 -38.29 20.52
CA GLN D 216 -0.85 -39.01 21.50
C GLN D 216 -1.35 -38.68 22.92
N GLN D 217 -0.55 -38.08 23.79
CA GLN D 217 -1.00 -37.80 25.16
C GLN D 217 -1.89 -36.57 25.33
N GLY D 218 -1.86 -35.65 24.35
CA GLY D 218 -2.55 -34.37 24.48
C GLY D 218 -3.97 -34.38 23.95
N LYS D 219 -4.68 -33.28 24.18
CA LYS D 219 -6.05 -33.22 23.75
C LYS D 219 -6.32 -32.00 22.88
N THR D 220 -7.24 -32.13 21.93
CA THR D 220 -7.38 -31.09 20.92
C THR D 220 -8.83 -30.70 20.82
N ALA D 221 -9.06 -29.42 20.55
CA ALA D 221 -10.39 -28.94 20.23
C ALA D 221 -10.30 -27.95 19.07
N CYS D 222 -11.32 -27.94 18.22
CA CYS D 222 -11.50 -26.91 17.21
C CYS D 222 -12.87 -26.31 17.36
N PHE D 223 -12.93 -24.98 17.40
CA PHE D 223 -14.20 -24.26 17.33
C PHE D 223 -14.14 -23.52 15.99
N SER D 225 -16.14 -21.41 14.35
CA SER D 225 -16.45 -19.98 14.23
C SER D 225 -15.54 -19.10 15.09
N ASP D 226 -15.85 -17.82 15.16
CA ASP D 226 -15.04 -16.86 15.91
C ASP D 226 -15.55 -16.71 17.35
N CYS D 227 -14.69 -16.24 18.24
CA CYS D 227 -15.09 -15.90 19.61
C CYS D 227 -15.54 -14.43 19.70
N SER D 228 -15.10 -13.64 18.72
CA SER D 228 -15.47 -12.24 18.64
C SER D 228 -16.17 -11.87 17.32
N PRO D 229 -16.46 -10.56 17.12
CA PRO D 229 -17.07 -10.12 15.87
C PRO D 229 -16.12 -10.22 14.66
N HIS D 230 -16.67 -10.26 13.45
CA HIS D 230 -18.12 -10.21 13.20
C HIS D 230 -18.81 -11.56 13.12
N TRP D 231 -18.05 -12.64 12.96
CA TRP D 231 -18.68 -13.98 12.96
C TRP D 231 -19.36 -14.31 14.29
N GLY D 232 -18.71 -13.97 15.40
CA GLY D 232 -19.36 -14.08 16.71
C GLY D 232 -20.32 -12.92 16.94
N THR D 233 -21.60 -13.24 17.09
CA THR D 233 -22.65 -12.24 17.25
C THR D 233 -23.00 -11.88 18.70
N GLN D 234 -23.81 -10.83 18.85
CA GLN D 234 -24.33 -10.40 20.13
C GLN D 234 -25.12 -11.48 20.82
N GLN D 235 -25.91 -12.24 20.06
CA GLN D 235 -26.65 -13.37 20.59
C GLN D 235 -25.68 -14.37 21.22
N PHE D 236 -24.47 -14.48 20.66
CA PHE D 236 -23.48 -15.45 21.08
C PHE D 236 -22.87 -15.02 22.41
N SER D 238 -23.89 -12.84 24.57
CA SER D 238 -24.90 -12.59 25.59
C SER D 238 -25.60 -13.88 25.98
N TRP D 239 -25.37 -14.94 25.20
CA TRP D 239 -25.94 -16.26 25.49
C TRP D 239 -25.52 -16.68 26.91
N PRO D 240 -26.49 -17.10 27.75
CA PRO D 240 -26.22 -17.48 29.14
C PRO D 240 -25.01 -18.43 29.28
N PHE D 241 -24.85 -19.34 28.32
CA PHE D 241 -23.78 -20.35 28.39
C PHE D 241 -22.47 -20.04 27.64
N TYR D 242 -22.20 -18.76 27.35
CA TYR D 242 -20.98 -18.35 26.63
C TYR D 242 -19.68 -18.61 27.41
N THR D 243 -19.66 -18.19 28.67
CA THR D 243 -18.44 -18.29 29.48
C THR D 243 -18.14 -19.75 29.77
N ASP D 244 -19.19 -20.53 30.00
CA ASP D 244 -19.06 -21.94 30.29
C ASP D 244 -18.56 -22.75 29.09
N LEU D 245 -18.95 -22.34 27.88
CA LEU D 245 -18.47 -22.99 26.67
C LEU D 245 -16.97 -22.97 26.64
N TRP D 246 -16.37 -21.78 26.72
CA TRP D 246 -14.92 -21.62 26.60
C TRP D 246 -14.15 -22.14 27.81
N VAL D 247 -14.68 -21.90 29.01
CA VAL D 247 -14.11 -22.46 30.21
C VAL D 247 -14.19 -24.00 30.17
N ASN D 248 -15.38 -24.53 29.86
CA ASN D 248 -15.53 -25.97 29.76
C ASN D 248 -14.65 -26.63 28.68
N THR D 249 -14.45 -25.98 27.53
CA THR D 249 -13.62 -26.62 26.51
C THR D 249 -12.15 -26.65 26.90
N LEU D 250 -11.68 -25.59 27.57
CA LEU D 250 -10.29 -25.55 28.04
C LEU D 250 -10.04 -26.53 29.16
N GLN D 251 -11.05 -26.71 30.01
CA GLN D 251 -10.97 -27.62 31.14
C GLN D 251 -10.93 -29.05 30.59
N PHE D 252 -11.74 -29.29 29.56
CA PHE D 252 -11.83 -30.61 28.96
C PHE D 252 -10.53 -31.06 28.30
N ILE D 253 -9.77 -30.14 27.75
CA ILE D 253 -8.56 -30.50 27.03
C ILE D 253 -7.26 -30.23 27.81
N ALA D 254 -7.38 -29.59 28.97
CA ALA D 254 -6.23 -29.26 29.81
C ALA D 254 -5.40 -30.50 30.14
N ARG D 255 -4.08 -30.31 30.18
CA ARG D 255 -3.16 -31.29 30.74
C ARG D 255 -3.63 -31.71 32.14
N LYS D 256 -3.53 -33.00 32.44
CA LYS D 256 -3.63 -33.45 33.85
C LYS D 256 -2.26 -33.76 34.45
N LYS E 9 29.29 -26.82 -24.88
CA LYS E 9 30.52 -26.65 -24.04
C LYS E 9 30.69 -25.19 -23.67
N LYS E 10 30.52 -24.30 -24.65
CA LYS E 10 30.51 -22.84 -24.40
C LYS E 10 29.08 -22.29 -24.35
N LEU E 11 28.55 -22.12 -23.13
CA LEU E 11 27.12 -21.89 -22.92
C LEU E 11 26.67 -20.45 -22.89
N LYS E 12 25.68 -20.14 -23.70
CA LYS E 12 24.99 -18.87 -23.64
C LYS E 12 23.66 -19.12 -22.93
N VAL E 13 23.52 -18.55 -21.74
CA VAL E 13 22.32 -18.78 -20.91
C VAL E 13 21.58 -17.47 -20.60
N LEU E 14 20.26 -17.47 -20.77
CA LEU E 14 19.40 -16.36 -20.37
C LEU E 14 18.88 -16.62 -18.96
N PHE E 15 19.22 -15.77 -18.01
CA PHE E 15 18.75 -15.95 -16.64
C PHE E 15 17.66 -14.93 -16.34
N ILE E 16 16.42 -15.41 -16.12
CA ILE E 16 15.30 -14.53 -15.89
C ILE E 16 14.85 -14.54 -14.42
N GLY E 17 14.70 -13.34 -13.86
CA GLY E 17 14.00 -13.19 -12.59
C GLY E 17 14.88 -12.69 -11.50
N GLU E 18 14.67 -13.18 -10.29
CA GLU E 18 15.54 -12.88 -9.13
C GLU E 18 15.75 -11.39 -8.86
N SER E 19 14.68 -10.61 -9.05
CA SER E 19 14.69 -9.20 -8.69
C SER E 19 13.34 -8.78 -8.12
N TRP E 20 13.34 -7.76 -7.30
CA TRP E 20 12.12 -7.27 -6.69
C TRP E 20 12.24 -5.80 -6.26
N HIS E 21 11.07 -5.17 -6.06
N HIS E 21 11.08 -5.15 -6.14
CA HIS E 21 10.95 -3.76 -5.67
CA HIS E 21 11.01 -3.82 -5.59
C HIS E 21 10.07 -3.66 -4.42
C HIS E 21 10.11 -3.88 -4.38
N ILE E 22 10.67 -3.56 -3.23
CA ILE E 22 9.86 -3.47 -2.00
C ILE E 22 9.42 -2.04 -1.78
N HIS E 23 8.12 -1.88 -1.55
CA HIS E 23 7.63 -0.68 -0.93
C HIS E 23 7.44 -0.98 0.55
N ILE E 25 6.10 0.40 4.16
CA ILE E 25 5.33 1.36 4.87
C ILE E 25 5.66 1.20 6.36
N HIS E 26 6.30 2.21 6.94
CA HIS E 26 6.72 2.17 8.36
C HIS E 26 5.71 2.92 9.19
N SER E 27 4.80 2.23 9.86
CA SER E 27 3.79 2.89 10.69
C SER E 27 4.28 3.15 12.12
N LYS E 28 4.30 4.43 12.50
CA LYS E 28 4.70 4.83 13.87
C LYS E 28 3.53 5.53 14.58
N GLY E 29 2.70 4.76 15.26
CA GLY E 29 1.47 5.29 15.81
C GLY E 29 0.48 5.65 14.71
N TYR E 30 0.02 6.88 14.73
CA TYR E 30 -0.85 7.42 13.70
C TYR E 30 -0.15 7.51 12.32
N ASP E 31 1.14 7.89 12.32
CA ASP E 31 1.84 8.28 11.10
C ASP E 31 2.59 7.16 10.43
N SER E 32 2.88 7.35 9.15
CA SER E 32 3.74 6.44 8.41
C SER E 32 4.66 7.21 7.50
N PHE E 33 5.90 6.76 7.39
CA PHE E 33 6.73 7.17 6.28
C PHE E 33 7.04 5.92 5.47
N THR E 34 7.47 6.11 4.23
CA THR E 34 7.74 4.98 3.35
C THR E 34 9.18 4.98 2.88
N SER E 35 9.74 3.80 2.66
CA SER E 35 11.02 3.72 1.96
C SER E 35 10.90 2.64 0.89
N SER E 36 11.55 2.85 -0.24
CA SER E 36 11.40 1.92 -1.35
C SER E 36 12.73 1.38 -1.73
N LYS E 37 12.75 0.08 -2.02
CA LYS E 37 13.98 -0.68 -2.01
C LYS E 37 13.99 -1.67 -3.19
N TYR E 38 14.85 -1.41 -4.17
CA TYR E 38 15.22 -2.41 -5.18
C TYR E 38 16.34 -3.37 -4.67
N GLU E 39 16.23 -4.65 -5.00
CA GLU E 39 17.30 -5.63 -4.74
C GLU E 39 17.31 -6.65 -5.85
N GLU E 40 18.46 -7.26 -6.06
CA GLU E 40 18.59 -8.41 -6.92
C GLU E 40 19.04 -9.58 -6.07
N GLY E 41 18.45 -10.75 -6.30
CA GLY E 41 18.54 -11.86 -5.37
C GLY E 41 19.57 -12.93 -5.64
N ALA E 42 20.08 -12.96 -6.88
CA ALA E 42 21.01 -14.01 -7.31
C ALA E 42 22.41 -13.53 -7.75
N THR E 43 22.85 -12.40 -7.21
CA THR E 43 24.17 -11.84 -7.52
C THR E 43 25.29 -12.88 -7.35
N TRP E 44 25.27 -13.60 -6.23
CA TRP E 44 26.21 -14.70 -5.97
C TRP E 44 26.23 -15.77 -7.07
N LEU E 45 25.07 -16.37 -7.31
CA LEU E 45 24.94 -17.39 -8.34
C LEU E 45 25.50 -16.87 -9.67
N LEU E 46 25.04 -15.71 -10.11
CA LEU E 46 25.46 -15.17 -11.41
C LEU E 46 26.99 -14.96 -11.48
N GLU E 47 27.61 -14.60 -10.36
CA GLU E 47 29.06 -14.49 -10.29
C GLU E 47 29.74 -15.84 -10.45
N CYS E 48 29.14 -16.88 -9.89
CA CYS E 48 29.67 -18.24 -9.98
C CYS E 48 29.58 -18.78 -11.39
N LEU E 49 28.47 -18.52 -12.06
CA LEU E 49 28.30 -18.94 -13.44
C LEU E 49 29.26 -18.21 -14.37
N ARG E 50 29.49 -16.93 -14.09
N ARG E 50 29.50 -16.93 -14.07
CA ARG E 50 30.48 -16.13 -14.82
CA ARG E 50 30.47 -16.12 -14.80
C ARG E 50 31.86 -16.77 -14.73
C ARG E 50 31.85 -16.77 -14.73
N LYS E 51 32.28 -17.07 -13.50
CA LYS E 51 33.59 -17.70 -13.23
C LYS E 51 33.71 -19.11 -13.79
N GLY E 52 32.57 -19.76 -13.99
CA GLY E 52 32.51 -21.14 -14.46
C GLY E 52 32.32 -21.12 -15.96
N GLY E 53 32.49 -19.95 -16.54
CA GLY E 53 32.61 -19.80 -17.99
C GLY E 53 31.31 -19.69 -18.75
N VAL E 54 30.20 -19.51 -18.06
CA VAL E 54 28.92 -19.33 -18.72
C VAL E 54 28.74 -17.87 -19.14
N ASP E 55 28.40 -17.69 -20.41
CA ASP E 55 28.02 -16.40 -20.97
C ASP E 55 26.55 -16.09 -20.58
N ILE E 56 26.35 -15.25 -19.56
CA ILE E 56 24.99 -14.96 -19.04
C ILE E 56 24.41 -13.62 -19.52
N ASP E 57 23.15 -13.64 -19.98
CA ASP E 57 22.32 -12.43 -20.03
C ASP E 57 21.37 -12.43 -18.85
N TYR E 58 21.40 -11.36 -18.08
CA TYR E 58 20.51 -11.22 -16.95
C TYR E 58 19.30 -10.37 -17.30
N PRO E 60 16.15 -9.09 -15.29
CA PRO E 60 15.31 -8.93 -14.10
C PRO E 60 13.83 -8.95 -14.50
N ALA E 61 12.95 -9.28 -13.55
CA ALA E 61 11.50 -9.26 -13.77
C ALA E 61 10.96 -8.03 -14.50
N HIS E 62 11.37 -6.82 -14.09
CA HIS E 62 10.87 -5.59 -14.74
C HIS E 62 11.16 -5.56 -16.24
N THR E 63 12.27 -6.15 -16.66
CA THR E 63 12.66 -6.16 -18.06
C THR E 63 11.80 -7.10 -18.92
N VAL E 64 11.27 -8.17 -18.31
CA VAL E 64 10.28 -9.01 -19.00
C VAL E 64 9.02 -8.19 -19.32
N GLN E 65 8.58 -7.34 -18.38
CA GLN E 65 7.42 -6.45 -18.52
C GLN E 65 7.54 -5.46 -19.69
N ILE E 66 8.70 -4.81 -19.80
CA ILE E 66 9.01 -3.80 -20.82
C ILE E 66 9.45 -4.37 -22.17
N ALA E 67 10.20 -5.47 -22.13
CA ALA E 67 11.10 -5.81 -23.24
C ALA E 67 11.40 -7.28 -23.41
N PHE E 68 10.46 -8.15 -23.05
CA PHE E 68 10.64 -9.57 -23.35
C PHE E 68 10.67 -9.77 -24.87
N PRO E 69 11.64 -10.56 -25.38
CA PRO E 69 11.78 -10.80 -26.83
C PRO E 69 10.51 -11.37 -27.49
N GLU E 70 10.02 -10.69 -28.53
CA GLU E 70 8.91 -11.17 -29.36
C GLU E 70 9.30 -12.29 -30.34
N SER E 71 10.58 -12.33 -30.72
CA SER E 71 11.04 -13.26 -31.75
C SER E 71 11.58 -14.56 -31.15
N ILE E 72 11.14 -15.68 -31.70
CA ILE E 72 11.69 -16.97 -31.29
C ILE E 72 13.15 -17.11 -31.71
N ASP E 73 13.52 -16.48 -32.84
CA ASP E 73 14.91 -16.51 -33.35
C ASP E 73 15.86 -15.91 -32.33
N GLU E 74 15.34 -14.93 -31.59
CA GLU E 74 16.06 -14.20 -30.58
C GLU E 74 16.29 -15.05 -29.33
N LEU E 75 15.30 -15.90 -29.01
CA LEU E 75 15.43 -16.88 -27.93
C LEU E 75 16.36 -18.02 -28.33
N ASN E 76 16.35 -18.36 -29.62
CA ASN E 76 17.10 -19.50 -30.15
C ASN E 76 18.61 -19.39 -30.00
N ARG E 77 19.10 -18.18 -29.72
CA ARG E 77 20.52 -17.96 -29.47
C ARG E 77 21.01 -18.60 -28.16
N TYR E 78 20.10 -18.73 -27.20
CA TYR E 78 20.42 -19.28 -25.89
C TYR E 78 20.42 -20.80 -25.88
N ASP E 79 21.38 -21.38 -25.15
CA ASP E 79 21.43 -22.82 -24.95
C ASP E 79 20.48 -23.29 -23.82
N VAL E 80 20.37 -22.49 -22.76
CA VAL E 80 19.43 -22.69 -21.67
C VAL E 80 18.73 -21.37 -21.28
N ILE E 81 17.47 -21.47 -20.86
CA ILE E 81 16.77 -20.38 -20.16
C ILE E 81 16.53 -20.80 -18.71
N VAL E 82 16.90 -19.93 -17.77
CA VAL E 82 16.62 -20.13 -16.35
C VAL E 82 15.56 -19.17 -15.86
N ILE E 83 14.51 -19.69 -15.22
CA ILE E 83 13.46 -18.90 -14.61
C ILE E 83 13.53 -19.09 -13.09
N SER E 84 13.63 -18.00 -12.35
CA SER E 84 13.77 -18.06 -10.92
C SER E 84 13.07 -16.89 -10.23
N ASP E 85 12.17 -17.22 -9.29
CA ASP E 85 11.41 -16.20 -8.53
C ASP E 85 10.78 -15.12 -9.41
N ILE E 86 10.21 -15.56 -10.54
CA ILE E 86 9.34 -14.71 -11.34
C ILE E 86 8.06 -15.48 -11.75
N GLY E 87 6.90 -14.90 -11.44
CA GLY E 87 5.64 -15.58 -11.68
C GLY E 87 5.19 -15.59 -13.15
N SER E 88 4.22 -16.46 -13.44
CA SER E 88 3.68 -16.59 -14.80
C SER E 88 3.01 -15.31 -15.31
N ASN E 89 2.37 -14.56 -14.39
CA ASN E 89 1.69 -13.32 -14.71
C ASN E 89 2.64 -12.32 -15.35
N THR E 90 3.90 -12.32 -14.94
CA THR E 90 4.88 -11.37 -15.48
C THR E 90 5.09 -11.61 -16.97
N PHE E 91 5.26 -12.87 -17.36
CA PHE E 91 5.38 -13.26 -18.76
C PHE E 91 4.10 -13.06 -19.58
N LEU E 92 2.97 -13.44 -19.02
CA LEU E 92 1.68 -13.38 -19.69
C LEU E 92 1.10 -11.98 -19.83
N LEU E 93 1.36 -11.13 -18.83
CA LEU E 93 0.71 -9.82 -18.67
C LEU E 93 1.74 -8.69 -18.71
N GLN E 94 2.56 -8.71 -19.77
CA GLN E 94 3.48 -7.61 -20.06
C GLN E 94 2.69 -6.29 -20.20
N ASN E 95 3.39 -5.19 -19.98
CA ASN E 95 2.81 -3.85 -19.96
C ASN E 95 1.96 -3.46 -21.19
N GLU E 96 2.40 -3.85 -22.37
CA GLU E 96 1.64 -3.59 -23.61
C GLU E 96 0.32 -4.36 -23.65
N THR E 97 0.30 -5.54 -23.03
CA THR E 97 -0.91 -6.34 -22.92
C THR E 97 -1.86 -5.73 -21.90
N PHE E 98 -1.36 -5.50 -20.69
CA PHE E 98 -2.26 -5.21 -19.58
C PHE E 98 -2.69 -3.75 -19.52
N TYR E 99 -1.82 -2.86 -20.00
CA TYR E 99 -2.12 -1.42 -19.98
C TYR E 99 -2.47 -0.80 -21.34
N GLN E 100 -1.82 -1.26 -22.42
CA GLN E 100 -1.80 -0.53 -23.70
C GLN E 100 -2.71 -1.07 -24.81
N LEU E 101 -3.54 -2.05 -24.49
CA LEU E 101 -4.50 -2.64 -25.45
C LEU E 101 -3.90 -3.32 -26.71
N LYS E 102 -2.65 -3.75 -26.66
CA LYS E 102 -2.03 -4.41 -27.82
C LYS E 102 -2.18 -5.94 -27.75
N ILE E 103 -2.22 -6.56 -28.91
CA ILE E 103 -2.03 -8.00 -29.05
C ILE E 103 -0.53 -8.19 -29.15
N LYS E 104 -0.04 -9.31 -28.65
CA LYS E 104 1.37 -9.43 -28.35
C LYS E 104 1.64 -10.93 -28.34
N PRO E 105 2.85 -11.37 -28.78
CA PRO E 105 3.08 -12.81 -28.74
C PRO E 105 3.19 -13.32 -27.29
N ASN E 106 2.75 -14.55 -27.07
CA ASN E 106 2.69 -15.15 -25.74
C ASN E 106 4.06 -15.66 -25.30
N ALA E 107 4.61 -15.04 -24.25
CA ALA E 107 6.02 -15.30 -23.85
C ALA E 107 6.22 -16.74 -23.44
N LEU E 108 5.18 -17.33 -22.86
CA LEU E 108 5.27 -18.71 -22.38
C LEU E 108 5.16 -19.69 -23.56
N GLU E 109 4.34 -19.34 -24.57
CA GLU E 109 4.37 -20.08 -25.85
C GLU E 109 5.77 -20.03 -26.48
N SER E 110 6.39 -18.84 -26.49
CA SER E 110 7.72 -18.66 -27.07
C SER E 110 8.71 -19.57 -26.40
N ILE E 111 8.71 -19.54 -25.06
CA ILE E 111 9.58 -20.39 -24.25
C ILE E 111 9.33 -21.87 -24.54
N LYS E 112 8.05 -22.24 -24.66
CA LYS E 112 7.66 -23.60 -25.01
C LYS E 112 8.26 -24.04 -26.36
N GLU E 113 8.04 -23.24 -27.40
CA GLU E 113 8.61 -23.52 -28.74
C GLU E 113 10.15 -23.58 -28.76
N TYR E 114 10.78 -22.71 -27.99
CA TYR E 114 12.21 -22.71 -27.82
C TYR E 114 12.66 -24.07 -27.25
N VAL E 115 11.93 -24.58 -26.24
CA VAL E 115 12.23 -25.92 -25.72
C VAL E 115 11.94 -27.03 -26.75
N LYS E 116 10.77 -27.00 -27.40
CA LYS E 116 10.42 -28.01 -28.43
C LYS E 116 11.53 -28.18 -29.43
N ASN E 117 12.16 -27.05 -29.78
CA ASN E 117 13.16 -27.01 -30.82
C ASN E 117 14.59 -27.14 -30.31
N GLY E 118 14.77 -27.59 -29.07
CA GLY E 118 16.09 -27.98 -28.59
C GLY E 118 16.68 -27.16 -27.47
N GLY E 119 16.04 -26.04 -27.14
CA GLY E 119 16.46 -25.27 -25.98
C GLY E 119 16.34 -26.00 -24.65
N GLY E 120 17.18 -25.61 -23.69
CA GLY E 120 17.03 -26.06 -22.31
C GLY E 120 16.29 -25.07 -21.40
N LEU E 121 15.61 -25.63 -20.39
CA LEU E 121 14.84 -24.83 -19.45
C LEU E 121 15.11 -25.33 -18.04
N LEU E 122 15.54 -24.41 -17.17
CA LEU E 122 15.66 -24.70 -15.76
C LEU E 122 14.77 -23.74 -14.98
N ILE E 124 13.99 -22.65 -11.03
CA ILE E 124 14.51 -22.70 -9.67
C ILE E 124 13.40 -22.30 -8.71
N GLY E 125 13.24 -23.06 -7.63
CA GLY E 125 12.15 -22.84 -6.69
C GLY E 125 12.20 -21.56 -5.88
N GLY E 126 11.04 -21.20 -5.32
CA GLY E 126 10.89 -19.96 -4.54
C GLY E 126 9.44 -19.54 -4.41
N TYR E 127 9.22 -18.36 -3.81
CA TYR E 127 7.88 -17.86 -3.53
C TYR E 127 7.15 -17.50 -4.83
N LEU E 128 7.89 -17.08 -5.86
CA LEU E 128 7.30 -16.78 -7.18
C LEU E 128 7.71 -17.75 -8.29
N SER E 129 7.98 -18.97 -7.85
CA SER E 129 8.21 -20.10 -8.74
C SER E 129 7.12 -21.17 -8.50
N PHE E 130 6.95 -22.05 -9.49
CA PHE E 130 5.99 -23.16 -9.43
C PHE E 130 4.60 -22.65 -9.08
N GLY E 132 4.09 -21.54 -5.58
CA GLY E 132 4.64 -20.55 -4.66
C GLY E 132 3.70 -20.01 -3.61
N ILE E 133 4.09 -18.89 -3.01
CA ILE E 133 3.33 -18.29 -1.92
C ILE E 133 1.94 -17.85 -2.38
N GLU E 134 0.93 -18.30 -1.63
CA GLU E 134 -0.47 -18.12 -2.00
C GLU E 134 -0.81 -18.58 -3.43
N ALA E 135 0.02 -19.44 -4.03
CA ALA E 135 -0.18 -19.95 -5.40
C ALA E 135 -0.11 -18.85 -6.49
N LYS E 136 0.60 -17.77 -6.19
CA LYS E 136 0.67 -16.60 -7.07
C LYS E 136 1.47 -16.83 -8.35
N ALA E 137 2.53 -17.66 -8.26
CA ALA E 137 3.37 -17.97 -9.41
C ALA E 137 2.52 -18.66 -10.46
N ASN E 138 1.58 -19.49 -9.98
CA ASN E 138 0.46 -20.00 -10.77
C ASN E 138 0.82 -20.80 -12.04
N TYR E 139 2.01 -21.37 -12.11
CA TYR E 139 2.51 -21.99 -13.32
C TYR E 139 1.71 -23.20 -13.81
N LYS E 140 0.97 -23.84 -12.90
CA LYS E 140 0.22 -25.07 -13.21
C LYS E 140 -0.94 -24.79 -14.17
N ASN E 141 -1.46 -23.58 -14.09
CA ASN E 141 -2.58 -23.13 -14.88
C ASN E 141 -2.14 -22.36 -16.12
N THR E 142 -0.91 -22.62 -16.55
CA THR E 142 -0.34 -21.97 -17.74
C THR E 142 0.14 -23.01 -18.74
N VAL E 143 0.38 -22.56 -19.97
CA VAL E 143 0.84 -23.46 -21.04
C VAL E 143 2.26 -24.01 -20.82
N LEU E 144 2.91 -23.56 -19.74
CA LEU E 144 4.24 -24.03 -19.40
C LEU E 144 4.25 -25.31 -18.53
N ALA E 145 3.15 -25.58 -17.82
CA ALA E 145 3.06 -26.78 -16.97
C ALA E 145 3.47 -28.07 -17.72
N GLU E 146 2.98 -28.27 -18.94
CA GLU E 146 3.32 -29.47 -19.74
C GLU E 146 4.78 -29.59 -20.13
N VAL E 147 5.52 -28.48 -20.06
CA VAL E 147 6.94 -28.49 -20.43
C VAL E 147 7.78 -29.01 -19.25
N LEU E 148 7.32 -28.79 -18.03
CA LEU E 148 8.16 -29.09 -16.85
C LEU E 148 8.15 -30.56 -16.49
N PRO E 149 9.27 -31.09 -15.94
CA PRO E 149 9.30 -32.52 -15.63
C PRO E 149 8.68 -32.87 -14.26
N VAL E 150 7.91 -31.94 -13.70
CA VAL E 150 7.19 -32.17 -12.43
C VAL E 150 5.72 -31.78 -12.59
N ILE E 151 4.88 -32.32 -11.71
CA ILE E 151 3.46 -31.93 -11.66
C ILE E 151 3.31 -31.13 -10.37
N LEU E 153 1.35 -28.74 -7.26
CA LEU E 153 0.15 -28.81 -6.40
C LEU E 153 -0.94 -27.85 -6.88
N ASP E 154 -2.14 -27.96 -6.32
CA ASP E 154 -3.27 -27.09 -6.68
C ASP E 154 -3.37 -25.78 -5.90
N GLY E 155 -2.57 -25.63 -4.84
CA GLY E 155 -2.50 -24.38 -4.13
C GLY E 155 -1.05 -24.03 -3.80
N ASP E 156 -0.90 -23.24 -2.74
CA ASP E 156 0.41 -22.89 -2.19
C ASP E 156 1.18 -24.16 -1.92
N ASP E 157 2.41 -24.21 -2.45
CA ASP E 157 3.19 -25.43 -2.53
C ASP E 157 4.50 -25.37 -1.73
N ARG E 158 4.63 -24.33 -0.91
CA ARG E 158 5.78 -24.13 -0.06
C ARG E 158 5.80 -25.18 1.05
N VAL E 159 6.99 -25.70 1.31
CA VAL E 159 7.26 -26.41 2.53
C VAL E 159 8.29 -25.55 3.27
N GLU E 160 7.86 -24.99 4.38
CA GLU E 160 8.78 -24.16 5.21
C GLU E 160 9.46 -25.05 6.27
N LYS E 161 10.78 -25.02 6.27
CA LYS E 161 11.60 -25.73 7.24
C LYS E 161 12.61 -24.78 7.95
N PRO E 162 12.13 -23.88 8.84
CA PRO E 162 13.04 -22.98 9.55
C PRO E 162 14.20 -23.68 10.27
N GLU E 163 14.00 -24.93 10.70
CA GLU E 163 15.02 -25.72 11.41
C GLU E 163 16.03 -26.28 10.43
N GLY E 164 15.68 -26.26 9.15
CA GLY E 164 16.53 -26.81 8.10
C GLY E 164 16.39 -28.30 7.90
N ILE E 165 16.49 -28.72 6.65
CA ILE E 165 16.70 -30.11 6.31
C ILE E 165 17.66 -30.16 5.15
N CYS E 166 18.45 -31.22 5.10
CA CYS E 166 19.47 -31.39 4.07
C CYS E 166 18.97 -32.09 2.82
N ALA E 167 19.62 -31.80 1.70
CA ALA E 167 19.38 -32.50 0.46
C ALA E 167 20.00 -33.89 0.57
N GLU E 168 19.51 -34.81 -0.26
CA GLU E 168 20.07 -36.15 -0.35
C GLU E 168 20.16 -36.60 -1.80
N ALA E 169 21.25 -37.30 -2.14
CA ALA E 169 21.37 -37.86 -3.48
C ALA E 169 20.68 -39.22 -3.52
N VAL E 170 19.71 -39.35 -4.42
CA VAL E 170 19.08 -40.66 -4.71
C VAL E 170 19.62 -41.28 -6.00
N SER E 171 20.28 -40.46 -6.83
CA SER E 171 21.09 -40.96 -7.93
C SER E 171 22.46 -40.29 -7.94
N PRO E 172 23.33 -40.63 -6.95
CA PRO E 172 24.63 -39.99 -6.77
C PRO E 172 25.66 -40.29 -7.89
N GLU E 173 25.34 -41.22 -8.78
CA GLU E 173 26.18 -41.53 -9.94
C GLU E 173 25.79 -40.72 -11.19
N HIS E 174 24.68 -39.98 -11.10
CA HIS E 174 24.22 -39.14 -12.20
C HIS E 174 25.32 -38.12 -12.50
N PRO E 175 25.68 -37.95 -13.78
CA PRO E 175 26.76 -37.02 -14.21
C PRO E 175 26.77 -35.66 -13.52
N VAL E 176 25.60 -35.06 -13.30
CA VAL E 176 25.49 -33.71 -12.71
C VAL E 176 26.01 -33.64 -11.28
N VAL E 177 25.76 -34.69 -10.50
CA VAL E 177 26.06 -34.67 -9.08
C VAL E 177 27.17 -35.64 -8.67
N ASN E 178 27.64 -36.44 -9.62
CA ASN E 178 28.68 -37.40 -9.31
C ASN E 178 29.90 -36.78 -8.61
N GLY E 179 30.26 -37.34 -7.46
CA GLY E 179 31.40 -36.86 -6.68
C GLY E 179 31.07 -35.87 -5.57
N PHE E 180 29.83 -35.38 -5.54
CA PHE E 180 29.42 -34.38 -4.55
C PHE E 180 29.31 -35.06 -3.19
N SER E 181 29.48 -34.30 -2.12
CA SER E 181 29.40 -34.87 -0.77
C SER E 181 29.00 -33.79 0.21
N ASP E 182 28.67 -34.19 1.43
CA ASP E 182 28.38 -33.25 2.51
C ASP E 182 27.32 -32.23 2.09
N TYR E 183 26.17 -32.76 1.67
CA TYR E 183 25.04 -31.98 1.21
C TYR E 183 24.54 -31.00 2.27
N PRO E 184 24.25 -29.76 1.85
CA PRO E 184 23.88 -28.72 2.82
C PRO E 184 22.41 -28.74 3.24
N VAL E 185 22.10 -27.87 4.19
CA VAL E 185 20.76 -27.68 4.70
C VAL E 185 20.03 -26.58 3.90
N PHE E 186 18.72 -26.75 3.75
CA PHE E 186 17.81 -25.81 3.09
C PHE E 186 16.69 -25.50 4.05
N LEU E 187 16.15 -24.28 3.96
CA LEU E 187 15.14 -23.85 4.93
C LEU E 187 13.70 -23.94 4.37
N GLY E 188 13.58 -24.60 3.22
CA GLY E 188 12.29 -24.65 2.53
C GLY E 188 12.43 -25.04 1.07
N TYR E 189 11.30 -25.38 0.46
CA TYR E 189 11.25 -25.80 -0.93
C TYR E 189 9.81 -25.78 -1.44
N ASN E 190 9.66 -25.79 -2.77
CA ASN E 190 8.37 -26.01 -3.42
C ASN E 190 8.13 -27.50 -3.58
N GLN E 191 6.98 -27.96 -3.07
CA GLN E 191 6.63 -29.38 -3.17
C GLN E 191 6.00 -29.72 -4.50
N ALA E 192 6.59 -30.66 -5.22
CA ALA E 192 6.02 -31.11 -6.49
C ALA E 192 6.15 -32.64 -6.59
N VAL E 193 5.50 -33.22 -7.58
CA VAL E 193 5.60 -34.64 -7.84
C VAL E 193 6.32 -34.77 -9.19
N ALA E 194 7.38 -35.58 -9.20
CA ALA E 194 8.09 -35.86 -10.46
C ALA E 194 7.16 -36.58 -11.45
N ARG E 195 7.19 -36.19 -12.74
CA ARG E 195 6.53 -37.01 -13.75
C ARG E 195 7.20 -38.41 -13.71
N ASP E 196 6.43 -39.49 -13.83
CA ASP E 196 7.03 -40.85 -13.70
C ASP E 196 7.92 -41.17 -14.91
N ASP E 197 8.02 -40.14 -15.72
CA ASP E 197 8.78 -40.02 -16.93
C ASP E 197 10.20 -39.54 -16.64
N ALA E 198 10.32 -38.73 -15.58
CA ALA E 198 11.47 -37.91 -15.34
C ALA E 198 12.47 -38.60 -14.42
N ASP E 199 13.66 -38.02 -14.31
CA ASP E 199 14.73 -38.58 -13.50
C ASP E 199 14.91 -37.75 -12.25
N VAL E 200 14.55 -38.29 -11.10
CA VAL E 200 14.80 -37.66 -9.80
C VAL E 200 16.23 -37.94 -9.31
N VAL E 201 17.01 -36.89 -9.09
CA VAL E 201 18.43 -37.06 -8.75
C VAL E 201 18.73 -36.75 -7.29
N LEU E 202 18.05 -35.73 -6.75
CA LEU E 202 18.22 -35.33 -5.36
C LEU E 202 16.85 -35.18 -4.74
N THR E 203 16.75 -35.42 -3.44
CA THR E 203 15.48 -35.27 -2.73
C THR E 203 15.70 -34.43 -1.49
N ILE E 204 14.59 -33.98 -0.91
CA ILE E 204 14.62 -33.15 0.26
C ILE E 204 13.35 -33.57 0.99
N ASN E 205 13.48 -34.01 2.25
CA ASN E 205 12.30 -34.44 3.04
C ASN E 205 11.52 -35.53 2.28
N ASN E 206 12.28 -36.34 1.55
CA ASN E 206 11.72 -37.37 0.67
C ASN E 206 10.91 -36.85 -0.53
N ASP E 207 10.82 -35.54 -0.71
CA ASP E 207 10.19 -34.98 -1.92
C ASP E 207 11.27 -34.75 -2.97
N PRO E 208 10.89 -34.68 -4.26
CA PRO E 208 11.96 -34.43 -5.24
C PRO E 208 12.60 -33.05 -5.01
N LEU E 209 13.90 -32.96 -5.28
CA LEU E 209 14.62 -31.67 -5.21
C LEU E 209 15.25 -31.29 -6.55
N LEU E 210 15.97 -32.24 -7.16
CA LEU E 210 16.53 -32.02 -8.49
C LEU E 210 15.98 -33.06 -9.45
N VAL E 211 15.35 -32.60 -10.53
CA VAL E 211 14.63 -33.46 -11.47
C VAL E 211 14.98 -33.07 -12.91
N PHE E 212 15.31 -34.09 -13.71
CA PHE E 212 15.63 -33.89 -15.14
C PHE E 212 14.59 -34.54 -16.05
N GLY E 213 14.24 -33.85 -17.12
CA GLY E 213 13.37 -34.46 -18.11
C GLY E 213 13.65 -34.03 -19.53
N GLU E 214 12.73 -34.33 -20.43
CA GLU E 214 12.84 -33.91 -21.80
C GLU E 214 11.50 -33.43 -22.26
N TYR E 215 11.51 -32.57 -23.27
CA TYR E 215 10.30 -32.09 -23.89
C TYR E 215 10.56 -31.85 -25.37
N GLN E 216 10.09 -32.80 -26.19
CA GLN E 216 10.42 -32.87 -27.62
C GLN E 216 11.95 -32.81 -27.78
N GLN E 217 12.51 -31.88 -28.56
CA GLN E 217 13.98 -31.80 -28.72
C GLN E 217 14.74 -31.27 -27.49
N GLY E 218 14.08 -30.47 -26.67
CA GLY E 218 14.75 -29.82 -25.53
C GLY E 218 14.84 -30.63 -24.25
N LYS E 219 15.61 -30.12 -23.31
CA LYS E 219 15.86 -30.79 -22.05
C LYS E 219 15.51 -29.87 -20.90
N THR E 220 15.05 -30.48 -19.81
CA THR E 220 14.44 -29.72 -18.75
C THR E 220 15.00 -30.11 -17.39
N ALA E 221 14.90 -29.17 -16.46
CA ALA E 221 15.37 -29.37 -15.11
C ALA E 221 14.57 -28.51 -14.15
N CYS E 222 14.38 -29.03 -12.94
CA CYS E 222 13.71 -28.25 -11.91
C CYS E 222 14.53 -28.42 -10.65
N PHE E 223 14.84 -27.30 -9.99
CA PHE E 223 15.45 -27.36 -8.69
C PHE E 223 14.43 -26.78 -7.74
N SER E 225 14.13 -26.08 -4.49
CA SER E 225 14.40 -25.05 -3.50
C SER E 225 15.05 -23.86 -4.19
N ASP E 226 15.49 -22.90 -3.40
CA ASP E 226 16.00 -21.64 -3.91
C ASP E 226 17.54 -21.66 -4.12
N CYS E 227 18.03 -20.76 -4.98
CA CYS E 227 19.48 -20.60 -5.12
C CYS E 227 20.00 -19.57 -4.11
N SER E 228 19.11 -18.93 -3.38
CA SER E 228 19.39 -17.78 -2.54
C SER E 228 18.60 -17.86 -1.21
N PRO E 229 18.94 -17.01 -0.23
CA PRO E 229 18.20 -16.95 1.06
C PRO E 229 16.75 -16.55 0.83
N HIS E 230 15.84 -16.89 1.75
CA HIS E 230 16.20 -17.65 2.98
C HIS E 230 16.24 -19.18 2.84
N TRP E 231 15.62 -19.74 1.79
CA TRP E 231 15.60 -21.19 1.59
C TRP E 231 16.98 -21.75 1.27
N GLY E 232 17.70 -21.09 0.38
CA GLY E 232 19.11 -21.40 0.13
C GLY E 232 19.92 -20.82 1.28
N THR E 233 20.55 -21.68 2.07
CA THR E 233 21.30 -21.21 3.24
C THR E 233 22.69 -20.72 2.86
N GLN E 234 23.28 -19.90 3.74
CA GLN E 234 24.67 -19.46 3.57
C GLN E 234 25.56 -20.67 3.42
N GLN E 235 25.23 -21.74 4.14
CA GLN E 235 25.93 -23.02 4.04
C GLN E 235 25.83 -23.60 2.62
N PHE E 236 24.68 -23.43 2.00
CA PHE E 236 24.50 -23.89 0.62
C PHE E 236 25.33 -23.04 -0.36
N SER E 238 28.12 -21.41 0.18
CA SER E 238 29.56 -21.62 0.34
C SER E 238 29.91 -23.11 0.36
N TRP E 239 28.92 -23.94 0.03
CA TRP E 239 29.14 -25.36 -0.21
C TRP E 239 30.09 -25.50 -1.41
N PRO E 240 31.13 -26.35 -1.29
CA PRO E 240 32.16 -26.52 -2.32
C PRO E 240 31.61 -26.90 -3.68
N PHE E 241 30.42 -27.47 -3.72
CA PHE E 241 29.85 -27.93 -4.98
C PHE E 241 28.71 -27.06 -5.50
N TYR E 242 28.55 -25.87 -4.91
CA TYR E 242 27.51 -24.96 -5.34
C TYR E 242 27.65 -24.65 -6.83
N THR E 243 28.87 -24.27 -7.24
CA THR E 243 29.13 -23.83 -8.60
C THR E 243 28.93 -24.96 -9.56
N ASP E 244 29.53 -26.11 -9.26
CA ASP E 244 29.47 -27.28 -10.13
C ASP E 244 28.04 -27.78 -10.30
N LEU E 245 27.24 -27.68 -9.23
CA LEU E 245 25.84 -28.08 -9.29
C LEU E 245 25.13 -27.32 -10.40
N TRP E 246 25.14 -26.00 -10.32
CA TRP E 246 24.42 -25.16 -11.25
C TRP E 246 25.02 -25.22 -12.65
N VAL E 247 26.36 -25.25 -12.70
CA VAL E 247 27.09 -25.32 -13.96
C VAL E 247 26.83 -26.65 -14.64
N ASN E 248 26.99 -27.75 -13.91
CA ASN E 248 26.70 -29.10 -14.44
C ASN E 248 25.26 -29.24 -14.90
N THR E 249 24.29 -28.68 -14.16
CA THR E 249 22.90 -28.86 -14.58
C THR E 249 22.58 -28.03 -15.81
N LEU E 250 23.16 -26.83 -15.88
CA LEU E 250 23.06 -26.01 -17.10
C LEU E 250 23.60 -26.77 -18.30
N GLN E 251 24.77 -27.35 -18.12
CA GLN E 251 25.50 -28.09 -19.15
C GLN E 251 24.77 -29.39 -19.55
N PHE E 252 24.17 -30.05 -18.56
CA PHE E 252 23.42 -31.28 -18.82
C PHE E 252 22.24 -31.09 -19.79
N ILE E 253 21.52 -29.99 -19.61
CA ILE E 253 20.28 -29.72 -20.36
C ILE E 253 20.48 -28.77 -21.56
N ALA E 254 21.72 -28.30 -21.77
CA ALA E 254 22.00 -27.35 -22.86
C ALA E 254 21.67 -27.89 -24.25
N ARG E 255 21.30 -26.98 -25.13
CA ARG E 255 21.18 -27.30 -26.55
C ARG E 255 22.40 -28.08 -27.09
N LYS E 256 22.10 -29.10 -27.90
CA LYS E 256 23.03 -29.71 -28.88
C LYS E 256 22.85 -31.21 -28.96
N LEU F 11 -37.40 -3.73 -21.50
CA LEU F 11 -36.43 -4.40 -20.57
C LEU F 11 -35.81 -3.48 -19.52
N LYS F 12 -36.06 -3.80 -18.25
CA LYS F 12 -35.37 -3.15 -17.14
C LYS F 12 -34.27 -4.04 -16.55
N VAL F 13 -33.04 -3.53 -16.55
CA VAL F 13 -31.87 -4.33 -16.19
C VAL F 13 -31.07 -3.64 -15.11
N LEU F 14 -30.80 -4.38 -14.02
CA LEU F 14 -29.85 -3.96 -12.97
C LEU F 14 -28.46 -4.48 -13.32
N PHE F 15 -27.51 -3.56 -13.45
CA PHE F 15 -26.17 -3.92 -13.84
C PHE F 15 -25.20 -3.58 -12.72
N ILE F 16 -24.56 -4.62 -12.20
CA ILE F 16 -23.78 -4.50 -10.96
C ILE F 16 -22.31 -4.75 -11.23
N GLY F 17 -21.47 -3.83 -10.79
CA GLY F 17 -20.03 -4.01 -10.89
C GLY F 17 -19.39 -3.04 -11.85
N GLU F 18 -18.31 -3.51 -12.50
CA GLU F 18 -17.53 -2.71 -13.48
C GLU F 18 -17.07 -1.35 -12.94
N SER F 19 -16.68 -1.33 -11.67
CA SER F 19 -16.17 -0.12 -11.03
C SER F 19 -15.00 -0.42 -10.13
N TRP F 20 -14.06 0.52 -10.05
CA TRP F 20 -12.94 0.33 -9.15
C TRP F 20 -12.31 1.66 -8.74
N HIS F 21 -11.67 1.64 -7.57
N HIS F 21 -11.69 1.65 -7.57
CA HIS F 21 -10.87 2.76 -7.07
CA HIS F 21 -10.83 2.73 -7.14
C HIS F 21 -9.41 2.31 -7.07
C HIS F 21 -9.40 2.22 -7.16
N ILE F 22 -8.56 2.91 -7.93
CA ILE F 22 -7.16 2.57 -8.01
C ILE F 22 -6.35 3.49 -7.10
N HIS F 23 -5.50 2.92 -6.28
CA HIS F 23 -4.52 3.69 -5.55
C HIS F 23 -3.16 3.32 -6.10
N ILE F 25 0.96 3.87 -6.16
CA ILE F 25 2.10 4.27 -5.38
C ILE F 25 3.29 4.27 -6.35
N HIS F 26 3.79 5.44 -6.70
CA HIS F 26 4.83 5.58 -7.70
C HIS F 26 6.15 5.74 -6.96
N SER F 27 6.99 4.71 -6.96
CA SER F 27 8.32 4.78 -6.32
C SER F 27 9.45 5.15 -7.26
N LYS F 28 10.14 6.22 -6.92
CA LYS F 28 11.32 6.67 -7.66
C LYS F 28 12.51 6.58 -6.73
N GLY F 29 13.20 5.45 -6.78
CA GLY F 29 14.27 5.16 -5.82
C GLY F 29 13.73 5.08 -4.41
N TYR F 30 14.25 5.95 -3.55
CA TYR F 30 13.92 5.89 -2.13
C TYR F 30 12.47 6.36 -1.91
N ASP F 31 12.08 7.36 -2.69
CA ASP F 31 10.85 8.09 -2.48
C ASP F 31 9.67 7.51 -3.25
N SER F 32 8.47 7.91 -2.87
CA SER F 32 7.30 7.58 -3.63
C SER F 32 6.22 8.63 -3.44
N PHE F 33 5.47 8.92 -4.49
CA PHE F 33 4.25 9.73 -4.33
C PHE F 33 3.06 8.92 -4.79
N THR F 34 1.85 9.31 -4.37
CA THR F 34 0.67 8.61 -4.76
C THR F 34 -0.30 9.42 -5.63
N SER F 35 -1.08 8.69 -6.42
CA SER F 35 -2.22 9.24 -7.13
C SER F 35 -3.34 8.21 -7.07
N SER F 36 -4.57 8.69 -6.97
CA SER F 36 -5.71 7.80 -6.88
C SER F 36 -6.75 8.15 -7.94
N LYS F 37 -7.56 7.17 -8.32
CA LYS F 37 -8.32 7.22 -9.57
C LYS F 37 -9.54 6.31 -9.47
N TYR F 38 -10.74 6.87 -9.60
CA TYR F 38 -11.93 6.05 -9.77
C TYR F 38 -12.23 5.87 -11.26
N GLU F 39 -12.81 4.73 -11.61
CA GLU F 39 -13.04 4.36 -12.99
C GLU F 39 -14.17 3.36 -13.10
N GLU F 40 -14.88 3.46 -14.22
CA GLU F 40 -15.94 2.53 -14.57
C GLU F 40 -15.54 1.84 -15.86
N GLY F 41 -15.92 0.57 -15.98
CA GLY F 41 -15.30 -0.29 -16.99
C GLY F 41 -16.09 -0.62 -18.23
N ALA F 42 -17.42 -0.65 -18.09
CA ALA F 42 -18.32 -1.05 -19.17
C ALA F 42 -19.15 0.15 -19.67
N THR F 43 -18.51 1.30 -19.82
CA THR F 43 -19.18 2.50 -20.29
C THR F 43 -19.74 2.28 -21.70
N TRP F 44 -18.93 1.69 -22.57
CA TRP F 44 -19.31 1.33 -23.93
C TRP F 44 -20.49 0.37 -23.94
N LEU F 45 -20.31 -0.81 -23.34
CA LEU F 45 -21.38 -1.77 -23.19
C LEU F 45 -22.71 -1.12 -22.75
N LEU F 46 -22.68 -0.31 -21.70
CA LEU F 46 -23.90 0.27 -21.16
C LEU F 46 -24.56 1.24 -22.15
N GLU F 47 -23.73 1.86 -22.98
CA GLU F 47 -24.16 2.78 -24.02
C GLU F 47 -24.83 1.97 -25.14
N CYS F 48 -24.15 0.91 -25.60
CA CYS F 48 -24.70 -0.03 -26.58
C CYS F 48 -26.04 -0.62 -26.15
N LEU F 49 -26.15 -0.97 -24.87
CA LEU F 49 -27.38 -1.55 -24.35
C LEU F 49 -28.52 -0.54 -24.29
N ARG F 50 -28.20 0.70 -23.91
CA ARG F 50 -29.19 1.76 -23.88
C ARG F 50 -29.62 2.17 -25.30
N LYS F 51 -28.68 2.19 -26.24
CA LYS F 51 -29.00 2.44 -27.65
C LYS F 51 -29.73 1.30 -28.34
N GLY F 52 -29.62 0.09 -27.80
CA GLY F 52 -30.43 -1.04 -28.23
C GLY F 52 -31.71 -1.16 -27.39
N GLY F 53 -32.07 -0.08 -26.72
CA GLY F 53 -33.39 0.06 -26.10
C GLY F 53 -33.58 -0.55 -24.72
N VAL F 54 -32.48 -0.77 -24.00
CA VAL F 54 -32.54 -1.39 -22.69
C VAL F 54 -32.46 -0.30 -21.62
N ASP F 55 -33.37 -0.38 -20.66
CA ASP F 55 -33.38 0.56 -19.56
C ASP F 55 -32.52 0.02 -18.40
N ILE F 56 -31.37 0.66 -18.21
CA ILE F 56 -30.39 0.15 -17.28
C ILE F 56 -30.26 0.96 -15.99
N ASP F 57 -30.43 0.27 -14.85
CA ASP F 57 -30.01 0.78 -13.54
C ASP F 57 -28.60 0.30 -13.20
N TYR F 58 -27.67 1.25 -13.16
CA TYR F 58 -26.28 0.99 -12.88
C TYR F 58 -25.95 1.10 -11.36
N PRO F 60 -22.68 0.58 -9.16
CA PRO F 60 -21.23 0.30 -9.05
C PRO F 60 -20.95 -0.49 -7.76
N ALA F 61 -19.75 -1.05 -7.63
CA ALA F 61 -19.45 -1.99 -6.53
C ALA F 61 -19.59 -1.34 -5.15
N HIS F 62 -19.14 -0.10 -5.01
CA HIS F 62 -19.28 0.60 -3.74
C HIS F 62 -20.72 0.82 -3.32
N THR F 63 -21.62 0.93 -4.31
CA THR F 63 -23.06 1.06 -4.03
C THR F 63 -23.66 -0.22 -3.41
N VAL F 64 -23.22 -1.39 -3.89
CA VAL F 64 -23.57 -2.68 -3.27
C VAL F 64 -23.21 -2.70 -1.77
N GLN F 65 -22.03 -2.22 -1.43
CA GLN F 65 -21.56 -2.14 -0.05
C GLN F 65 -22.42 -1.28 0.88
N ILE F 66 -23.00 -0.19 0.36
CA ILE F 66 -23.75 0.80 1.15
C ILE F 66 -25.26 0.59 1.06
N ALA F 67 -25.75 0.15 -0.09
CA ALA F 67 -27.18 0.27 -0.34
C ALA F 67 -27.80 -0.85 -1.16
N PHE F 68 -27.22 -2.05 -1.14
CA PHE F 68 -27.84 -3.17 -1.83
C PHE F 68 -29.26 -3.41 -1.27
N PRO F 69 -30.26 -3.53 -2.16
CA PRO F 69 -31.66 -3.74 -1.77
C PRO F 69 -31.86 -4.94 -0.83
N GLU F 70 -32.44 -4.68 0.33
CA GLU F 70 -32.69 -5.72 1.32
C GLU F 70 -33.88 -6.61 1.00
N SER F 71 -34.84 -6.12 0.20
CA SER F 71 -36.04 -6.93 -0.11
C SER F 71 -36.06 -7.43 -1.55
N ILE F 72 -36.55 -8.66 -1.73
CA ILE F 72 -36.65 -9.23 -3.07
C ILE F 72 -37.64 -8.45 -3.94
N ASP F 73 -38.57 -7.72 -3.30
CA ASP F 73 -39.54 -6.86 -4.01
C ASP F 73 -38.89 -5.73 -4.78
N GLU F 74 -37.86 -5.12 -4.19
CA GLU F 74 -37.05 -4.13 -4.89
C GLU F 74 -36.41 -4.77 -6.13
N LEU F 75 -35.94 -6.01 -6.02
CA LEU F 75 -35.24 -6.69 -7.12
C LEU F 75 -36.18 -7.20 -8.21
N ASN F 76 -37.39 -7.58 -7.79
CA ASN F 76 -38.37 -8.21 -8.67
C ASN F 76 -38.86 -7.34 -9.84
N ARG F 77 -38.58 -6.05 -9.76
N ARG F 77 -38.62 -6.05 -9.77
CA ARG F 77 -38.90 -5.10 -10.82
CA ARG F 77 -38.95 -5.18 -10.89
C ARG F 77 -37.89 -5.09 -11.98
C ARG F 77 -38.05 -5.43 -12.10
N TYR F 78 -36.82 -5.87 -11.85
CA TYR F 78 -35.85 -6.06 -12.91
C TYR F 78 -36.13 -7.32 -13.70
N ASP F 79 -35.86 -7.25 -14.99
CA ASP F 79 -36.09 -8.37 -15.90
C ASP F 79 -34.87 -9.28 -15.95
N VAL F 80 -33.70 -8.66 -15.84
CA VAL F 80 -32.42 -9.32 -15.79
C VAL F 80 -31.55 -8.54 -14.79
N ILE F 81 -30.77 -9.27 -13.99
CA ILE F 81 -29.66 -8.66 -13.25
C ILE F 81 -28.34 -9.10 -13.87
N VAL F 82 -27.45 -8.15 -14.12
CA VAL F 82 -26.12 -8.47 -14.64
C VAL F 82 -25.03 -8.22 -13.60
N ILE F 83 -24.09 -9.16 -13.50
CA ILE F 83 -22.95 -9.08 -12.57
C ILE F 83 -21.64 -9.23 -13.33
N SER F 84 -20.75 -8.25 -13.21
CA SER F 84 -19.48 -8.26 -13.91
C SER F 84 -18.41 -7.58 -13.07
N ASP F 85 -17.28 -8.28 -12.89
CA ASP F 85 -16.09 -7.77 -12.17
C ASP F 85 -16.38 -7.23 -10.78
N ILE F 86 -17.22 -7.97 -10.05
CA ILE F 86 -17.52 -7.69 -8.67
C ILE F 86 -17.57 -9.05 -7.92
N GLY F 87 -16.72 -9.21 -6.91
CA GLY F 87 -16.56 -10.50 -6.26
C GLY F 87 -17.62 -10.78 -5.22
N SER F 88 -17.87 -12.06 -4.98
CA SER F 88 -18.81 -12.49 -3.95
C SER F 88 -18.68 -11.76 -2.58
N ASN F 89 -17.45 -11.39 -2.16
CA ASN F 89 -17.23 -10.71 -0.88
C ASN F 89 -17.92 -9.36 -0.76
N THR F 90 -18.02 -8.65 -1.89
CA THR F 90 -18.71 -7.37 -1.94
C THR F 90 -20.20 -7.54 -1.59
N PHE F 91 -20.87 -8.58 -2.09
CA PHE F 91 -22.25 -8.87 -1.71
C PHE F 91 -22.41 -9.35 -0.26
N LEU F 92 -21.49 -10.19 0.17
CA LEU F 92 -21.63 -10.89 1.46
C LEU F 92 -21.15 -10.07 2.62
N LEU F 93 -20.13 -9.24 2.36
CA LEU F 93 -19.52 -8.41 3.41
C LEU F 93 -19.78 -6.89 3.21
N GLN F 94 -21.06 -6.53 3.09
CA GLN F 94 -21.49 -5.12 3.05
C GLN F 94 -21.02 -4.39 4.30
N ASN F 95 -20.95 -3.05 4.22
CA ASN F 95 -20.33 -2.24 5.28
C ASN F 95 -21.00 -2.40 6.64
N GLU F 96 -22.31 -2.54 6.64
CA GLU F 96 -23.03 -2.75 7.89
C GLU F 96 -22.72 -4.10 8.51
N THR F 97 -22.40 -5.06 7.66
CA THR F 97 -21.97 -6.38 8.10
C THR F 97 -20.54 -6.34 8.66
N PHE F 98 -19.62 -5.79 7.87
CA PHE F 98 -18.21 -5.92 8.19
C PHE F 98 -17.68 -4.93 9.24
N TYR F 99 -18.29 -3.76 9.31
CA TYR F 99 -17.79 -2.70 10.17
C TYR F 99 -18.74 -2.33 11.30
N GLN F 100 -20.04 -2.34 11.02
CA GLN F 100 -21.05 -1.82 11.96
C GLN F 100 -21.70 -2.90 12.79
N LEU F 101 -21.27 -4.14 12.55
CA LEU F 101 -21.67 -5.33 13.30
C LEU F 101 -23.19 -5.53 13.30
N LYS F 102 -23.77 -5.25 12.13
CA LYS F 102 -25.18 -5.50 11.90
C LYS F 102 -25.42 -6.90 11.31
N ILE F 103 -26.63 -7.41 11.49
CA ILE F 103 -27.11 -8.61 10.82
C ILE F 103 -27.93 -8.12 9.63
N LYS F 104 -27.66 -8.67 8.46
CA LYS F 104 -28.14 -8.05 7.23
C LYS F 104 -28.71 -9.17 6.39
N PRO F 105 -29.74 -8.88 5.57
CA PRO F 105 -30.17 -9.97 4.69
C PRO F 105 -29.01 -10.35 3.74
N ASN F 106 -28.97 -11.61 3.34
CA ASN F 106 -27.94 -12.09 2.43
C ASN F 106 -28.20 -11.70 0.97
N ALA F 107 -27.34 -10.83 0.41
CA ALA F 107 -27.44 -10.35 -0.98
C ALA F 107 -27.45 -11.47 -2.04
N LEU F 108 -26.58 -12.47 -1.85
CA LEU F 108 -26.55 -13.60 -2.75
C LEU F 108 -27.79 -14.48 -2.66
N GLU F 109 -28.33 -14.67 -1.45
CA GLU F 109 -29.60 -15.36 -1.26
C GLU F 109 -30.75 -14.60 -1.91
N SER F 110 -30.71 -13.27 -1.81
CA SER F 110 -31.73 -12.41 -2.41
C SER F 110 -31.77 -12.58 -3.92
N ILE F 111 -30.61 -12.49 -4.55
CA ILE F 111 -30.43 -12.75 -6.00
C ILE F 111 -30.88 -14.16 -6.34
N LYS F 112 -30.45 -15.13 -5.53
CA LYS F 112 -30.85 -16.52 -5.72
C LYS F 112 -32.38 -16.63 -5.72
N GLU F 113 -33.02 -16.01 -4.74
CA GLU F 113 -34.49 -15.97 -4.66
C GLU F 113 -35.15 -15.26 -5.85
N TYR F 114 -34.55 -14.16 -6.27
CA TYR F 114 -34.98 -13.41 -7.44
C TYR F 114 -35.02 -14.27 -8.73
N VAL F 115 -33.95 -15.02 -8.99
CA VAL F 115 -33.90 -15.91 -10.15
C VAL F 115 -34.96 -17.02 -10.01
N LYS F 116 -34.95 -17.69 -8.87
CA LYS F 116 -35.99 -18.65 -8.48
C LYS F 116 -37.41 -18.26 -8.94
N ASN F 117 -37.73 -16.96 -8.83
CA ASN F 117 -39.05 -16.43 -9.12
C ASN F 117 -39.22 -15.72 -10.47
N GLY F 118 -38.41 -16.11 -11.45
CA GLY F 118 -38.57 -15.62 -12.82
C GLY F 118 -37.51 -14.64 -13.30
N GLY F 119 -36.72 -14.11 -12.38
CA GLY F 119 -35.64 -13.21 -12.73
C GLY F 119 -34.54 -13.85 -13.54
N GLY F 120 -33.96 -13.09 -14.47
CA GLY F 120 -32.86 -13.56 -15.29
C GLY F 120 -31.55 -13.07 -14.69
N LEU F 121 -30.51 -13.89 -14.82
CA LEU F 121 -29.17 -13.55 -14.29
C LEU F 121 -28.06 -13.80 -15.30
N LEU F 122 -27.31 -12.76 -15.61
CA LEU F 122 -26.07 -12.88 -16.38
C LEU F 122 -24.83 -12.63 -15.53
N ILE F 124 -20.73 -11.95 -16.24
CA ILE F 124 -19.73 -11.66 -17.27
C ILE F 124 -18.38 -11.88 -16.63
N GLY F 125 -17.47 -12.50 -17.38
CA GLY F 125 -16.17 -12.86 -16.87
C GLY F 125 -15.17 -11.73 -16.71
N GLY F 126 -14.11 -12.02 -15.98
CA GLY F 126 -13.12 -11.03 -15.61
C GLY F 126 -12.35 -11.48 -14.38
N TYR F 127 -11.42 -10.65 -13.95
CA TYR F 127 -10.60 -10.93 -12.76
C TYR F 127 -11.44 -11.05 -11.48
N LEU F 128 -12.55 -10.33 -11.41
CA LEU F 128 -13.43 -10.39 -10.25
C LEU F 128 -14.78 -11.05 -10.46
N SER F 129 -14.83 -11.95 -11.44
CA SER F 129 -15.98 -12.79 -11.71
C SER F 129 -15.58 -14.27 -11.49
N PHE F 130 -16.57 -15.14 -11.37
CA PHE F 130 -16.33 -16.59 -11.25
C PHE F 130 -15.34 -16.87 -10.10
N GLY F 132 -11.68 -16.12 -10.71
CA GLY F 132 -10.95 -14.88 -10.99
C GLY F 132 -9.49 -14.94 -10.58
N ILE F 133 -8.82 -13.77 -10.58
CA ILE F 133 -7.42 -13.65 -10.21
C ILE F 133 -7.22 -14.06 -8.74
N GLU F 134 -6.24 -14.93 -8.49
CA GLU F 134 -6.03 -15.52 -7.14
C GLU F 134 -7.30 -16.12 -6.51
N ALA F 135 -8.26 -16.49 -7.36
CA ALA F 135 -9.57 -17.02 -6.93
C ALA F 135 -10.34 -16.04 -6.01
N LYS F 136 -10.05 -14.73 -6.13
CA LYS F 136 -10.59 -13.74 -5.21
C LYS F 136 -12.10 -13.54 -5.32
N ALA F 137 -12.66 -13.66 -6.53
CA ALA F 137 -14.12 -13.55 -6.69
C ALA F 137 -14.86 -14.64 -5.91
N ASN F 138 -14.28 -15.85 -5.91
CA ASN F 138 -14.61 -16.90 -4.95
C ASN F 138 -16.06 -17.39 -5.05
N TYR F 139 -16.65 -17.30 -6.25
CA TYR F 139 -18.10 -17.54 -6.34
C TYR F 139 -18.46 -19.00 -6.06
N LYS F 140 -17.55 -19.90 -6.40
CA LYS F 140 -17.77 -21.32 -6.20
C LYS F 140 -18.09 -21.65 -4.76
N ASN F 141 -17.48 -20.91 -3.83
CA ASN F 141 -17.67 -21.23 -2.42
C ASN F 141 -18.82 -20.46 -1.82
N THR F 142 -19.82 -20.17 -2.65
CA THR F 142 -20.98 -19.42 -2.21
C THR F 142 -22.31 -20.05 -2.64
N VAL F 143 -23.39 -19.51 -2.06
CA VAL F 143 -24.74 -19.97 -2.34
C VAL F 143 -25.16 -19.62 -3.76
N LEU F 144 -24.44 -18.71 -4.39
CA LEU F 144 -24.74 -18.37 -5.78
C LEU F 144 -24.20 -19.42 -6.77
N ALA F 145 -23.28 -20.28 -6.33
CA ALA F 145 -22.73 -21.31 -7.20
C ALA F 145 -23.80 -22.13 -7.94
N GLU F 146 -24.78 -22.65 -7.18
CA GLU F 146 -25.90 -23.49 -7.67
C GLU F 146 -26.79 -22.81 -8.70
N VAL F 147 -26.82 -21.48 -8.70
CA VAL F 147 -27.64 -20.72 -9.67
C VAL F 147 -27.08 -20.73 -11.09
N LEU F 148 -25.76 -20.80 -11.22
CA LEU F 148 -25.13 -20.61 -12.52
C LEU F 148 -25.10 -21.89 -13.36
N PRO F 149 -25.21 -21.75 -14.70
CA PRO F 149 -25.18 -22.89 -15.65
C PRO F 149 -23.75 -23.45 -15.91
N VAL F 150 -22.77 -22.99 -15.15
CA VAL F 150 -21.41 -23.53 -15.28
C VAL F 150 -20.92 -24.08 -13.94
N ILE F 151 -19.95 -24.99 -13.99
CA ILE F 151 -19.22 -25.42 -12.81
C ILE F 151 -17.79 -24.86 -12.88
N LEU F 153 -13.78 -23.95 -11.53
CA LEU F 153 -12.58 -24.57 -10.96
C LEU F 153 -12.45 -24.19 -9.50
N ASP F 154 -11.63 -24.96 -8.77
CA ASP F 154 -11.31 -24.72 -7.37
C ASP F 154 -10.27 -23.62 -7.08
N GLY F 155 -9.45 -23.22 -8.07
CA GLY F 155 -8.49 -22.11 -7.83
C GLY F 155 -8.67 -20.97 -8.82
N ASP F 156 -7.60 -20.21 -9.04
CA ASP F 156 -7.54 -19.18 -10.07
C ASP F 156 -7.93 -19.78 -11.43
N ASP F 157 -8.99 -19.24 -12.04
CA ASP F 157 -9.56 -19.85 -13.24
C ASP F 157 -9.25 -19.06 -14.53
N ARG F 158 -8.26 -18.18 -14.49
CA ARG F 158 -7.93 -17.37 -15.67
C ARG F 158 -7.22 -18.21 -16.69
N VAL F 159 -7.57 -18.00 -17.95
CA VAL F 159 -6.72 -18.45 -19.04
C VAL F 159 -6.28 -17.19 -19.74
N GLU F 160 -4.98 -16.89 -19.68
CA GLU F 160 -4.45 -15.70 -20.32
C GLU F 160 -4.01 -16.01 -21.75
N LYS F 161 -4.50 -15.21 -22.69
CA LYS F 161 -4.14 -15.38 -24.09
C LYS F 161 -3.74 -14.01 -24.68
N PRO F 162 -2.55 -13.50 -24.30
CA PRO F 162 -2.08 -12.21 -24.80
C PRO F 162 -1.97 -12.17 -26.33
N GLU F 163 -1.81 -13.35 -26.96
CA GLU F 163 -1.73 -13.47 -28.42
C GLU F 163 -3.12 -13.49 -29.09
N GLY F 164 -4.16 -13.66 -28.30
CA GLY F 164 -5.55 -13.59 -28.79
C GLY F 164 -6.09 -14.91 -29.31
N ILE F 165 -7.36 -15.20 -29.01
CA ILE F 165 -8.04 -16.37 -29.60
C ILE F 165 -9.44 -15.98 -29.99
N CYS F 166 -9.92 -16.61 -31.06
CA CYS F 166 -11.27 -16.42 -31.55
C CYS F 166 -12.34 -17.12 -30.75
N ALA F 167 -13.45 -16.42 -30.57
CA ALA F 167 -14.71 -17.08 -30.25
C ALA F 167 -15.08 -17.96 -31.45
N GLU F 168 -15.72 -19.08 -31.14
CA GLU F 168 -16.32 -19.92 -32.16
C GLU F 168 -17.77 -20.23 -31.77
N ALA F 169 -18.63 -20.28 -32.78
CA ALA F 169 -20.02 -20.64 -32.53
C ALA F 169 -20.22 -22.13 -32.74
N VAL F 170 -20.61 -22.83 -31.68
CA VAL F 170 -20.90 -24.28 -31.80
C VAL F 170 -22.40 -24.55 -31.97
N SER F 171 -23.19 -23.48 -31.81
CA SER F 171 -24.60 -23.44 -32.18
C SER F 171 -24.88 -22.14 -32.94
N PRO F 172 -24.48 -22.06 -34.22
CA PRO F 172 -24.69 -20.85 -35.03
C PRO F 172 -26.17 -20.51 -35.17
N GLU F 173 -27.02 -21.49 -34.90
CA GLU F 173 -28.45 -21.38 -35.11
C GLU F 173 -29.17 -20.79 -33.90
N HIS F 174 -28.55 -20.87 -32.72
CA HIS F 174 -29.18 -20.36 -31.49
C HIS F 174 -29.69 -18.95 -31.73
N PRO F 175 -30.96 -18.67 -31.33
CA PRO F 175 -31.61 -17.37 -31.52
C PRO F 175 -30.72 -16.19 -31.11
N VAL F 176 -29.95 -16.35 -30.04
CA VAL F 176 -29.09 -15.27 -29.54
C VAL F 176 -27.95 -14.91 -30.51
N VAL F 177 -27.42 -15.91 -31.21
CA VAL F 177 -26.27 -15.67 -32.08
C VAL F 177 -26.56 -15.79 -33.57
N ASN F 178 -27.78 -16.19 -33.91
CA ASN F 178 -28.14 -16.43 -35.33
C ASN F 178 -27.82 -15.23 -36.23
N GLY F 179 -27.05 -15.49 -37.28
CA GLY F 179 -26.68 -14.45 -38.27
C GLY F 179 -25.38 -13.70 -38.00
N PHE F 180 -24.78 -13.95 -36.84
CA PHE F 180 -23.47 -13.38 -36.51
C PHE F 180 -22.42 -14.02 -37.40
N SER F 181 -21.33 -13.31 -37.63
CA SER F 181 -20.19 -13.86 -38.38
C SER F 181 -18.93 -13.08 -38.05
N ASP F 182 -17.80 -13.54 -38.57
CA ASP F 182 -16.50 -12.85 -38.39
C ASP F 182 -16.18 -12.60 -36.89
N TYR F 183 -16.22 -13.67 -36.08
CA TYR F 183 -16.10 -13.53 -34.63
C TYR F 183 -14.79 -12.91 -34.15
N PRO F 184 -14.85 -12.06 -33.12
CA PRO F 184 -13.64 -11.35 -32.73
C PRO F 184 -12.69 -12.17 -31.86
N VAL F 185 -11.50 -11.62 -31.68
CA VAL F 185 -10.44 -12.20 -30.90
C VAL F 185 -10.54 -11.73 -29.45
N PHE F 186 -10.29 -12.63 -28.48
CA PHE F 186 -10.19 -12.22 -27.03
C PHE F 186 -8.81 -12.52 -26.47
N LEU F 187 -8.45 -11.82 -25.40
CA LEU F 187 -7.14 -12.04 -24.78
C LEU F 187 -7.18 -12.85 -23.50
N GLY F 188 -8.36 -13.32 -23.14
CA GLY F 188 -8.47 -14.28 -22.05
C GLY F 188 -9.91 -14.51 -21.66
N TYR F 189 -10.08 -15.43 -20.70
CA TYR F 189 -11.38 -15.84 -20.22
C TYR F 189 -11.21 -16.61 -18.91
N ASN F 190 -12.30 -16.72 -18.15
CA ASN F 190 -12.40 -17.68 -17.05
C ASN F 190 -12.78 -19.08 -17.56
N GLN F 191 -11.92 -20.07 -17.27
CA GLN F 191 -12.23 -21.46 -17.59
C GLN F 191 -13.25 -22.06 -16.60
N ALA F 192 -14.36 -22.56 -17.16
CA ALA F 192 -15.38 -23.29 -16.38
C ALA F 192 -15.95 -24.47 -17.20
N VAL F 193 -16.80 -25.28 -16.57
CA VAL F 193 -17.41 -26.43 -17.23
C VAL F 193 -18.91 -26.22 -17.25
N ALA F 194 -19.48 -26.20 -18.46
CA ALA F 194 -20.92 -26.09 -18.62
C ALA F 194 -21.58 -27.26 -17.89
N ARG F 195 -22.60 -26.95 -17.09
CA ARG F 195 -23.41 -27.99 -16.45
C ARG F 195 -24.05 -28.84 -17.54
N ASP F 196 -24.29 -30.11 -17.20
CA ASP F 196 -24.90 -31.14 -18.06
C ASP F 196 -26.18 -30.73 -18.76
N ASP F 197 -27.00 -29.99 -18.05
CA ASP F 197 -28.30 -29.55 -18.54
C ASP F 197 -28.30 -28.17 -19.16
N ALA F 198 -27.13 -27.58 -19.38
CA ALA F 198 -27.03 -26.22 -19.94
C ALA F 198 -26.71 -26.19 -21.43
N ASP F 199 -26.95 -25.05 -22.07
CA ASP F 199 -26.70 -24.93 -23.50
C ASP F 199 -25.46 -24.13 -23.80
N VAL F 200 -24.45 -24.78 -24.37
CA VAL F 200 -23.27 -24.08 -24.85
C VAL F 200 -23.55 -23.56 -26.26
N VAL F 201 -23.58 -22.23 -26.37
CA VAL F 201 -23.74 -21.53 -27.65
C VAL F 201 -22.40 -21.13 -28.30
N LEU F 202 -21.48 -20.59 -27.51
CA LEU F 202 -20.15 -20.23 -28.04
C LEU F 202 -19.03 -20.88 -27.24
N THR F 203 -17.91 -21.13 -27.91
CA THR F 203 -16.72 -21.64 -27.25
C THR F 203 -15.50 -20.74 -27.45
N ILE F 204 -14.50 -20.96 -26.62
CA ILE F 204 -13.25 -20.24 -26.72
C ILE F 204 -12.14 -21.19 -26.34
N ASN F 205 -11.23 -21.46 -27.27
CA ASN F 205 -10.15 -22.41 -27.03
C ASN F 205 -10.81 -23.74 -26.60
N ASN F 206 -11.93 -24.05 -27.24
CA ASN F 206 -12.77 -25.23 -26.97
C ASN F 206 -13.46 -25.28 -25.58
N ASP F 207 -13.17 -24.31 -24.72
CA ASP F 207 -13.88 -24.16 -23.44
C ASP F 207 -15.21 -23.40 -23.61
N PRO F 208 -16.13 -23.51 -22.64
CA PRO F 208 -17.34 -22.73 -22.86
C PRO F 208 -17.11 -21.22 -22.83
N LEU F 209 -17.76 -20.50 -23.76
CA LEU F 209 -17.73 -19.03 -23.77
C LEU F 209 -19.11 -18.41 -23.47
N LEU F 210 -20.14 -18.86 -24.17
CA LEU F 210 -21.50 -18.40 -23.92
C LEU F 210 -22.38 -19.60 -23.60
N VAL F 211 -22.99 -19.56 -22.41
CA VAL F 211 -23.77 -20.67 -21.86
C VAL F 211 -25.10 -20.14 -21.32
N PHE F 212 -26.18 -20.86 -21.60
CA PHE F 212 -27.50 -20.51 -21.08
C PHE F 212 -28.08 -21.64 -20.26
N GLY F 213 -28.92 -21.30 -19.28
CA GLY F 213 -29.51 -22.29 -18.40
C GLY F 213 -30.71 -21.80 -17.60
N GLU F 214 -31.15 -22.62 -16.65
CA GLU F 214 -32.38 -22.32 -15.91
C GLU F 214 -32.19 -22.54 -14.43
N TYR F 215 -32.86 -21.76 -13.61
CA TYR F 215 -32.84 -22.02 -12.19
C TYR F 215 -34.24 -21.78 -11.64
N GLN F 216 -34.99 -22.86 -11.53
CA GLN F 216 -36.43 -22.86 -11.27
C GLN F 216 -37.19 -22.00 -12.30
N GLN F 217 -37.80 -20.88 -11.92
CA GLN F 217 -38.55 -20.08 -12.92
C GLN F 217 -37.66 -19.12 -13.74
N GLY F 218 -36.41 -18.95 -13.33
CA GLY F 218 -35.51 -17.97 -13.97
C GLY F 218 -34.58 -18.58 -14.99
N LYS F 219 -34.14 -17.76 -15.95
CA LYS F 219 -33.19 -18.18 -16.97
C LYS F 219 -31.82 -17.56 -16.67
N THR F 220 -30.76 -18.29 -16.99
CA THR F 220 -29.41 -17.87 -16.56
C THR F 220 -28.46 -17.84 -17.75
N ALA F 221 -27.43 -17.01 -17.67
CA ALA F 221 -26.39 -16.98 -18.69
C ALA F 221 -25.03 -16.63 -18.09
N CYS F 222 -23.98 -17.18 -18.68
CA CYS F 222 -22.63 -16.82 -18.29
C CYS F 222 -21.88 -16.49 -19.56
N PHE F 223 -21.30 -15.29 -19.64
CA PHE F 223 -20.30 -14.99 -20.65
C PHE F 223 -18.93 -15.03 -19.99
N SER F 225 -15.64 -14.56 -20.98
CA SER F 225 -14.66 -13.54 -21.14
C SER F 225 -15.25 -12.20 -20.71
N ASP F 226 -14.53 -11.12 -20.98
CA ASP F 226 -14.90 -9.79 -20.51
C ASP F 226 -15.63 -9.01 -21.62
N CYS F 227 -16.49 -8.09 -21.21
CA CYS F 227 -17.16 -7.15 -22.12
C CYS F 227 -16.26 -5.95 -22.43
N SER F 228 -15.18 -5.82 -21.66
CA SER F 228 -14.28 -4.66 -21.68
C SER F 228 -12.83 -5.14 -21.78
N PRO F 229 -11.88 -4.21 -21.97
CA PRO F 229 -10.45 -4.58 -21.96
C PRO F 229 -9.92 -5.06 -20.57
N HIS F 230 -8.75 -5.72 -20.53
CA HIS F 230 -7.96 -6.04 -21.70
C HIS F 230 -8.45 -7.30 -22.42
N TRP F 231 -9.21 -8.16 -21.72
CA TRP F 231 -9.67 -9.43 -22.34
C TRP F 231 -10.64 -9.19 -23.50
N GLY F 232 -11.68 -8.37 -23.29
CA GLY F 232 -12.55 -7.95 -24.39
C GLY F 232 -11.82 -6.89 -25.20
N THR F 233 -11.31 -7.28 -26.37
CA THR F 233 -10.45 -6.44 -27.21
C THR F 233 -11.13 -5.21 -27.84
N GLN F 234 -10.33 -4.39 -28.53
CA GLN F 234 -10.88 -3.28 -29.34
C GLN F 234 -11.73 -3.88 -30.46
N GLN F 235 -11.18 -4.90 -31.12
CA GLN F 235 -11.88 -5.63 -32.16
C GLN F 235 -13.26 -6.17 -31.71
N PHE F 236 -13.33 -6.68 -30.49
CA PHE F 236 -14.59 -7.18 -29.96
C PHE F 236 -15.57 -6.04 -29.77
N SER F 238 -15.82 -3.07 -31.16
CA SER F 238 -16.27 -2.46 -32.40
C SER F 238 -16.70 -3.50 -33.46
N TRP F 239 -17.04 -4.71 -32.98
CA TRP F 239 -17.63 -5.77 -33.79
C TRP F 239 -19.08 -5.40 -34.13
N PRO F 240 -19.53 -5.63 -35.39
CA PRO F 240 -20.92 -5.36 -35.79
C PRO F 240 -21.96 -6.05 -34.90
N PHE F 241 -21.63 -7.24 -34.42
CA PHE F 241 -22.61 -7.97 -33.61
C PHE F 241 -22.52 -7.76 -32.09
N TYR F 242 -21.62 -6.86 -31.66
CA TYR F 242 -21.39 -6.59 -30.24
C TYR F 242 -22.66 -6.27 -29.44
N THR F 243 -23.43 -5.28 -29.91
CA THR F 243 -24.69 -4.87 -29.26
C THR F 243 -25.74 -5.99 -29.30
N ASP F 244 -25.91 -6.55 -30.50
CA ASP F 244 -26.81 -7.68 -30.73
C ASP F 244 -26.51 -8.79 -29.72
N LEU F 245 -25.22 -9.17 -29.62
CA LEU F 245 -24.79 -10.21 -28.70
C LEU F 245 -25.40 -10.00 -27.32
N TRP F 246 -25.15 -8.81 -26.77
CA TRP F 246 -25.47 -8.46 -25.41
C TRP F 246 -26.97 -8.20 -25.22
N VAL F 247 -27.58 -7.46 -26.15
CA VAL F 247 -29.05 -7.25 -26.17
C VAL F 247 -29.82 -8.58 -26.32
N ASN F 248 -29.44 -9.38 -27.30
CA ASN F 248 -30.08 -10.69 -27.52
C ASN F 248 -30.03 -11.57 -26.29
N THR F 249 -28.88 -11.59 -25.59
CA THR F 249 -28.75 -12.44 -24.37
C THR F 249 -29.56 -11.93 -23.17
N LEU F 250 -29.68 -10.61 -23.03
CA LEU F 250 -30.55 -10.07 -21.98
C LEU F 250 -31.99 -10.41 -22.32
N GLN F 251 -32.32 -10.22 -23.60
CA GLN F 251 -33.65 -10.52 -24.11
C GLN F 251 -33.99 -12.01 -23.94
N PHE F 252 -33.02 -12.88 -24.20
CA PHE F 252 -33.23 -14.32 -24.12
C PHE F 252 -33.55 -14.82 -22.70
N ILE F 253 -32.94 -14.22 -21.69
CA ILE F 253 -33.10 -14.66 -20.29
C ILE F 253 -34.02 -13.79 -19.44
N ALA F 254 -34.60 -12.77 -20.07
CA ALA F 254 -35.49 -11.80 -19.39
C ALA F 254 -36.73 -12.45 -18.79
N ARG F 255 -37.23 -11.87 -17.72
CA ARG F 255 -38.52 -12.25 -17.14
C ARG F 255 -39.58 -12.38 -18.25
N LYS F 256 -40.32 -13.51 -18.21
CA LYS F 256 -41.37 -13.81 -19.19
C LYS F 256 -42.72 -13.33 -18.67
#